data_8W52
#
_entry.id   8W52
#
_cell.length_a   123.780
_cell.length_b   123.780
_cell.length_c   108.770
_cell.angle_alpha   90.000
_cell.angle_beta   90.000
_cell.angle_gamma   90.000
#
_symmetry.space_group_name_H-M   'P 2 2 21'
#
loop_
_entity.id
_entity.type
_entity.pdbx_description
1 polymer 'Gag polyprotein'
2 non-polymer 'SULFATE ION'
3 water water
#
_entity_poly.entity_id   1
_entity_poly.type   'polypeptide(L)'
_entity_poly.pdbx_seq_one_letter_code
;MGARNSVLRGKKADELEKVRLRPGGKKKYRLKHIVWAANELDKFGLAESLLESKEGCQKILRVLDPLVPTGSENLKSLFN
TVCVIWCLHAEEKVKDTEEAKKLAQRHLVAETGTAEKMPNTSRPTAPPSGKRGNY
;
_entity_poly.pdbx_strand_id   A,B,C,D,E,F,G,H,I,J,K,L,M,N,O,P
#
# COMPACT_ATOMS: atom_id res chain seq x y z
N ALA A 3 22.03 -7.10 -9.39
CA ALA A 3 22.14 -5.77 -9.96
C ALA A 3 21.31 -4.77 -9.17
N ARG A 4 21.75 -3.50 -9.19
CA ARG A 4 21.03 -2.45 -8.47
C ARG A 4 19.60 -2.31 -8.96
N ASN A 5 19.36 -2.55 -10.25
CA ASN A 5 18.01 -2.45 -10.79
C ASN A 5 17.07 -3.47 -10.16
N SER A 6 17.60 -4.59 -9.68
CA SER A 6 16.76 -5.64 -9.12
C SER A 6 16.27 -5.28 -7.72
N VAL A 7 17.11 -4.63 -6.91
CA VAL A 7 16.76 -4.30 -5.53
C VAL A 7 15.77 -3.13 -5.53
N LEU A 8 16.28 -1.93 -5.79
CA LEU A 8 15.46 -0.72 -5.84
C LEU A 8 15.51 -0.14 -7.25
N ARG A 9 14.35 0.28 -7.75
CA ARG A 9 14.27 0.79 -9.11
C ARG A 9 13.08 1.72 -9.22
N GLY A 10 13.14 2.59 -10.23
CA GLY A 10 12.03 3.49 -10.49
C GLY A 10 11.88 4.54 -9.40
N LYS A 11 10.64 4.72 -8.93
CA LYS A 11 10.38 5.72 -7.89
C LYS A 11 11.04 5.35 -6.57
N LYS A 12 11.23 4.05 -6.31
CA LYS A 12 11.86 3.65 -5.07
C LYS A 12 13.32 4.08 -5.00
N ALA A 13 13.99 4.18 -6.13
CA ALA A 13 15.35 4.69 -6.14
C ALA A 13 15.38 6.19 -5.88
N ASP A 14 14.45 6.93 -6.48
CA ASP A 14 14.37 8.36 -6.22
C ASP A 14 13.99 8.63 -4.76
N GLU A 15 13.08 7.82 -4.21
CA GLU A 15 12.72 7.96 -2.80
C GLU A 15 13.91 7.68 -1.90
N LEU A 16 14.78 6.76 -2.29
CA LEU A 16 15.96 6.45 -1.48
C LEU A 16 16.88 7.65 -1.35
N GLU A 17 17.13 8.35 -2.47
CA GLU A 17 18.04 9.48 -2.47
C GLU A 17 17.46 10.72 -1.79
N LYS A 18 16.27 10.63 -1.22
CA LYS A 18 15.74 11.66 -0.34
C LYS A 18 15.92 11.32 1.12
N VAL A 19 16.54 10.18 1.43
CA VAL A 19 16.78 9.73 2.80
C VAL A 19 18.19 10.12 3.19
N ARG A 20 18.33 10.78 4.33
CA ARG A 20 19.62 11.29 4.77
C ARG A 20 20.41 10.20 5.50
N LEU A 21 21.73 10.23 5.33
CA LEU A 21 22.60 9.25 5.99
C LEU A 21 22.50 9.35 7.50
N ARG A 22 22.25 10.54 8.02
CA ARG A 22 22.12 10.79 9.45
C ARG A 22 20.94 11.73 9.67
N PRO A 23 20.35 11.71 10.87
CA PRO A 23 19.11 12.48 11.12
C PRO A 23 19.10 13.90 10.59
N GLY A 24 20.06 14.72 11.00
CA GLY A 24 20.05 16.12 10.61
C GLY A 24 21.01 16.48 9.50
N GLY A 25 21.82 15.51 9.08
CA GLY A 25 22.84 15.78 8.08
C GLY A 25 22.27 16.10 6.72
N LYS A 26 23.17 16.53 5.82
CA LYS A 26 22.80 16.83 4.45
C LYS A 26 23.25 15.77 3.46
N LYS A 27 24.25 14.96 3.83
CA LYS A 27 24.62 13.82 3.00
C LYS A 27 23.48 12.82 2.94
N LYS A 28 23.12 12.40 1.74
CA LYS A 28 21.97 11.53 1.52
C LYS A 28 22.41 10.22 0.88
N TYR A 29 21.49 9.27 0.86
CA TYR A 29 21.76 7.96 0.29
C TYR A 29 21.83 8.03 -1.24
N ARG A 30 22.63 7.14 -1.82
CA ARG A 30 22.80 7.08 -3.27
C ARG A 30 22.79 5.61 -3.70
N LEU A 31 22.87 5.40 -5.02
CA LEU A 31 22.77 4.04 -5.56
C LEU A 31 23.91 3.16 -5.09
N LYS A 32 25.05 3.74 -4.72
CA LYS A 32 26.18 2.94 -4.30
C LYS A 32 25.90 2.23 -2.97
N HIS A 33 25.01 2.80 -2.14
CA HIS A 33 24.66 2.14 -0.89
C HIS A 33 23.92 0.84 -1.14
N ILE A 34 23.11 0.79 -2.20
CA ILE A 34 22.34 -0.42 -2.49
C ILE A 34 23.25 -1.57 -2.85
N VAL A 35 24.23 -1.32 -3.73
CA VAL A 35 25.14 -2.37 -4.16
C VAL A 35 26.02 -2.83 -3.00
N TRP A 36 26.45 -1.89 -2.15
CA TRP A 36 27.32 -2.25 -1.03
C TRP A 36 26.63 -3.22 -0.08
N ALA A 37 25.38 -2.94 0.26
CA ALA A 37 24.63 -3.83 1.15
C ALA A 37 24.45 -5.21 0.53
N ALA A 38 24.28 -5.27 -0.79
CA ALA A 38 24.15 -6.57 -1.46
C ALA A 38 25.46 -7.35 -1.38
N ASN A 39 26.59 -6.70 -1.63
CA ASN A 39 27.87 -7.36 -1.50
C ASN A 39 28.21 -7.63 -0.03
N GLU A 40 27.67 -6.84 0.89
CA GLU A 40 27.82 -7.13 2.30
C GLU A 40 27.16 -8.45 2.67
N LEU A 41 25.95 -8.68 2.16
CA LEU A 41 25.25 -9.94 2.41
C LEU A 41 26.01 -11.10 1.79
N ASP A 42 26.56 -10.91 0.58
CA ASP A 42 27.29 -11.97 -0.09
C ASP A 42 28.55 -12.37 0.67
N LYS A 43 29.08 -11.48 1.52
CA LYS A 43 30.27 -11.81 2.29
C LYS A 43 29.98 -12.84 3.38
N PHE A 44 28.74 -12.86 3.89
CA PHE A 44 28.36 -13.75 4.98
C PHE A 44 27.43 -14.86 4.52
N GLY A 45 27.45 -15.20 3.23
CA GLY A 45 26.64 -16.27 2.70
C GLY A 45 25.16 -15.98 2.61
N LEU A 46 24.72 -14.77 2.94
CA LEU A 46 23.30 -14.42 2.86
C LEU A 46 22.94 -14.01 1.44
N ALA A 47 21.76 -14.45 0.99
CA ALA A 47 21.33 -14.16 -0.37
C ALA A 47 21.00 -12.68 -0.54
N GLU A 48 21.47 -12.11 -1.65
CA GLU A 48 21.17 -10.71 -1.95
C GLU A 48 19.70 -10.50 -2.24
N SER A 49 19.02 -11.53 -2.77
CA SER A 49 17.63 -11.40 -3.19
C SER A 49 16.68 -11.04 -2.06
N LEU A 50 17.11 -11.14 -0.81
CA LEU A 50 16.25 -10.74 0.30
C LEU A 50 16.05 -9.22 0.32
N LEU A 51 16.99 -8.46 -0.25
CA LEU A 51 16.81 -7.01 -0.32
C LEU A 51 15.62 -6.63 -1.17
N GLU A 52 15.22 -7.49 -2.10
CA GLU A 52 14.18 -7.18 -3.08
C GLU A 52 12.78 -7.23 -2.51
N SER A 53 12.61 -7.57 -1.24
CA SER A 53 11.28 -7.64 -0.64
C SER A 53 11.33 -7.11 0.79
N LYS A 54 10.21 -6.56 1.24
CA LYS A 54 10.10 -6.13 2.63
C LYS A 54 10.18 -7.32 3.58
N GLU A 55 9.75 -8.50 3.12
CA GLU A 55 9.86 -9.70 3.94
C GLU A 55 11.30 -10.20 3.97
N GLY A 56 11.95 -10.24 2.80
CA GLY A 56 13.35 -10.63 2.78
C GLY A 56 14.24 -9.68 3.55
N CYS A 57 13.96 -8.38 3.47
CA CYS A 57 14.66 -7.42 4.30
C CYS A 57 14.40 -7.68 5.78
N GLN A 58 13.15 -7.97 6.13
CA GLN A 58 12.84 -8.35 7.51
C GLN A 58 13.55 -9.63 7.91
N LYS A 59 13.76 -10.54 6.95
CA LYS A 59 14.52 -11.76 7.23
C LYS A 59 15.99 -11.43 7.45
N ILE A 60 16.53 -10.45 6.71
CA ILE A 60 17.90 -10.01 6.93
C ILE A 60 18.05 -9.43 8.33
N LEU A 61 17.10 -8.57 8.73
CA LEU A 61 17.20 -7.89 10.01
C LEU A 61 17.13 -8.87 11.17
N ARG A 62 16.25 -9.87 11.08
CA ARG A 62 16.13 -10.86 12.14
C ARG A 62 17.42 -11.65 12.32
N VAL A 63 18.19 -11.83 11.24
CA VAL A 63 19.43 -12.59 11.33
C VAL A 63 20.56 -11.71 11.87
N LEU A 64 20.66 -10.46 11.39
CA LEU A 64 21.77 -9.60 11.80
C LEU A 64 21.60 -9.06 13.21
N ASP A 65 20.37 -9.04 13.75
CA ASP A 65 20.15 -8.39 15.04
C ASP A 65 20.90 -9.06 16.20
N PRO A 66 20.95 -10.38 16.34
CA PRO A 66 21.77 -10.97 17.41
C PRO A 66 23.26 -10.68 17.28
N LEU A 67 23.69 -10.05 16.18
CA LEU A 67 25.10 -9.72 15.98
C LEU A 67 25.39 -8.23 16.08
N VAL A 68 24.36 -7.39 16.22
CA VAL A 68 24.59 -5.95 16.28
C VAL A 68 25.38 -5.53 17.51
N PRO A 69 25.13 -6.06 18.73
CA PRO A 69 25.91 -5.60 19.90
C PRO A 69 27.41 -5.64 19.71
N THR A 70 27.94 -6.70 19.09
CA THR A 70 29.36 -6.80 18.81
C THR A 70 29.69 -6.44 17.36
N GLY A 71 28.77 -5.80 16.65
CA GLY A 71 28.94 -5.58 15.23
C GLY A 71 29.96 -4.50 14.92
N SER A 72 30.56 -4.63 13.73
CA SER A 72 31.53 -3.66 13.25
C SER A 72 30.78 -2.45 12.69
N GLU A 73 31.52 -1.55 12.03
CA GLU A 73 30.86 -0.42 11.37
C GLU A 73 30.11 -0.87 10.13
N ASN A 74 30.67 -1.82 9.37
CA ASN A 74 29.97 -2.35 8.21
C ASN A 74 28.69 -3.06 8.61
N LEU A 75 28.73 -3.84 9.69
CA LEU A 75 27.55 -4.56 10.15
C LEU A 75 26.49 -3.59 10.67
N LYS A 76 26.86 -2.72 11.59
CA LYS A 76 25.91 -1.77 12.17
C LYS A 76 25.30 -0.85 11.12
N SER A 77 26.00 -0.63 10.00
CA SER A 77 25.48 0.23 8.95
C SER A 77 24.74 -0.55 7.86
N LEU A 78 25.18 -1.77 7.55
CA LEU A 78 24.38 -2.64 6.69
C LEU A 78 23.00 -2.86 7.28
N PHE A 79 22.93 -3.02 8.60
CA PHE A 79 21.65 -3.09 9.29
C PHE A 79 20.82 -1.84 9.02
N ASN A 80 21.45 -0.66 9.07
CA ASN A 80 20.73 0.58 8.83
C ASN A 80 20.31 0.71 7.37
N THR A 81 21.16 0.25 6.45
CA THR A 81 20.81 0.30 5.03
C THR A 81 19.62 -0.59 4.73
N VAL A 82 19.60 -1.80 5.30
CA VAL A 82 18.46 -2.70 5.09
C VAL A 82 17.19 -2.10 5.67
N CYS A 83 17.29 -1.43 6.82
CA CYS A 83 16.14 -0.76 7.39
C CYS A 83 15.60 0.31 6.45
N VAL A 84 16.49 1.07 5.80
CA VAL A 84 16.06 2.05 4.82
C VAL A 84 15.36 1.38 3.66
N ILE A 85 15.91 0.24 3.19
CA ILE A 85 15.30 -0.47 2.07
C ILE A 85 13.93 -1.01 2.47
N TRP A 86 13.78 -1.46 3.72
CA TRP A 86 12.48 -1.97 4.16
C TRP A 86 11.43 -0.87 4.13
N CYS A 87 11.78 0.34 4.58
CA CYS A 87 10.83 1.44 4.58
C CYS A 87 10.40 1.80 3.17
N LEU A 88 11.28 1.59 2.18
CA LEU A 88 10.92 1.86 0.79
C LEU A 88 10.09 0.74 0.18
N HIS A 89 10.33 -0.51 0.59
CA HIS A 89 9.46 -1.60 0.15
C HIS A 89 8.10 -1.51 0.82
N ALA A 90 8.07 -1.15 2.10
CA ALA A 90 6.82 -0.89 2.80
C ALA A 90 6.24 0.48 2.47
N GLU A 91 7.00 1.31 1.75
CA GLU A 91 6.55 2.64 1.31
C GLU A 91 6.19 3.53 2.50
N GLU A 92 7.08 3.55 3.49
CA GLU A 92 6.94 4.40 4.66
C GLU A 92 7.93 5.56 4.53
N LYS A 93 7.39 6.78 4.49
CA LYS A 93 8.22 7.97 4.27
C LYS A 93 9.10 8.23 5.47
N VAL A 94 10.39 7.95 5.34
CA VAL A 94 11.38 8.25 6.37
C VAL A 94 12.31 9.33 5.83
N LYS A 95 12.73 10.23 6.71
CA LYS A 95 13.59 11.34 6.33
C LYS A 95 15.07 11.08 6.60
N ASP A 96 15.40 10.00 7.30
CA ASP A 96 16.79 9.74 7.67
C ASP A 96 16.93 8.29 8.09
N THR A 97 18.19 7.90 8.34
CA THR A 97 18.47 6.53 8.76
C THR A 97 17.82 6.21 10.11
N GLU A 98 17.91 7.14 11.07
CA GLU A 98 17.31 6.90 12.38
C GLU A 98 15.80 6.74 12.29
N GLU A 99 15.15 7.42 11.33
CA GLU A 99 13.73 7.22 11.13
C GLU A 99 13.43 5.84 10.55
N ALA A 100 14.33 5.35 9.69
CA ALA A 100 14.16 4.00 9.15
C ALA A 100 14.36 2.95 10.25
N LYS A 101 15.36 3.14 11.10
CA LYS A 101 15.58 2.22 12.21
C LYS A 101 14.39 2.21 13.16
N LYS A 102 13.77 3.36 13.36
CA LYS A 102 12.59 3.43 14.25
C LYS A 102 11.44 2.63 13.68
N LEU A 103 11.20 2.73 12.37
CA LEU A 103 10.05 2.06 11.77
C LEU A 103 10.34 0.58 11.50
N ALA A 104 11.57 0.26 11.09
CA ALA A 104 11.91 -1.13 10.78
C ALA A 104 12.04 -1.97 12.05
N GLN A 105 12.64 -1.41 13.10
CA GLN A 105 12.75 -2.17 14.35
C GLN A 105 11.42 -2.23 15.08
N ARG A 106 10.55 -1.24 14.88
CA ARG A 106 9.19 -1.34 15.39
C ARG A 106 8.50 -2.58 14.84
N HIS A 107 8.71 -2.88 13.56
CA HIS A 107 8.20 -4.12 12.98
C HIS A 107 8.95 -5.33 13.54
N LEU A 108 10.25 -5.16 13.79
CA LEU A 108 11.05 -6.28 14.30
C LEU A 108 10.65 -6.64 15.72
N VAL A 109 10.42 -5.64 16.58
CA VAL A 109 9.93 -5.88 17.93
C VAL A 109 8.57 -6.57 17.88
N ALA A 110 7.68 -6.07 17.03
CA ALA A 110 6.30 -6.55 17.02
C ALA A 110 6.20 -7.99 16.56
N GLU A 111 6.93 -8.35 15.51
CA GLU A 111 6.87 -9.71 14.97
C GLU A 111 7.70 -10.71 15.76
N THR A 112 8.47 -10.24 16.75
CA THR A 112 9.24 -11.16 17.59
C THR A 112 8.31 -11.96 18.48
N GLY A 113 8.42 -13.29 18.42
CA GLY A 113 7.60 -14.17 19.22
C GLY A 113 6.55 -14.91 18.40
N ALA B 3 12.00 -22.62 -0.80
CA ALA B 3 11.03 -22.84 0.27
C ALA B 3 9.77 -22.00 0.03
N ARG B 4 8.61 -22.60 0.26
CA ARG B 4 7.34 -21.91 0.04
C ARG B 4 7.22 -20.68 0.94
N ASN B 5 7.75 -20.77 2.16
CA ASN B 5 7.63 -19.66 3.11
C ASN B 5 8.36 -18.41 2.61
N SER B 6 9.40 -18.59 1.79
CA SER B 6 10.19 -17.45 1.36
C SER B 6 9.42 -16.53 0.43
N VAL B 7 8.64 -17.10 -0.50
CA VAL B 7 7.92 -16.31 -1.49
C VAL B 7 6.68 -15.70 -0.85
N LEU B 8 5.65 -16.52 -0.61
CA LEU B 8 4.38 -16.06 -0.07
C LEU B 8 4.22 -16.60 1.33
N ARG B 9 3.99 -15.70 2.30
CA ARG B 9 3.86 -16.09 3.69
C ARG B 9 2.77 -15.27 4.36
N GLY B 10 2.17 -15.86 5.39
CA GLY B 10 1.21 -15.14 6.20
C GLY B 10 -0.06 -14.81 5.43
N LYS B 11 -0.49 -13.55 5.53
CA LYS B 11 -1.73 -13.13 4.90
C LYS B 11 -1.65 -13.20 3.38
N LYS B 12 -0.46 -13.08 2.81
CA LYS B 12 -0.32 -13.21 1.36
C LYS B 12 -0.66 -14.62 0.91
N ALA B 13 -0.33 -15.63 1.72
CA ALA B 13 -0.70 -17.00 1.39
C ALA B 13 -2.20 -17.21 1.54
N ASP B 14 -2.80 -16.64 2.58
CA ASP B 14 -4.25 -16.75 2.76
C ASP B 14 -5.00 -16.02 1.65
N GLU B 15 -4.52 -14.83 1.28
CA GLU B 15 -5.16 -14.10 0.19
C GLU B 15 -5.02 -14.83 -1.13
N LEU B 16 -3.97 -15.65 -1.27
CA LEU B 16 -3.82 -16.47 -2.47
C LEU B 16 -4.91 -17.54 -2.54
N GLU B 17 -5.18 -18.21 -1.42
CA GLU B 17 -6.11 -19.33 -1.39
C GLU B 17 -7.56 -18.91 -1.52
N LYS B 18 -7.84 -17.61 -1.72
CA LYS B 18 -9.17 -17.14 -2.03
C LYS B 18 -9.33 -16.79 -3.50
N VAL B 19 -8.29 -16.98 -4.31
CA VAL B 19 -8.31 -16.67 -5.73
C VAL B 19 -8.70 -17.93 -6.49
N ARG B 20 -9.78 -17.85 -7.26
CA ARG B 20 -10.23 -18.99 -8.05
C ARG B 20 -9.22 -19.33 -9.15
N LEU B 21 -9.09 -20.62 -9.44
CA LEU B 21 -8.25 -21.04 -10.56
C LEU B 21 -8.86 -20.62 -11.89
N ARG B 22 -10.18 -20.51 -11.95
CA ARG B 22 -10.91 -20.13 -13.16
C ARG B 22 -12.00 -19.13 -12.77
N PRO B 23 -12.40 -18.25 -13.71
CA PRO B 23 -13.27 -17.12 -13.35
C PRO B 23 -14.50 -17.47 -12.52
N GLY B 24 -15.06 -18.67 -12.67
CA GLY B 24 -16.25 -19.02 -11.92
C GLY B 24 -16.10 -20.29 -11.09
N GLY B 25 -14.96 -20.96 -11.23
CA GLY B 25 -14.79 -22.25 -10.60
C GLY B 25 -14.66 -22.16 -9.09
N LYS B 26 -14.86 -23.31 -8.44
CA LYS B 26 -14.69 -23.43 -7.01
C LYS B 26 -13.30 -23.91 -6.61
N LYS B 27 -12.56 -24.51 -7.54
CA LYS B 27 -11.17 -24.87 -7.28
C LYS B 27 -10.35 -23.58 -7.16
N LYS B 28 -9.72 -23.39 -6.02
CA LYS B 28 -8.93 -22.20 -5.75
C LYS B 28 -7.45 -22.55 -5.66
N TYR B 29 -6.62 -21.51 -5.72
CA TYR B 29 -5.19 -21.70 -5.61
C TYR B 29 -4.82 -22.20 -4.21
N ARG B 30 -3.84 -23.10 -4.15
CA ARG B 30 -3.36 -23.65 -2.89
C ARG B 30 -1.85 -23.49 -2.83
N LEU B 31 -1.26 -23.97 -1.73
CA LEU B 31 0.18 -23.81 -1.51
C LEU B 31 1.03 -24.58 -2.51
N LYS B 32 0.50 -25.65 -3.10
CA LYS B 32 1.28 -26.42 -4.07
C LYS B 32 1.49 -25.67 -5.37
N HIS B 33 0.64 -24.69 -5.68
CA HIS B 33 0.85 -23.88 -6.87
C HIS B 33 2.07 -22.98 -6.73
N ILE B 34 2.35 -22.51 -5.51
CA ILE B 34 3.51 -21.66 -5.28
C ILE B 34 4.80 -22.43 -5.56
N VAL B 35 4.89 -23.66 -5.05
CA VAL B 35 6.09 -24.46 -5.25
C VAL B 35 6.22 -24.88 -6.71
N TRP B 36 5.10 -25.21 -7.36
CA TRP B 36 5.14 -25.62 -8.77
C TRP B 36 5.69 -24.51 -9.65
N ALA B 37 5.22 -23.27 -9.44
CA ALA B 37 5.69 -22.16 -10.26
C ALA B 37 7.17 -21.88 -10.00
N ALA B 38 7.63 -22.06 -8.77
CA ALA B 38 9.03 -21.82 -8.46
C ALA B 38 9.93 -22.83 -9.17
N ASN B 39 9.56 -24.12 -9.14
CA ASN B 39 10.32 -25.13 -9.85
C ASN B 39 10.13 -25.04 -11.35
N GLU B 40 9.02 -24.47 -11.81
CA GLU B 40 8.86 -24.21 -13.24
C GLU B 40 9.89 -23.21 -13.73
N LEU B 41 10.15 -22.17 -12.94
CA LEU B 41 11.16 -21.19 -13.32
C LEU B 41 12.55 -21.81 -13.32
N ASP B 42 12.81 -22.73 -12.38
CA ASP B 42 14.14 -23.33 -12.27
C ASP B 42 14.51 -24.13 -13.50
N LYS B 43 13.52 -24.67 -14.22
CA LYS B 43 13.81 -25.42 -15.42
C LYS B 43 14.35 -24.52 -16.53
N PHE B 44 13.85 -23.29 -16.60
CA PHE B 44 14.22 -22.35 -17.66
C PHE B 44 15.34 -21.41 -17.25
N GLY B 45 16.04 -21.72 -16.15
CA GLY B 45 17.17 -20.92 -15.70
C GLY B 45 16.80 -19.63 -14.99
N LEU B 46 15.52 -19.35 -14.80
CA LEU B 46 15.10 -18.13 -14.12
C LEU B 46 15.17 -18.32 -12.61
N ALA B 47 15.62 -17.28 -11.92
CA ALA B 47 15.77 -17.34 -10.47
C ALA B 47 14.41 -17.43 -9.80
N GLU B 48 14.30 -18.31 -8.80
CA GLU B 48 13.06 -18.44 -8.04
C GLU B 48 12.72 -17.15 -7.28
N SER B 49 13.74 -16.42 -6.85
CA SER B 49 13.55 -15.24 -6.01
C SER B 49 12.80 -14.11 -6.70
N LEU B 50 12.62 -14.18 -8.02
CA LEU B 50 11.84 -13.16 -8.71
C LEU B 50 10.37 -13.20 -8.28
N LEU B 51 9.89 -14.34 -7.76
CA LEU B 51 8.54 -14.40 -7.23
C LEU B 51 8.39 -13.60 -5.94
N GLU B 52 9.49 -13.27 -5.27
CA GLU B 52 9.43 -12.62 -3.97
C GLU B 52 8.98 -11.17 -4.03
N SER B 53 8.95 -10.55 -5.21
CA SER B 53 8.57 -9.15 -5.35
C SER B 53 7.76 -8.97 -6.61
N LYS B 54 6.90 -7.94 -6.61
CA LYS B 54 6.10 -7.64 -7.79
C LYS B 54 6.95 -7.13 -8.94
N GLU B 55 8.13 -6.56 -8.65
CA GLU B 55 9.04 -6.17 -9.72
C GLU B 55 9.70 -7.39 -10.34
N GLY B 56 10.09 -8.38 -9.52
CA GLY B 56 10.62 -9.61 -10.07
C GLY B 56 9.57 -10.41 -10.81
N CYS B 57 8.33 -10.40 -10.31
CA CYS B 57 7.24 -11.05 -11.03
C CYS B 57 6.98 -10.37 -12.37
N GLN B 58 6.99 -9.04 -12.39
CA GLN B 58 6.88 -8.31 -13.65
C GLN B 58 8.05 -8.62 -14.57
N LYS B 59 9.23 -8.82 -14.02
CA LYS B 59 10.39 -9.20 -14.85
C LYS B 59 10.18 -10.61 -15.41
N ILE B 60 9.62 -11.51 -14.62
CA ILE B 60 9.28 -12.83 -15.14
C ILE B 60 8.32 -12.70 -16.31
N LEU B 61 7.30 -11.85 -16.15
CA LEU B 61 6.26 -11.73 -17.17
C LEU B 61 6.82 -11.14 -18.46
N ARG B 62 7.74 -10.18 -18.35
CA ARG B 62 8.35 -9.61 -19.56
C ARG B 62 9.11 -10.67 -20.34
N VAL B 63 9.75 -11.61 -19.64
CA VAL B 63 10.52 -12.64 -20.32
C VAL B 63 9.59 -13.69 -20.93
N LEU B 64 8.55 -14.09 -20.19
CA LEU B 64 7.66 -15.14 -20.66
C LEU B 64 6.71 -14.67 -21.76
N ASP B 65 6.43 -13.37 -21.84
CA ASP B 65 5.42 -12.88 -22.77
C ASP B 65 5.72 -13.21 -24.23
N PRO B 66 6.95 -13.05 -24.75
CA PRO B 66 7.22 -13.49 -26.13
C PRO B 66 7.09 -14.98 -26.35
N LEU B 67 6.95 -15.78 -25.28
CA LEU B 67 6.90 -17.24 -25.40
C LEU B 67 5.49 -17.80 -25.27
N VAL B 68 4.51 -16.99 -24.90
CA VAL B 68 3.14 -17.47 -24.67
C VAL B 68 2.45 -17.96 -25.94
N PRO B 69 2.53 -17.23 -27.08
CA PRO B 69 1.80 -17.69 -28.27
C PRO B 69 2.07 -19.13 -28.68
N THR B 70 3.28 -19.64 -28.46
CA THR B 70 3.62 -21.02 -28.77
C THR B 70 3.88 -21.84 -27.51
N GLY B 71 3.31 -21.42 -26.39
CA GLY B 71 3.62 -22.03 -25.11
C GLY B 71 2.75 -23.23 -24.77
N SER B 72 3.30 -24.09 -23.92
CA SER B 72 2.60 -25.28 -23.46
C SER B 72 1.50 -24.89 -22.47
N GLU B 73 0.98 -25.88 -21.74
CA GLU B 73 0.05 -25.57 -20.66
C GLU B 73 0.79 -25.15 -19.40
N ASN B 74 1.95 -25.78 -19.13
CA ASN B 74 2.75 -25.38 -17.99
C ASN B 74 3.27 -23.96 -18.14
N LEU B 75 3.59 -23.56 -19.37
CA LEU B 75 4.01 -22.19 -19.62
C LEU B 75 2.90 -21.21 -19.28
N LYS B 76 1.70 -21.43 -19.83
CA LYS B 76 0.59 -20.53 -19.54
C LYS B 76 0.18 -20.61 -18.09
N SER B 77 0.19 -21.81 -17.50
CA SER B 77 -0.12 -21.93 -16.08
C SER B 77 0.91 -21.16 -15.23
N LEU B 78 2.18 -21.23 -15.61
CA LEU B 78 3.19 -20.43 -14.92
C LEU B 78 2.94 -18.94 -15.09
N PHE B 79 2.58 -18.52 -16.30
CA PHE B 79 2.27 -17.12 -16.55
C PHE B 79 1.09 -16.67 -15.69
N ASN B 80 0.02 -17.46 -15.67
CA ASN B 80 -1.15 -17.09 -14.87
C ASN B 80 -0.84 -17.11 -13.39
N THR B 81 -0.02 -18.06 -12.93
CA THR B 81 0.33 -18.12 -11.52
C THR B 81 1.18 -16.93 -11.11
N VAL B 82 2.15 -16.54 -11.95
CA VAL B 82 2.97 -15.37 -11.66
C VAL B 82 2.11 -14.11 -11.65
N CYS B 83 1.12 -14.05 -12.54
CA CYS B 83 0.19 -12.92 -12.52
C CYS B 83 -0.57 -12.86 -11.21
N VAL B 84 -0.97 -14.02 -10.67
CA VAL B 84 -1.66 -14.05 -9.39
C VAL B 84 -0.74 -13.55 -8.28
N ILE B 85 0.52 -13.99 -8.29
CA ILE B 85 1.47 -13.58 -7.26
C ILE B 85 1.71 -12.07 -7.33
N TRP B 86 1.75 -11.52 -8.54
CA TRP B 86 1.93 -10.07 -8.68
C TRP B 86 0.79 -9.31 -8.02
N CYS B 87 -0.46 -9.75 -8.26
CA CYS B 87 -1.61 -9.11 -7.64
C CYS B 87 -1.59 -9.21 -6.13
N LEU B 88 -0.90 -10.20 -5.58
CA LEU B 88 -0.78 -10.32 -4.13
C LEU B 88 0.35 -9.45 -3.59
N HIS B 89 1.45 -9.35 -4.34
CA HIS B 89 2.52 -8.43 -3.96
C HIS B 89 2.09 -6.97 -4.10
N ALA B 90 1.17 -6.70 -5.04
CA ALA B 90 0.66 -5.35 -5.25
C ALA B 90 -0.61 -5.07 -4.45
N GLU B 91 -1.05 -6.00 -3.62
CA GLU B 91 -2.23 -5.84 -2.77
C GLU B 91 -3.47 -5.52 -3.60
N GLU B 92 -3.64 -6.23 -4.72
CA GLU B 92 -4.81 -6.09 -5.57
C GLU B 92 -5.72 -7.29 -5.36
N LYS B 93 -7.00 -7.01 -5.08
CA LYS B 93 -7.98 -8.05 -4.75
C LYS B 93 -8.58 -8.57 -6.05
N VAL B 94 -8.08 -9.73 -6.49
CA VAL B 94 -8.62 -10.41 -7.67
C VAL B 94 -9.35 -11.66 -7.21
N LYS B 95 -10.45 -11.98 -7.90
CA LYS B 95 -11.24 -13.15 -7.56
C LYS B 95 -10.75 -14.43 -8.24
N ASP B 96 -10.04 -14.31 -9.36
CA ASP B 96 -9.70 -15.48 -10.15
C ASP B 96 -8.44 -15.18 -10.98
N THR B 97 -8.02 -16.19 -11.75
CA THR B 97 -6.85 -16.04 -12.60
C THR B 97 -7.06 -14.95 -13.65
N GLU B 98 -8.25 -14.92 -14.26
CA GLU B 98 -8.49 -13.95 -15.33
C GLU B 98 -8.44 -12.52 -14.81
N GLU B 99 -8.91 -12.28 -13.58
CA GLU B 99 -8.76 -10.96 -13.00
C GLU B 99 -7.29 -10.65 -12.70
N ALA B 100 -6.51 -11.67 -12.33
CA ALA B 100 -5.08 -11.46 -12.09
C ALA B 100 -4.37 -11.11 -13.39
N LYS B 101 -4.61 -11.89 -14.45
CA LYS B 101 -4.01 -11.59 -15.75
C LYS B 101 -4.44 -10.23 -16.27
N LYS B 102 -5.66 -9.80 -15.93
CA LYS B 102 -6.14 -8.50 -16.35
C LYS B 102 -5.28 -7.38 -15.76
N LEU B 103 -5.14 -7.37 -14.43
CA LEU B 103 -4.37 -6.31 -13.78
C LEU B 103 -2.87 -6.46 -14.02
N ALA B 104 -2.39 -7.70 -14.20
CA ALA B 104 -0.97 -7.91 -14.38
C ALA B 104 -0.52 -7.52 -15.79
N GLN B 105 -1.29 -7.90 -16.82
CA GLN B 105 -0.94 -7.54 -18.18
C GLN B 105 -1.24 -6.07 -18.48
N ARG B 106 -2.26 -5.50 -17.83
CA ARG B 106 -2.47 -4.06 -17.93
C ARG B 106 -1.26 -3.29 -17.42
N HIS B 107 -0.58 -3.83 -16.40
CA HIS B 107 0.68 -3.24 -15.96
C HIS B 107 1.80 -3.54 -16.94
N LEU B 108 1.81 -4.76 -17.50
CA LEU B 108 2.83 -5.12 -18.49
C LEU B 108 2.71 -4.26 -19.74
N VAL B 109 1.48 -4.05 -20.21
CA VAL B 109 1.26 -3.20 -21.39
C VAL B 109 1.69 -1.78 -21.11
N ALA B 110 1.33 -1.25 -19.93
CA ALA B 110 1.58 0.16 -19.64
C ALA B 110 3.08 0.45 -19.57
N GLU B 111 3.86 -0.48 -19.04
CA GLU B 111 5.31 -0.30 -18.95
C GLU B 111 6.05 -0.73 -20.21
N THR B 112 5.34 -1.21 -21.22
CA THR B 112 5.95 -1.56 -22.49
C THR B 112 6.19 -0.28 -23.28
N GLY B 113 7.45 -0.03 -23.63
CA GLY B 113 7.81 1.17 -24.36
C GLY B 113 8.66 2.15 -23.56
N ALA C 3 -4.32 -14.50 13.94
CA ALA C 3 -3.85 -14.77 12.59
C ALA C 3 -3.71 -16.27 12.34
N ARG C 4 -4.09 -16.70 11.14
CA ARG C 4 -3.85 -18.08 10.73
C ARG C 4 -2.36 -18.41 10.84
N ASN C 5 -1.50 -17.44 10.50
CA ASN C 5 -0.06 -17.64 10.55
C ASN C 5 0.42 -18.05 11.94
N SER C 6 -0.33 -17.76 12.99
CA SER C 6 0.06 -18.14 14.33
C SER C 6 -0.17 -19.61 14.62
N VAL C 7 -1.16 -20.23 13.96
CA VAL C 7 -1.49 -21.62 14.24
C VAL C 7 -0.50 -22.56 13.55
N LEU C 8 -0.35 -22.41 12.23
CA LEU C 8 0.54 -23.27 11.46
C LEU C 8 1.28 -22.42 10.44
N ARG C 9 2.58 -22.66 10.31
CA ARG C 9 3.40 -21.85 9.41
C ARG C 9 4.56 -22.68 8.89
N GLY C 10 5.09 -22.24 7.75
CA GLY C 10 6.26 -22.91 7.18
C GLY C 10 5.91 -24.29 6.67
N LYS C 11 6.74 -25.27 7.03
CA LYS C 11 6.48 -26.65 6.65
C LYS C 11 5.17 -27.15 7.24
N LYS C 12 4.83 -26.67 8.45
CA LYS C 12 3.56 -27.07 9.06
C LYS C 12 2.37 -26.68 8.20
N ALA C 13 2.38 -25.46 7.65
CA ALA C 13 1.31 -25.05 6.75
C ALA C 13 1.32 -25.87 5.47
N ASP C 14 2.52 -26.18 4.96
CA ASP C 14 2.62 -27.04 3.78
C ASP C 14 2.13 -28.45 4.10
N GLU C 15 2.67 -29.05 5.17
CA GLU C 15 2.30 -30.40 5.56
C GLU C 15 0.80 -30.54 5.78
N LEU C 16 0.15 -29.47 6.23
CA LEU C 16 -1.29 -29.52 6.48
C LEU C 16 -2.06 -29.83 5.20
N GLU C 17 -1.66 -29.23 4.08
CA GLU C 17 -2.38 -29.37 2.83
C GLU C 17 -2.14 -30.72 2.16
N LYS C 18 -1.30 -31.57 2.72
CA LYS C 18 -1.15 -32.94 2.24
C LYS C 18 -2.14 -33.89 2.88
N VAL C 19 -2.64 -33.57 4.07
CA VAL C 19 -3.57 -34.45 4.77
C VAL C 19 -4.92 -34.44 4.05
N ARG C 20 -5.40 -35.63 3.71
CA ARG C 20 -6.69 -35.76 3.07
C ARG C 20 -7.82 -35.36 4.03
N LEU C 21 -8.89 -34.80 3.46
CA LEU C 21 -10.09 -34.54 4.25
C LEU C 21 -10.81 -35.85 4.54
N ARG C 22 -11.81 -36.17 3.74
CA ARG C 22 -12.46 -37.46 3.84
C ARG C 22 -11.45 -38.57 3.49
N PRO C 23 -11.60 -39.75 4.08
CA PRO C 23 -10.58 -40.80 3.88
C PRO C 23 -10.30 -41.15 2.43
N GLY C 24 -11.33 -41.29 1.60
CA GLY C 24 -11.12 -41.66 0.21
C GLY C 24 -11.16 -40.48 -0.74
N GLY C 25 -11.90 -39.43 -0.38
CA GLY C 25 -12.12 -38.31 -1.28
C GLY C 25 -10.84 -37.59 -1.67
N LYS C 26 -10.97 -36.78 -2.71
CA LYS C 26 -9.80 -36.08 -3.26
C LYS C 26 -9.51 -34.78 -2.52
N LYS C 27 -10.54 -34.14 -1.95
CA LYS C 27 -10.35 -32.85 -1.30
C LYS C 27 -9.42 -32.96 -0.10
N LYS C 28 -8.56 -31.96 0.06
CA LYS C 28 -7.55 -31.93 1.11
C LYS C 28 -7.72 -30.66 1.95
N TYR C 29 -6.98 -30.62 3.05
CA TYR C 29 -7.11 -29.51 3.99
C TYR C 29 -6.51 -28.23 3.41
N ARG C 30 -7.23 -27.12 3.54
CA ARG C 30 -6.74 -25.80 3.18
C ARG C 30 -6.55 -24.96 4.44
N LEU C 31 -5.84 -23.84 4.27
CA LEU C 31 -5.72 -22.89 5.36
C LEU C 31 -7.07 -22.35 5.80
N LYS C 32 -8.07 -22.42 4.91
CA LYS C 32 -9.43 -22.01 5.27
C LYS C 32 -9.97 -22.80 6.46
N HIS C 33 -9.50 -24.04 6.64
CA HIS C 33 -9.99 -24.87 7.74
C HIS C 33 -9.44 -24.43 9.09
N ILE C 34 -8.20 -23.94 9.13
CA ILE C 34 -7.67 -23.41 10.38
C ILE C 34 -8.41 -22.13 10.77
N VAL C 35 -8.70 -21.28 9.80
CA VAL C 35 -9.40 -20.03 10.08
C VAL C 35 -10.81 -20.32 10.61
N TRP C 36 -11.50 -21.29 9.99
CA TRP C 36 -12.84 -21.64 10.47
C TRP C 36 -12.78 -22.19 11.88
N ALA C 37 -11.84 -23.10 12.15
CA ALA C 37 -11.68 -23.62 13.50
C ALA C 37 -11.41 -22.50 14.49
N ALA C 38 -10.39 -21.69 14.22
CA ALA C 38 -10.01 -20.61 15.13
C ALA C 38 -11.19 -19.70 15.44
N ASN C 39 -11.98 -19.34 14.44
CA ASN C 39 -13.16 -18.53 14.69
C ASN C 39 -14.22 -19.31 15.46
N GLU C 40 -14.28 -20.63 15.27
CA GLU C 40 -15.27 -21.43 15.99
C GLU C 40 -14.97 -21.49 17.48
N LEU C 41 -13.69 -21.45 17.86
CA LEU C 41 -13.37 -21.48 19.28
C LEU C 41 -13.73 -20.18 19.97
N ASP C 42 -13.72 -19.06 19.24
CA ASP C 42 -14.15 -17.80 19.82
C ASP C 42 -15.62 -17.84 20.24
N LYS C 43 -16.41 -18.75 19.65
CA LYS C 43 -17.76 -18.97 20.13
C LYS C 43 -17.77 -19.62 21.51
N PHE C 44 -16.80 -20.50 21.77
CA PHE C 44 -16.73 -21.24 23.02
C PHE C 44 -15.99 -20.48 24.11
N GLY C 45 -15.37 -19.34 23.78
CA GLY C 45 -14.44 -18.70 24.68
C GLY C 45 -13.12 -19.41 24.81
N LEU C 46 -12.98 -20.61 24.25
CA LEU C 46 -11.70 -21.31 24.24
C LEU C 46 -10.65 -20.43 23.56
N ALA C 47 -9.54 -20.21 24.27
CA ALA C 47 -8.49 -19.33 23.75
C ALA C 47 -8.01 -19.80 22.38
N GLU C 48 -7.82 -18.84 21.48
CA GLU C 48 -7.42 -19.16 20.12
C GLU C 48 -5.94 -19.51 20.01
N SER C 49 -5.11 -19.09 20.97
CA SER C 49 -3.71 -19.45 20.97
C SER C 49 -3.49 -20.92 21.29
N LEU C 50 -4.53 -21.65 21.69
CA LEU C 50 -4.39 -23.07 21.97
C LEU C 50 -4.15 -23.89 20.71
N LEU C 51 -4.57 -23.39 19.55
CA LEU C 51 -4.30 -24.07 18.29
C LEU C 51 -2.81 -24.05 17.93
N GLU C 52 -2.02 -23.20 18.58
CA GLU C 52 -0.60 -23.09 18.28
C GLU C 52 0.26 -24.13 18.98
N SER C 53 -0.30 -24.90 19.91
CA SER C 53 0.46 -25.86 20.70
C SER C 53 -0.21 -27.22 20.64
N LYS C 54 0.61 -28.28 20.61
CA LYS C 54 0.06 -29.63 20.69
C LYS C 54 -0.61 -29.85 22.05
N GLU C 55 0.02 -29.36 23.12
CA GLU C 55 -0.63 -29.41 24.43
C GLU C 55 -1.90 -28.54 24.44
N GLY C 56 -1.84 -27.38 23.78
CA GLY C 56 -3.03 -26.56 23.64
C GLY C 56 -4.09 -27.22 22.79
N CYS C 57 -3.69 -27.97 21.76
CA CYS C 57 -4.65 -28.75 21.00
C CYS C 57 -5.25 -29.86 21.85
N GLN C 58 -4.42 -30.52 22.67
CA GLN C 58 -4.93 -31.51 23.61
C GLN C 58 -5.95 -30.89 24.56
N LYS C 59 -5.63 -29.71 25.10
CA LYS C 59 -6.55 -29.01 25.98
C LYS C 59 -7.84 -28.64 25.26
N ILE C 60 -7.75 -28.33 23.97
CA ILE C 60 -8.94 -28.03 23.17
C ILE C 60 -9.81 -29.28 23.07
N LEU C 61 -9.20 -30.42 22.77
CA LEU C 61 -9.95 -31.66 22.64
C LEU C 61 -10.58 -32.07 23.97
N ARG C 62 -9.91 -31.76 25.08
CA ARG C 62 -10.45 -32.12 26.39
C ARG C 62 -11.75 -31.39 26.67
N VAL C 63 -11.79 -30.08 26.40
CA VAL C 63 -13.01 -29.31 26.63
C VAL C 63 -14.10 -29.73 25.65
N LEU C 64 -13.72 -30.19 24.47
CA LEU C 64 -14.67 -30.56 23.43
C LEU C 64 -15.21 -31.98 23.58
N ASP C 65 -14.37 -32.91 24.05
CA ASP C 65 -14.73 -34.32 24.08
C ASP C 65 -16.07 -34.63 24.74
N PRO C 66 -16.47 -33.99 25.85
CA PRO C 66 -17.80 -34.32 26.42
C PRO C 66 -18.97 -34.02 25.51
N LEU C 67 -18.77 -33.30 24.40
CA LEU C 67 -19.88 -32.87 23.57
C LEU C 67 -19.98 -33.60 22.23
N VAL C 68 -18.97 -34.38 21.84
CA VAL C 68 -18.90 -34.98 20.51
C VAL C 68 -19.99 -36.02 20.28
N PRO C 69 -20.28 -36.95 21.22
CA PRO C 69 -21.30 -37.98 20.93
C PRO C 69 -22.62 -37.44 20.40
N THR C 70 -23.10 -36.32 20.94
CA THR C 70 -24.37 -35.73 20.53
C THR C 70 -24.21 -34.45 19.74
N GLY C 71 -22.99 -34.01 19.47
CA GLY C 71 -22.75 -32.68 18.97
C GLY C 71 -23.13 -32.49 17.52
N SER C 72 -23.15 -31.22 17.13
CA SER C 72 -23.48 -30.84 15.76
C SER C 72 -22.31 -31.14 14.83
N GLU C 73 -22.57 -31.01 13.52
CA GLU C 73 -21.51 -31.19 12.54
C GLU C 73 -20.49 -30.07 12.63
N ASN C 74 -20.92 -28.87 13.03
CA ASN C 74 -19.96 -27.80 13.34
C ASN C 74 -19.00 -28.25 14.44
N LEU C 75 -19.53 -28.89 15.47
CA LEU C 75 -18.66 -29.38 16.53
C LEU C 75 -17.77 -30.51 16.01
N LYS C 76 -18.36 -31.47 15.31
CA LYS C 76 -17.57 -32.56 14.75
C LYS C 76 -16.45 -32.03 13.87
N SER C 77 -16.78 -31.13 12.94
CA SER C 77 -15.77 -30.57 12.04
C SER C 77 -14.68 -29.85 12.82
N LEU C 78 -15.07 -29.03 13.80
CA LEU C 78 -14.09 -28.33 14.62
C LEU C 78 -13.21 -29.31 15.38
N PHE C 79 -13.82 -30.37 15.94
CA PHE C 79 -13.04 -31.36 16.67
C PHE C 79 -12.02 -32.04 15.78
N ASN C 80 -12.45 -32.50 14.60
CA ASN C 80 -11.55 -33.25 13.72
C ASN C 80 -10.42 -32.38 13.22
N THR C 81 -10.68 -31.09 12.95
CA THR C 81 -9.63 -30.21 12.45
C THR C 81 -8.53 -30.03 13.49
N VAL C 82 -8.90 -29.85 14.76
CA VAL C 82 -7.90 -29.75 15.81
C VAL C 82 -7.13 -31.05 15.97
N CYS C 83 -7.77 -32.19 15.66
CA CYS C 83 -7.07 -33.47 15.74
C CYS C 83 -5.90 -33.51 14.77
N VAL C 84 -6.07 -32.95 13.57
CA VAL C 84 -4.97 -32.92 12.60
C VAL C 84 -3.94 -31.88 13.02
N ILE C 85 -4.38 -30.75 13.58
CA ILE C 85 -3.45 -29.70 13.99
C ILE C 85 -2.53 -30.21 15.09
N TRP C 86 -3.05 -31.01 16.01
CA TRP C 86 -2.19 -31.63 17.02
C TRP C 86 -1.15 -32.53 16.39
N CYS C 87 -1.56 -33.33 15.41
CA CYS C 87 -0.62 -34.23 14.74
C CYS C 87 0.50 -33.44 14.07
N LEU C 88 0.20 -32.26 13.56
CA LEU C 88 1.22 -31.46 12.89
C LEU C 88 2.16 -30.82 13.91
N HIS C 89 1.63 -30.31 15.02
CA HIS C 89 2.48 -29.84 16.11
C HIS C 89 3.33 -30.99 16.66
N ALA C 90 2.72 -32.17 16.82
CA ALA C 90 3.44 -33.35 17.29
C ALA C 90 4.25 -34.02 16.19
N GLU C 91 4.03 -33.68 14.93
CA GLU C 91 4.73 -34.26 13.79
C GLU C 91 4.57 -35.79 13.76
N GLU C 92 3.32 -36.22 13.90
CA GLU C 92 2.94 -37.62 13.73
C GLU C 92 2.18 -37.71 12.41
N LYS C 93 2.84 -38.25 11.39
CA LYS C 93 2.30 -38.20 10.03
C LYS C 93 0.95 -38.88 9.95
N VAL C 94 0.12 -38.40 9.03
CA VAL C 94 -1.28 -38.77 8.96
C VAL C 94 -1.75 -38.60 7.52
N LYS C 95 -2.65 -39.47 7.07
CA LYS C 95 -3.14 -39.44 5.70
C LYS C 95 -4.48 -38.74 5.56
N ASP C 96 -5.47 -39.04 6.42
CA ASP C 96 -6.78 -38.40 6.32
C ASP C 96 -7.22 -37.91 7.69
N THR C 97 -8.48 -37.46 7.76
CA THR C 97 -9.08 -37.03 9.02
C THR C 97 -9.26 -38.18 10.00
N GLU C 98 -9.56 -39.39 9.50
CA GLU C 98 -9.77 -40.52 10.39
C GLU C 98 -8.48 -40.94 11.08
N GLU C 99 -7.37 -40.94 10.35
CA GLU C 99 -6.09 -41.30 10.96
C GLU C 99 -5.65 -40.27 12.00
N ALA C 100 -5.98 -38.99 11.78
CA ALA C 100 -5.66 -37.96 12.76
C ALA C 100 -6.58 -38.03 13.96
N LYS C 101 -7.87 -38.32 13.74
CA LYS C 101 -8.78 -38.55 14.85
C LYS C 101 -8.30 -39.69 15.73
N LYS C 102 -7.82 -40.78 15.11
CA LYS C 102 -7.28 -41.90 15.87
C LYS C 102 -6.07 -41.47 16.68
N LEU C 103 -5.14 -40.75 16.06
CA LEU C 103 -3.89 -40.40 16.73
C LEU C 103 -4.11 -39.35 17.81
N ALA C 104 -5.13 -38.49 17.65
CA ALA C 104 -5.42 -37.50 18.67
C ALA C 104 -6.23 -38.09 19.82
N GLN C 105 -7.18 -38.97 19.51
CA GLN C 105 -8.05 -39.52 20.54
C GLN C 105 -7.44 -40.71 21.27
N ARG C 106 -6.41 -41.35 20.71
CA ARG C 106 -5.58 -42.25 21.52
C ARG C 106 -4.89 -41.47 22.62
N HIS C 107 -4.32 -40.31 22.27
CA HIS C 107 -3.52 -39.55 23.21
C HIS C 107 -4.37 -38.91 24.29
N LEU C 108 -5.57 -38.46 23.95
CA LEU C 108 -6.44 -37.85 24.94
C LEU C 108 -6.93 -38.88 25.96
N VAL C 109 -7.24 -40.08 25.51
CA VAL C 109 -7.73 -41.12 26.41
C VAL C 109 -6.58 -41.66 27.28
N ALA C 110 -5.38 -41.77 26.70
CA ALA C 110 -4.26 -42.33 27.45
C ALA C 110 -3.91 -41.46 28.65
N GLU C 111 -3.86 -40.14 28.46
CA GLU C 111 -3.62 -39.22 29.56
C GLU C 111 -4.93 -39.10 30.36
N ALA D 3 9.27 12.00 -15.61
CA ALA D 3 9.82 10.95 -14.77
C ALA D 3 11.34 10.87 -14.91
N ARG D 4 12.04 10.75 -13.78
CA ARG D 4 13.48 10.55 -13.82
C ARG D 4 13.83 9.24 -14.51
N ASN D 5 13.01 8.21 -14.30
CA ASN D 5 13.21 6.92 -14.94
C ASN D 5 13.31 7.04 -16.46
N SER D 6 12.79 8.13 -17.03
CA SER D 6 12.85 8.32 -18.48
C SER D 6 14.25 8.68 -18.94
N VAL D 7 14.83 9.73 -18.35
CA VAL D 7 16.12 10.25 -18.83
C VAL D 7 17.20 9.18 -18.72
N LEU D 8 17.41 8.66 -17.52
CA LEU D 8 18.42 7.64 -17.29
C LEU D 8 17.88 6.59 -16.34
N ARG D 9 18.10 5.31 -16.68
CA ARG D 9 17.59 4.21 -15.88
C ARG D 9 18.59 3.05 -15.91
N GLY D 10 18.50 2.21 -14.88
CA GLY D 10 19.29 0.99 -14.84
C GLY D 10 20.77 1.27 -14.83
N LYS D 11 21.50 0.64 -15.76
CA LYS D 11 22.94 0.84 -15.86
C LYS D 11 23.29 2.29 -16.17
N LYS D 12 22.43 2.98 -16.95
CA LYS D 12 22.69 4.39 -17.25
C LYS D 12 22.62 5.24 -15.99
N ALA D 13 21.66 4.95 -15.12
CA ALA D 13 21.57 5.68 -13.85
C ALA D 13 22.72 5.32 -12.92
N ASP D 14 23.28 4.11 -13.06
CA ASP D 14 24.43 3.74 -12.23
C ASP D 14 25.68 4.46 -12.70
N GLU D 15 25.98 4.41 -14.00
CA GLU D 15 27.15 5.09 -14.55
C GLU D 15 27.09 6.59 -14.28
N LEU D 16 25.90 7.18 -14.36
CA LEU D 16 25.75 8.60 -14.09
C LEU D 16 26.31 8.97 -12.72
N GLU D 17 25.89 8.23 -11.69
CA GLU D 17 26.36 8.51 -10.33
C GLU D 17 27.83 8.20 -10.13
N LYS D 18 28.48 7.60 -11.12
CA LYS D 18 29.92 7.39 -11.09
C LYS D 18 30.68 8.50 -11.81
N VAL D 19 30.00 9.58 -12.18
CA VAL D 19 30.60 10.71 -12.88
C VAL D 19 30.79 11.85 -11.89
N ARG D 20 32.05 12.22 -11.65
CA ARG D 20 32.35 13.28 -10.70
C ARG D 20 31.89 14.63 -11.24
N LEU D 21 31.43 15.49 -10.32
CA LEU D 21 31.03 16.84 -10.73
C LEU D 21 32.21 17.65 -11.24
N ARG D 22 33.41 17.39 -10.71
CA ARG D 22 34.63 18.06 -11.13
C ARG D 22 35.71 17.02 -11.38
N PRO D 23 36.61 17.27 -12.34
CA PRO D 23 37.60 16.25 -12.73
C PRO D 23 38.33 15.59 -11.57
N GLY D 24 38.95 16.37 -10.68
CA GLY D 24 39.66 15.81 -9.55
C GLY D 24 38.78 15.64 -8.33
N GLY D 25 37.67 16.37 -8.29
CA GLY D 25 36.79 16.33 -7.13
C GLY D 25 36.17 14.97 -6.91
N LYS D 26 35.56 14.82 -5.73
CA LYS D 26 34.95 13.57 -5.34
C LYS D 26 33.42 13.58 -5.43
N LYS D 27 32.80 14.75 -5.42
CA LYS D 27 31.35 14.84 -5.52
C LYS D 27 30.90 14.37 -6.90
N LYS D 28 30.08 13.34 -6.93
CA LYS D 28 29.57 12.77 -8.17
C LYS D 28 28.10 13.15 -8.36
N TYR D 29 27.60 12.82 -9.55
CA TYR D 29 26.22 13.16 -9.89
C TYR D 29 25.24 12.30 -9.11
N ARG D 30 24.02 12.82 -8.93
CA ARG D 30 22.95 12.10 -8.29
C ARG D 30 21.63 12.47 -8.96
N LEU D 31 20.66 11.57 -8.85
CA LEU D 31 19.43 11.66 -9.64
C LEU D 31 18.71 13.00 -9.48
N LYS D 32 19.01 13.75 -8.42
CA LYS D 32 18.45 15.08 -8.28
C LYS D 32 18.86 16.00 -9.44
N HIS D 33 20.04 15.77 -10.01
CA HIS D 33 20.54 16.64 -11.07
C HIS D 33 19.82 16.39 -12.39
N ILE D 34 19.30 15.18 -12.60
CA ILE D 34 18.49 14.93 -13.79
C ILE D 34 17.17 15.67 -13.70
N VAL D 35 16.53 15.65 -12.53
CA VAL D 35 15.25 16.30 -12.36
C VAL D 35 15.40 17.81 -12.47
N TRP D 36 16.48 18.36 -11.91
CA TRP D 36 16.72 19.80 -12.02
C TRP D 36 16.95 20.19 -13.48
N ALA D 37 17.80 19.46 -14.19
CA ALA D 37 18.04 19.75 -15.60
C ALA D 37 16.77 19.61 -16.43
N ALA D 38 15.89 18.67 -16.07
CA ALA D 38 14.61 18.55 -16.76
C ALA D 38 13.78 19.82 -16.58
N ASN D 39 13.58 20.23 -15.32
CA ASN D 39 12.79 21.43 -15.06
C ASN D 39 13.46 22.68 -15.62
N GLU D 40 14.77 22.65 -15.86
CA GLU D 40 15.42 23.74 -16.56
C GLU D 40 14.96 23.80 -18.01
N LEU D 41 14.76 22.63 -18.64
CA LEU D 41 14.19 22.61 -19.98
C LEU D 41 12.77 23.17 -19.98
N ASP D 42 11.99 22.84 -18.96
CA ASP D 42 10.64 23.37 -18.86
C ASP D 42 10.64 24.89 -18.69
N LYS D 43 11.66 25.42 -18.01
CA LYS D 43 11.78 26.86 -17.87
C LYS D 43 12.16 27.53 -19.18
N PHE D 44 12.64 26.77 -20.17
CA PHE D 44 13.06 27.31 -21.45
C PHE D 44 12.02 27.13 -22.54
N GLY D 45 10.93 26.43 -22.24
CA GLY D 45 9.99 26.03 -23.26
C GLY D 45 10.39 24.81 -24.05
N LEU D 46 11.65 24.37 -23.93
CA LEU D 46 12.11 23.18 -24.61
C LEU D 46 11.45 21.94 -24.01
N ALA D 47 10.89 21.10 -24.86
CA ALA D 47 10.25 19.88 -24.39
C ALA D 47 11.26 19.00 -23.66
N GLU D 48 10.91 18.59 -22.44
CA GLU D 48 11.81 17.84 -21.59
C GLU D 48 12.26 16.53 -22.23
N SER D 49 11.48 15.99 -23.17
CA SER D 49 11.75 14.68 -23.76
C SER D 49 13.07 14.64 -24.55
N LEU D 50 13.72 15.78 -24.77
CA LEU D 50 15.01 15.75 -25.46
C LEU D 50 16.12 15.15 -24.60
N LEU D 51 15.94 15.11 -23.28
CA LEU D 51 16.93 14.52 -22.40
C LEU D 51 16.99 13.00 -22.52
N GLU D 52 16.01 12.38 -23.15
CA GLU D 52 15.91 10.92 -23.19
C GLU D 52 16.71 10.29 -24.32
N SER D 53 17.26 11.08 -25.24
CA SER D 53 18.03 10.56 -26.34
C SER D 53 19.26 11.42 -26.57
N LYS D 54 20.34 10.80 -27.05
CA LYS D 54 21.55 11.55 -27.37
C LYS D 54 21.34 12.50 -28.55
N GLU D 55 20.35 12.20 -29.41
CA GLU D 55 20.02 13.14 -30.48
C GLU D 55 19.20 14.31 -29.95
N GLY D 56 18.28 14.05 -29.01
CA GLY D 56 17.58 15.14 -28.36
C GLY D 56 18.50 15.97 -27.49
N CYS D 57 19.48 15.32 -26.84
CA CYS D 57 20.47 16.06 -26.08
C CYS D 57 21.37 16.87 -27.01
N GLN D 58 21.79 16.29 -28.13
CA GLN D 58 22.59 17.04 -29.11
C GLN D 58 21.85 18.27 -29.59
N LYS D 59 20.52 18.16 -29.75
CA LYS D 59 19.72 19.33 -30.12
C LYS D 59 19.77 20.38 -29.02
N ILE D 60 19.74 19.94 -27.76
CA ILE D 60 19.80 20.88 -26.64
C ILE D 60 21.13 21.61 -26.64
N LEU D 61 22.23 20.85 -26.79
CA LEU D 61 23.56 21.46 -26.79
C LEU D 61 23.71 22.48 -27.92
N ARG D 62 23.00 22.28 -29.03
CA ARG D 62 23.05 23.25 -30.11
C ARG D 62 22.27 24.51 -29.77
N VAL D 63 21.20 24.38 -28.97
CA VAL D 63 20.44 25.55 -28.56
C VAL D 63 21.23 26.39 -27.56
N LEU D 64 22.08 25.76 -26.76
CA LEU D 64 22.75 26.43 -25.65
C LEU D 64 24.18 26.86 -25.94
N ASP D 65 24.86 26.20 -26.89
CA ASP D 65 26.28 26.50 -27.09
C ASP D 65 26.54 27.95 -27.47
N PRO D 66 25.76 28.59 -28.32
CA PRO D 66 25.92 30.06 -28.47
C PRO D 66 25.69 30.83 -27.18
N LEU D 67 24.89 30.30 -26.25
CA LEU D 67 24.56 31.00 -25.02
C LEU D 67 25.55 30.79 -23.89
N VAL D 68 26.63 30.04 -24.14
CA VAL D 68 27.58 29.66 -23.08
C VAL D 68 28.53 30.79 -22.72
N PRO D 69 29.19 31.47 -23.68
CA PRO D 69 30.19 32.48 -23.29
C PRO D 69 29.65 33.58 -22.39
N THR D 70 28.36 33.90 -22.51
CA THR D 70 27.73 34.88 -21.63
C THR D 70 26.76 34.23 -20.65
N GLY D 71 26.67 32.91 -20.63
CA GLY D 71 25.75 32.23 -19.76
C GLY D 71 26.09 32.40 -18.29
N SER D 72 25.12 32.06 -17.45
CA SER D 72 25.23 32.22 -16.01
C SER D 72 25.82 30.94 -15.41
N GLU D 73 25.64 30.76 -14.10
CA GLU D 73 26.15 29.57 -13.42
C GLU D 73 25.24 28.36 -13.63
N ASN D 74 23.93 28.57 -13.62
CA ASN D 74 23.01 27.47 -13.85
C ASN D 74 23.09 26.97 -15.29
N LEU D 75 23.35 27.86 -16.25
CA LEU D 75 23.35 27.47 -17.65
C LEU D 75 24.61 26.71 -18.02
N LYS D 76 25.79 27.22 -17.61
CA LYS D 76 27.01 26.48 -17.83
C LYS D 76 26.95 25.10 -17.18
N SER D 77 26.18 24.97 -16.09
CA SER D 77 26.00 23.67 -15.46
C SER D 77 24.99 22.81 -16.21
N LEU D 78 23.88 23.41 -16.66
CA LEU D 78 22.89 22.66 -17.43
C LEU D 78 23.50 22.15 -18.73
N PHE D 79 24.23 23.01 -19.44
CA PHE D 79 24.97 22.57 -20.61
C PHE D 79 25.91 21.42 -20.26
N ASN D 80 26.51 21.48 -19.07
CA ASN D 80 27.40 20.40 -18.64
C ASN D 80 26.62 19.16 -18.25
N THR D 81 25.45 19.33 -17.63
CA THR D 81 24.65 18.19 -17.22
C THR D 81 24.13 17.41 -18.43
N VAL D 82 23.59 18.13 -19.42
CA VAL D 82 23.11 17.48 -20.65
C VAL D 82 24.28 16.85 -21.40
N CYS D 83 25.48 17.43 -21.26
CA CYS D 83 26.66 16.82 -21.88
C CYS D 83 26.94 15.45 -21.27
N VAL D 84 26.82 15.31 -19.95
CA VAL D 84 27.00 14.03 -19.31
C VAL D 84 25.88 13.07 -19.71
N ILE D 85 24.65 13.59 -19.78
CA ILE D 85 23.52 12.75 -20.20
C ILE D 85 23.72 12.27 -21.63
N TRP D 86 24.33 13.11 -22.49
CA TRP D 86 24.59 12.69 -23.86
C TRP D 86 25.57 11.54 -23.91
N CYS D 87 26.72 11.68 -23.25
CA CYS D 87 27.71 10.61 -23.23
C CYS D 87 27.13 9.32 -22.65
N LEU D 88 26.26 9.45 -21.66
CA LEU D 88 25.59 8.28 -21.10
C LEU D 88 24.66 7.64 -22.12
N HIS D 89 23.90 8.46 -22.86
CA HIS D 89 23.12 7.94 -23.98
C HIS D 89 24.04 7.39 -25.07
N ALA D 90 25.14 8.10 -25.35
CA ALA D 90 26.11 7.67 -26.34
C ALA D 90 27.02 6.56 -25.83
N GLU D 91 26.87 6.14 -24.57
CA GLU D 91 27.68 5.10 -23.94
C GLU D 91 29.17 5.43 -23.97
N GLU D 92 29.52 6.70 -24.16
CA GLU D 92 30.90 7.13 -24.12
C GLU D 92 31.30 7.37 -22.66
N LYS D 93 32.19 6.53 -22.14
CA LYS D 93 32.54 6.60 -20.73
C LYS D 93 33.34 7.87 -20.45
N VAL D 94 32.82 8.70 -19.57
CA VAL D 94 33.52 9.87 -19.06
C VAL D 94 33.56 9.77 -17.55
N LYS D 95 34.64 10.28 -16.95
CA LYS D 95 34.84 10.20 -15.52
C LYS D 95 34.44 11.48 -14.78
N ASP D 96 34.09 12.54 -15.50
CA ASP D 96 33.77 13.81 -14.88
C ASP D 96 33.02 14.69 -15.87
N THR D 97 32.89 15.97 -15.55
CA THR D 97 32.12 16.90 -16.36
C THR D 97 32.89 17.33 -17.60
N GLU D 98 34.11 17.82 -17.43
CA GLU D 98 34.86 18.36 -18.56
C GLU D 98 35.20 17.30 -19.59
N GLU D 99 35.34 16.04 -19.16
CA GLU D 99 35.56 14.96 -20.11
C GLU D 99 34.31 14.70 -20.94
N ALA D 100 33.13 15.02 -20.40
CA ALA D 100 31.90 14.86 -21.15
C ALA D 100 31.70 15.98 -22.15
N LYS D 101 31.98 17.22 -21.75
CA LYS D 101 31.89 18.34 -22.68
C LYS D 101 32.85 18.14 -23.85
N LYS D 102 34.01 17.54 -23.60
CA LYS D 102 34.98 17.31 -24.66
C LYS D 102 34.46 16.34 -25.70
N LEU D 103 33.79 15.26 -25.25
CA LEU D 103 33.24 14.29 -26.17
C LEU D 103 31.97 14.79 -26.83
N ALA D 104 31.13 15.53 -26.09
CA ALA D 104 29.86 15.98 -26.63
C ALA D 104 30.06 17.11 -27.63
N GLN D 105 30.92 18.08 -27.31
CA GLN D 105 31.16 19.18 -28.23
C GLN D 105 31.98 18.73 -29.44
N ARG D 106 32.82 17.71 -29.27
CA ARG D 106 33.49 17.11 -30.42
C ARG D 106 32.48 16.56 -31.43
N HIS D 107 31.30 16.16 -30.94
CA HIS D 107 30.23 15.72 -31.83
C HIS D 107 29.45 16.88 -32.42
N LEU D 108 29.36 18.01 -31.69
CA LEU D 108 28.63 19.17 -32.18
C LEU D 108 29.30 19.81 -33.38
N VAL D 109 30.55 19.49 -33.65
CA VAL D 109 31.27 20.04 -34.79
C VAL D 109 30.57 19.70 -36.10
N ALA E 3 14.35 -27.30 -7.09
CA ALA E 3 14.66 -28.39 -8.01
C ALA E 3 15.97 -29.08 -7.63
N ARG E 4 15.87 -30.35 -7.24
CA ARG E 4 17.04 -31.15 -6.90
C ARG E 4 18.13 -31.05 -7.95
N ASN E 5 17.73 -31.11 -9.23
CA ASN E 5 18.58 -30.99 -10.41
C ASN E 5 19.80 -30.10 -10.20
N SER E 6 19.59 -28.87 -9.73
CA SER E 6 20.66 -27.89 -9.72
C SER E 6 21.81 -28.28 -8.81
N VAL E 7 21.55 -29.10 -7.79
CA VAL E 7 22.58 -29.42 -6.81
C VAL E 7 23.50 -30.52 -7.34
N LEU E 8 22.97 -31.74 -7.49
CA LEU E 8 23.75 -32.88 -7.97
C LEU E 8 22.98 -33.59 -9.08
N ARG E 9 23.71 -34.02 -10.10
CA ARG E 9 23.09 -34.64 -11.27
C ARG E 9 24.02 -35.68 -11.88
N GLY E 10 23.44 -36.50 -12.76
CA GLY E 10 24.21 -37.43 -13.56
C GLY E 10 24.99 -38.40 -12.69
N LYS E 11 26.31 -38.43 -12.92
CA LYS E 11 27.18 -39.27 -12.10
C LYS E 11 27.11 -38.87 -10.63
N LYS E 12 27.03 -37.56 -10.35
CA LYS E 12 26.92 -37.10 -8.97
C LYS E 12 25.63 -37.63 -8.33
N ALA E 13 24.53 -37.62 -9.08
CA ALA E 13 23.27 -38.12 -8.53
C ALA E 13 23.34 -39.62 -8.26
N ASP E 14 23.99 -40.38 -9.16
CA ASP E 14 24.14 -41.81 -8.93
C ASP E 14 25.14 -42.11 -7.82
N GLU E 15 26.13 -41.23 -7.62
CA GLU E 15 27.15 -41.48 -6.62
C GLU E 15 26.65 -41.19 -5.21
N LEU E 16 25.78 -40.18 -5.06
CA LEU E 16 25.26 -39.82 -3.74
C LEU E 16 24.56 -41.00 -3.09
N GLU E 17 23.74 -41.72 -3.86
CA GLU E 17 22.99 -42.85 -3.33
C GLU E 17 23.85 -44.06 -3.03
N LYS E 18 25.17 -43.96 -3.19
CA LYS E 18 26.10 -44.99 -2.73
C LYS E 18 26.74 -44.63 -1.39
N VAL E 19 26.58 -43.40 -0.93
CA VAL E 19 27.17 -42.96 0.33
C VAL E 19 26.26 -43.39 1.47
N ARG E 20 26.84 -44.06 2.46
CA ARG E 20 26.07 -44.52 3.61
C ARG E 20 25.82 -43.36 4.57
N LEU E 21 24.61 -43.31 5.11
CA LEU E 21 24.31 -42.29 6.13
C LEU E 21 25.13 -42.53 7.39
N ARG E 22 25.38 -43.79 7.73
CA ARG E 22 26.09 -44.16 8.94
C ARG E 22 27.32 -45.00 8.58
N PRO E 23 28.40 -44.89 9.35
CA PRO E 23 29.64 -45.60 9.00
C PRO E 23 29.47 -47.10 8.79
N GLY E 24 28.52 -47.72 9.49
CA GLY E 24 28.27 -49.14 9.29
C GLY E 24 26.87 -49.41 8.78
N GLY E 25 26.08 -48.36 8.60
CA GLY E 25 24.70 -48.49 8.18
C GLY E 25 24.57 -49.02 6.76
N LYS E 26 23.32 -49.18 6.34
CA LYS E 26 23.03 -49.71 5.02
C LYS E 26 22.11 -48.77 4.23
N LYS E 27 21.28 -48.01 4.93
CA LYS E 27 20.45 -47.00 4.27
C LYS E 27 21.36 -45.91 3.72
N LYS E 28 21.27 -45.66 2.41
CA LYS E 28 22.14 -44.72 1.74
C LYS E 28 21.37 -43.46 1.38
N TYR E 29 22.12 -42.44 0.94
CA TYR E 29 21.55 -41.13 0.69
C TYR E 29 20.50 -41.19 -0.42
N ARG E 30 19.54 -40.28 -0.34
CA ARG E 30 18.42 -40.20 -1.26
C ARG E 30 18.38 -38.81 -1.88
N LEU E 31 17.64 -38.70 -3.00
CA LEU E 31 17.39 -37.38 -3.59
C LEU E 31 16.70 -36.44 -2.61
N LYS E 32 15.83 -36.96 -1.73
CA LYS E 32 15.09 -36.09 -0.82
C LYS E 32 15.97 -35.46 0.23
N HIS E 33 17.13 -36.08 0.54
CA HIS E 33 18.05 -35.45 1.48
C HIS E 33 18.64 -34.17 0.90
N ILE E 34 18.87 -34.16 -0.42
CA ILE E 34 19.38 -32.97 -1.08
C ILE E 34 18.35 -31.85 -1.01
N VAL E 35 17.08 -32.18 -1.23
CA VAL E 35 16.02 -31.19 -1.20
C VAL E 35 15.84 -30.63 0.20
N TRP E 36 15.98 -31.48 1.23
CA TRP E 36 15.79 -31.02 2.60
C TRP E 36 16.91 -30.07 3.00
N ALA E 37 18.16 -30.44 2.73
CA ALA E 37 19.28 -29.57 3.08
C ALA E 37 19.20 -28.24 2.35
N ALA E 38 18.73 -28.26 1.10
CA ALA E 38 18.59 -27.03 0.34
C ALA E 38 17.52 -26.12 0.95
N ASN E 39 16.42 -26.70 1.42
CA ASN E 39 15.33 -25.91 1.99
C ASN E 39 15.64 -25.45 3.42
N GLU E 40 16.63 -26.04 4.07
CA GLU E 40 17.04 -25.57 5.40
C GLU E 40 17.92 -24.33 5.30
N LEU E 41 18.74 -24.23 4.25
CA LEU E 41 19.56 -23.04 4.05
C LEU E 41 18.71 -21.82 3.75
N ASP E 42 17.59 -22.00 3.03
CA ASP E 42 16.69 -20.90 2.76
C ASP E 42 16.10 -20.31 4.04
N LYS E 43 16.10 -21.08 5.13
CA LYS E 43 15.68 -20.58 6.43
C LYS E 43 16.77 -19.77 7.10
N PHE E 44 18.01 -20.25 7.04
CA PHE E 44 19.15 -19.52 7.59
C PHE E 44 19.51 -18.29 6.78
N GLY E 45 18.77 -17.97 5.72
CA GLY E 45 19.16 -16.95 4.78
C GLY E 45 20.29 -17.32 3.87
N LEU E 46 20.91 -18.49 4.07
CA LEU E 46 22.02 -18.91 3.23
C LEU E 46 21.51 -19.29 1.84
N ALA E 47 22.15 -18.75 0.82
CA ALA E 47 21.71 -18.98 -0.55
C ALA E 47 21.74 -20.47 -0.87
N GLU E 48 20.63 -20.97 -1.43
CA GLU E 48 20.54 -22.36 -1.85
C GLU E 48 21.59 -22.73 -2.88
N SER E 49 22.10 -21.74 -3.62
CA SER E 49 23.01 -22.02 -4.73
C SER E 49 24.39 -22.45 -4.27
N LEU E 50 24.75 -22.22 -3.00
CA LEU E 50 26.06 -22.65 -2.51
C LEU E 50 26.20 -24.16 -2.49
N LEU E 51 25.09 -24.89 -2.52
CA LEU E 51 25.14 -26.36 -2.59
C LEU E 51 25.46 -26.87 -3.98
N GLU E 52 25.53 -26.00 -4.99
CA GLU E 52 25.79 -26.41 -6.35
C GLU E 52 27.26 -26.41 -6.72
N SER E 53 28.13 -26.00 -5.79
CA SER E 53 29.57 -25.95 -6.05
C SER E 53 30.31 -26.37 -4.80
N LYS E 54 31.53 -26.89 -4.98
CA LYS E 54 32.34 -27.30 -3.84
C LYS E 54 32.85 -26.10 -3.07
N GLU E 55 33.05 -24.96 -3.73
CA GLU E 55 33.48 -23.76 -3.03
C GLU E 55 32.35 -23.19 -2.19
N GLY E 56 31.11 -23.28 -2.68
CA GLY E 56 29.98 -22.87 -1.88
C GLY E 56 29.67 -23.83 -0.74
N CYS E 57 30.07 -25.10 -0.89
CA CYS E 57 29.92 -26.05 0.19
C CYS E 57 30.90 -25.77 1.32
N GLN E 58 32.16 -25.48 0.98
CA GLN E 58 33.11 -25.00 1.97
C GLN E 58 32.60 -23.73 2.64
N LYS E 59 31.90 -22.90 1.88
CA LYS E 59 31.35 -21.66 2.42
C LYS E 59 30.27 -21.95 3.47
N ILE E 60 29.35 -22.86 3.14
CA ILE E 60 28.31 -23.23 4.10
C ILE E 60 28.93 -23.80 5.36
N LEU E 61 29.97 -24.63 5.21
CA LEU E 61 30.63 -25.22 6.36
C LEU E 61 31.23 -24.15 7.26
N ARG E 62 31.79 -23.08 6.66
CA ARG E 62 32.37 -22.01 7.46
C ARG E 62 31.29 -21.26 8.26
N VAL E 63 30.13 -21.05 7.65
CA VAL E 63 29.05 -20.35 8.34
C VAL E 63 28.41 -21.23 9.39
N LEU E 64 28.48 -22.56 9.20
CA LEU E 64 27.78 -23.49 10.09
C LEU E 64 28.62 -23.97 11.26
N ASP E 65 29.94 -24.04 11.10
CA ASP E 65 30.78 -24.62 12.14
C ASP E 65 30.67 -23.93 13.50
N PRO E 66 30.58 -22.61 13.61
CA PRO E 66 30.40 -22.02 14.95
C PRO E 66 29.14 -22.48 15.66
N LEU E 67 28.12 -22.90 14.92
CA LEU E 67 26.86 -23.31 15.52
C LEU E 67 26.75 -24.81 15.77
N VAL E 68 27.79 -25.58 15.43
CA VAL E 68 27.78 -27.02 15.63
C VAL E 68 27.90 -27.40 17.10
N PRO E 69 28.76 -26.77 17.91
CA PRO E 69 28.86 -27.16 19.33
C PRO E 69 27.55 -27.06 20.10
N THR E 70 26.63 -26.19 19.69
CA THR E 70 25.37 -25.99 20.41
C THR E 70 24.16 -26.13 19.50
N GLY E 71 24.33 -26.70 18.31
CA GLY E 71 23.24 -26.77 17.35
C GLY E 71 22.40 -28.02 17.46
N SER E 72 21.25 -27.99 16.80
CA SER E 72 20.34 -29.12 16.78
C SER E 72 20.90 -30.25 15.92
N GLU E 73 20.32 -31.44 16.10
CA GLU E 73 20.70 -32.57 15.24
C GLU E 73 20.20 -32.36 13.81
N ASN E 74 19.11 -31.61 13.65
CA ASN E 74 18.73 -31.15 12.32
C ASN E 74 19.87 -30.34 11.68
N LEU E 75 20.58 -29.56 12.49
CA LEU E 75 21.68 -28.75 11.96
C LEU E 75 22.91 -29.61 11.67
N LYS E 76 23.23 -30.56 12.56
CA LYS E 76 24.31 -31.50 12.26
C LYS E 76 24.03 -32.25 10.97
N SER E 77 22.76 -32.56 10.69
CA SER E 77 22.41 -33.24 9.45
C SER E 77 22.69 -32.35 8.24
N LEU E 78 22.34 -31.07 8.33
CA LEU E 78 22.68 -30.14 7.25
C LEU E 78 24.19 -30.03 7.10
N PHE E 79 24.91 -29.94 8.22
CA PHE E 79 26.38 -29.90 8.16
C PHE E 79 26.94 -31.17 7.54
N ASN E 80 26.45 -32.33 7.98
CA ASN E 80 26.96 -33.60 7.47
C ASN E 80 26.63 -33.78 5.99
N THR E 81 25.41 -33.39 5.58
CA THR E 81 25.02 -33.55 4.19
C THR E 81 25.85 -32.63 3.28
N VAL E 82 26.09 -31.39 3.71
CA VAL E 82 26.93 -30.49 2.95
C VAL E 82 28.33 -31.09 2.77
N CYS E 83 28.82 -31.78 3.80
CA CYS E 83 30.10 -32.48 3.69
C CYS E 83 30.04 -33.55 2.60
N VAL E 84 28.90 -34.26 2.50
CA VAL E 84 28.76 -35.29 1.48
C VAL E 84 28.64 -34.66 0.10
N ILE E 85 27.83 -33.59 -0.03
CA ILE E 85 27.72 -32.90 -1.30
C ILE E 85 29.05 -32.29 -1.70
N TRP E 86 29.88 -31.89 -0.73
CA TRP E 86 31.17 -31.30 -1.05
C TRP E 86 32.08 -32.31 -1.74
N CYS E 87 32.27 -33.49 -1.13
CA CYS E 87 33.12 -34.51 -1.74
C CYS E 87 32.60 -34.93 -3.11
N LEU E 88 31.28 -34.86 -3.32
CA LEU E 88 30.72 -35.16 -4.63
C LEU E 88 31.15 -34.11 -5.65
N HIS E 89 31.03 -32.83 -5.29
CA HIS E 89 31.55 -31.78 -6.16
C HIS E 89 33.07 -31.85 -6.26
N ALA E 90 33.74 -32.15 -5.14
CA ALA E 90 35.20 -32.21 -5.10
C ALA E 90 35.76 -33.46 -5.80
N GLU E 91 34.90 -34.33 -6.32
CA GLU E 91 35.33 -35.55 -7.00
C GLU E 91 36.22 -36.41 -6.09
N GLU E 92 35.66 -36.77 -4.93
CA GLU E 92 36.39 -37.54 -3.94
C GLU E 92 35.48 -38.62 -3.38
N LYS E 93 36.01 -39.84 -3.29
CA LYS E 93 35.22 -41.01 -2.92
C LYS E 93 35.14 -41.15 -1.41
N VAL E 94 33.92 -41.36 -0.91
CA VAL E 94 33.68 -41.63 0.51
C VAL E 94 32.70 -42.80 0.62
N LYS E 95 32.85 -43.58 1.68
CA LYS E 95 31.92 -44.68 1.91
C LYS E 95 30.67 -44.22 2.64
N ASP E 96 30.82 -43.30 3.59
CA ASP E 96 29.72 -42.94 4.48
C ASP E 96 29.79 -41.45 4.81
N THR E 97 28.93 -41.02 5.73
CA THR E 97 28.84 -39.61 6.08
C THR E 97 30.06 -39.14 6.85
N GLU E 98 30.43 -39.89 7.90
CA GLU E 98 31.56 -39.47 8.73
C GLU E 98 32.87 -39.45 7.94
N GLU E 99 32.95 -40.25 6.88
CA GLU E 99 34.12 -40.17 6.00
C GLU E 99 34.09 -38.89 5.17
N ALA E 100 32.91 -38.50 4.69
CA ALA E 100 32.79 -37.23 3.97
C ALA E 100 33.07 -36.05 4.88
N LYS E 101 32.72 -36.17 6.17
CA LYS E 101 33.07 -35.13 7.14
C LYS E 101 34.57 -34.96 7.22
N LYS E 102 35.30 -36.06 7.40
CA LYS E 102 36.76 -35.99 7.57
C LYS E 102 37.42 -35.36 6.35
N LEU E 103 36.92 -35.65 5.15
CA LEU E 103 37.51 -35.07 3.94
C LEU E 103 37.11 -33.60 3.80
N ALA E 104 35.84 -33.29 4.03
CA ALA E 104 35.38 -31.90 3.90
C ALA E 104 35.96 -31.01 4.99
N GLN E 105 36.09 -31.55 6.21
CA GLN E 105 36.65 -30.75 7.30
C GLN E 105 38.17 -30.62 7.17
N ARG E 106 38.84 -31.62 6.59
CA ARG E 106 40.27 -31.50 6.33
C ARG E 106 40.56 -30.35 5.38
N HIS E 107 39.78 -30.24 4.31
CA HIS E 107 39.88 -29.06 3.45
C HIS E 107 39.46 -27.80 4.18
N LEU E 108 38.53 -27.92 5.14
CA LEU E 108 38.09 -26.76 5.91
C LEU E 108 39.17 -26.32 6.90
N VAL E 109 39.85 -27.28 7.52
CA VAL E 109 40.92 -26.95 8.46
C VAL E 109 42.10 -26.32 7.71
N ALA E 110 42.53 -26.96 6.62
CA ALA E 110 43.63 -26.42 5.83
C ALA E 110 43.27 -25.10 5.17
N GLU E 111 41.97 -24.82 5.03
CA GLU E 111 41.54 -23.53 4.50
C GLU E 111 41.55 -22.43 5.56
N THR E 112 41.49 -22.80 6.84
CA THR E 112 41.48 -21.81 7.91
C THR E 112 42.74 -20.97 7.87
N GLY E 113 42.57 -19.66 7.67
CA GLY E 113 43.68 -18.74 7.58
C GLY E 113 43.91 -18.20 6.18
N ALA F 3 29.43 -9.80 -6.10
CA ALA F 3 30.76 -10.04 -5.56
C ALA F 3 31.53 -11.01 -6.45
N ARG F 4 32.64 -10.53 -7.03
CA ARG F 4 33.43 -11.36 -7.94
C ARG F 4 34.00 -12.59 -7.22
N ASN F 5 34.18 -12.50 -5.90
CA ASN F 5 34.78 -13.60 -5.15
C ASN F 5 34.02 -14.90 -5.32
N SER F 6 32.69 -14.83 -5.50
CA SER F 6 31.87 -16.04 -5.56
C SER F 6 32.03 -16.78 -6.88
N VAL F 7 32.03 -16.04 -8.00
CA VAL F 7 32.08 -16.68 -9.32
C VAL F 7 33.39 -17.43 -9.50
N LEU F 8 34.50 -16.73 -9.38
CA LEU F 8 35.83 -17.33 -9.53
C LEU F 8 36.72 -16.87 -8.39
N ARG F 9 37.36 -17.82 -7.71
CA ARG F 9 38.24 -17.53 -6.59
C ARG F 9 39.39 -18.51 -6.59
N GLY F 10 40.54 -18.06 -6.10
CA GLY F 10 41.68 -18.93 -5.91
C GLY F 10 42.46 -19.18 -7.17
N LYS F 11 42.87 -20.44 -7.38
CA LYS F 11 43.56 -20.82 -8.61
C LYS F 11 42.74 -20.46 -9.84
N LYS F 12 41.41 -20.53 -9.73
CA LYS F 12 40.55 -20.19 -10.85
C LYS F 12 40.65 -18.70 -11.20
N ALA F 13 40.68 -17.83 -10.19
CA ALA F 13 40.85 -16.42 -10.45
C ALA F 13 42.21 -16.12 -11.03
N ASP F 14 43.25 -16.80 -10.55
CA ASP F 14 44.60 -16.59 -11.08
C ASP F 14 44.73 -17.14 -12.49
N GLU F 15 44.09 -18.27 -12.77
CA GLU F 15 44.20 -18.89 -14.09
C GLU F 15 43.40 -18.15 -15.15
N LEU F 16 42.33 -17.45 -14.74
CA LEU F 16 41.52 -16.71 -15.70
C LEU F 16 42.33 -15.65 -16.42
N GLU F 17 43.25 -14.99 -15.71
CA GLU F 17 44.09 -13.96 -16.29
C GLU F 17 45.22 -14.51 -17.15
N LYS F 18 45.24 -15.82 -17.39
CA LYS F 18 46.17 -16.43 -18.33
C LYS F 18 45.51 -16.76 -19.66
N VAL F 19 44.19 -16.57 -19.77
CA VAL F 19 43.46 -16.85 -20.99
C VAL F 19 43.36 -15.55 -21.79
N ARG F 20 43.80 -15.59 -23.05
CA ARG F 20 43.77 -14.42 -23.90
C ARG F 20 42.36 -14.21 -24.45
N LEU F 21 41.95 -12.94 -24.51
CA LEU F 21 40.66 -12.62 -25.11
C LEU F 21 40.60 -13.03 -26.58
N ARG F 22 41.75 -13.01 -27.26
CA ARG F 22 41.85 -13.29 -28.68
C ARG F 22 42.88 -14.39 -28.91
N PRO F 23 42.68 -15.23 -29.92
CA PRO F 23 43.56 -16.40 -30.10
C PRO F 23 45.01 -16.03 -30.35
N GLY F 24 45.26 -14.85 -30.92
CA GLY F 24 46.62 -14.39 -31.11
C GLY F 24 46.94 -13.19 -30.25
N GLY F 25 45.90 -12.58 -29.68
CA GLY F 25 46.05 -11.37 -28.89
C GLY F 25 46.84 -11.57 -27.61
N LYS F 26 47.10 -10.48 -26.91
CA LYS F 26 47.91 -10.51 -25.69
C LYS F 26 47.16 -10.06 -24.45
N LYS F 27 46.16 -9.19 -24.59
CA LYS F 27 45.39 -8.72 -23.45
C LYS F 27 44.51 -9.85 -22.93
N LYS F 28 44.81 -10.34 -21.74
CA LYS F 28 44.11 -11.49 -21.18
C LYS F 28 42.94 -11.04 -20.31
N TYR F 29 42.19 -12.01 -19.81
CA TYR F 29 40.96 -11.72 -19.07
C TYR F 29 41.29 -11.03 -17.74
N ARG F 30 40.37 -10.19 -17.29
CA ARG F 30 40.46 -9.48 -16.02
C ARG F 30 39.43 -10.04 -15.05
N LEU F 31 39.44 -9.48 -13.83
CA LEU F 31 38.35 -9.75 -12.89
C LEU F 31 37.09 -8.98 -13.27
N LYS F 32 37.25 -7.79 -13.86
CA LYS F 32 36.09 -6.99 -14.26
C LYS F 32 35.28 -7.66 -15.35
N HIS F 33 35.89 -8.56 -16.13
CA HIS F 33 35.12 -9.32 -17.10
C HIS F 33 34.17 -10.30 -16.40
N ILE F 34 34.60 -10.86 -15.28
CA ILE F 34 33.73 -11.73 -14.50
C ILE F 34 32.56 -10.95 -13.93
N VAL F 35 32.82 -9.72 -13.48
CA VAL F 35 31.76 -8.88 -12.92
C VAL F 35 30.75 -8.51 -13.98
N TRP F 36 31.22 -8.18 -15.20
CA TRP F 36 30.31 -7.79 -16.26
C TRP F 36 29.39 -8.93 -16.68
N ALA F 37 29.97 -10.12 -16.89
CA ALA F 37 29.17 -11.26 -17.35
C ALA F 37 28.12 -11.64 -16.32
N ALA F 38 28.46 -11.57 -15.03
CA ALA F 38 27.48 -11.87 -13.99
C ALA F 38 26.35 -10.87 -13.98
N ASN F 39 26.67 -9.58 -14.12
CA ASN F 39 25.63 -8.55 -14.14
C ASN F 39 24.77 -8.61 -15.40
N GLU F 40 25.28 -9.22 -16.47
CA GLU F 40 24.47 -9.39 -17.67
C GLU F 40 23.41 -10.47 -17.47
N LEU F 41 23.74 -11.52 -16.71
CA LEU F 41 22.80 -12.61 -16.49
C LEU F 41 21.57 -12.15 -15.71
N ASP F 42 21.75 -11.18 -14.81
CA ASP F 42 20.64 -10.65 -14.03
C ASP F 42 19.54 -10.06 -14.90
N LYS F 43 19.77 -9.93 -16.21
CA LYS F 43 18.85 -9.26 -17.12
C LYS F 43 17.90 -10.22 -17.83
N PHE F 44 18.34 -11.43 -18.16
CA PHE F 44 17.45 -12.47 -18.65
C PHE F 44 16.77 -13.24 -17.51
N GLY F 45 16.70 -12.65 -16.32
CA GLY F 45 16.21 -13.35 -15.16
C GLY F 45 17.12 -14.45 -14.65
N LEU F 46 18.21 -14.74 -15.34
CA LEU F 46 19.06 -15.86 -14.99
C LEU F 46 19.85 -15.57 -13.72
N ALA F 47 20.01 -16.58 -12.89
CA ALA F 47 20.73 -16.43 -11.64
C ALA F 47 22.21 -16.23 -11.89
N GLU F 48 22.81 -15.27 -11.17
CA GLU F 48 24.26 -15.11 -11.19
C GLU F 48 24.98 -16.36 -10.71
N SER F 49 24.30 -17.19 -9.93
CA SER F 49 24.93 -18.35 -9.29
C SER F 49 25.33 -19.43 -10.28
N LEU F 50 24.70 -19.47 -11.46
CA LEU F 50 25.08 -20.48 -12.45
C LEU F 50 26.53 -20.34 -12.90
N LEU F 51 27.13 -19.16 -12.73
CA LEU F 51 28.52 -18.97 -13.09
C LEU F 51 29.48 -19.66 -12.14
N GLU F 52 29.03 -20.01 -10.93
CA GLU F 52 29.90 -20.59 -9.91
C GLU F 52 30.12 -22.09 -10.10
N SER F 53 29.54 -22.69 -11.12
CA SER F 53 29.71 -24.12 -11.35
C SER F 53 29.72 -24.39 -12.85
N LYS F 54 30.44 -25.44 -13.26
CA LYS F 54 30.48 -25.80 -14.67
C LYS F 54 29.13 -26.31 -15.15
N GLU F 55 28.37 -26.97 -14.27
CA GLU F 55 27.03 -27.41 -14.64
C GLU F 55 26.12 -26.20 -14.88
N GLY F 56 26.25 -25.16 -14.06
CA GLY F 56 25.48 -23.95 -14.29
C GLY F 56 25.94 -23.18 -15.52
N CYS F 57 27.23 -23.25 -15.84
CA CYS F 57 27.72 -22.62 -17.06
C CYS F 57 27.19 -23.34 -18.30
N GLN F 58 27.11 -24.67 -18.24
CA GLN F 58 26.48 -25.41 -19.33
C GLN F 58 25.00 -25.06 -19.46
N LYS F 59 24.34 -24.78 -18.34
CA LYS F 59 22.94 -24.36 -18.39
C LYS F 59 22.80 -23.00 -19.06
N ILE F 60 23.71 -22.08 -18.78
CA ILE F 60 23.66 -20.75 -19.40
C ILE F 60 23.80 -20.87 -20.90
N LEU F 61 24.77 -21.68 -21.36
CA LEU F 61 24.99 -21.84 -22.79
C LEU F 61 23.78 -22.47 -23.48
N ARG F 62 23.05 -23.33 -22.78
CA ARG F 62 21.84 -23.90 -23.35
C ARG F 62 20.78 -22.84 -23.59
N VAL F 63 20.63 -21.91 -22.64
CA VAL F 63 19.63 -20.86 -22.81
C VAL F 63 20.11 -19.82 -23.82
N LEU F 64 21.43 -19.65 -23.96
CA LEU F 64 21.97 -18.59 -24.80
C LEU F 64 22.15 -18.99 -26.25
N ASP F 65 22.40 -20.28 -26.52
CA ASP F 65 22.68 -20.70 -27.89
C ASP F 65 21.57 -20.36 -28.89
N PRO F 66 20.28 -20.48 -28.57
CA PRO F 66 19.26 -20.04 -29.54
C PRO F 66 19.38 -18.56 -29.92
N LEU F 67 19.94 -17.73 -29.04
CA LEU F 67 20.06 -16.31 -29.30
C LEU F 67 21.37 -15.93 -29.97
N VAL F 68 22.33 -16.85 -30.03
CA VAL F 68 23.63 -16.53 -30.66
C VAL F 68 23.49 -16.18 -32.14
N PRO F 69 22.67 -16.87 -32.95
CA PRO F 69 22.61 -16.51 -34.37
C PRO F 69 22.22 -15.06 -34.64
N THR F 70 21.41 -14.44 -33.78
CA THR F 70 20.95 -13.08 -34.00
C THR F 70 21.21 -12.19 -32.79
N GLY F 71 22.19 -12.55 -31.96
CA GLY F 71 22.47 -11.80 -30.76
C GLY F 71 23.53 -10.73 -30.93
N SER F 72 23.49 -9.75 -30.04
CA SER F 72 24.49 -8.69 -30.03
C SER F 72 25.85 -9.24 -29.64
N GLU F 73 26.89 -8.47 -29.97
CA GLU F 73 28.23 -8.84 -29.52
C GLU F 73 28.34 -8.84 -28.01
N ASN F 74 27.47 -8.11 -27.32
CA ASN F 74 27.36 -8.24 -25.87
C ASN F 74 26.95 -9.66 -25.50
N LEU F 75 25.91 -10.19 -26.15
CA LEU F 75 25.50 -11.56 -25.89
C LEU F 75 26.58 -12.54 -26.30
N LYS F 76 27.29 -12.27 -27.41
CA LYS F 76 28.40 -13.11 -27.80
C LYS F 76 29.53 -13.04 -26.77
N SER F 77 29.79 -11.86 -26.24
CA SER F 77 30.81 -11.73 -25.20
C SER F 77 30.43 -12.51 -23.95
N LEU F 78 29.16 -12.43 -23.55
CA LEU F 78 28.69 -13.22 -22.40
C LEU F 78 28.78 -14.71 -22.70
N PHE F 79 28.35 -15.12 -23.89
CA PHE F 79 28.46 -16.53 -24.28
C PHE F 79 29.92 -16.99 -24.27
N ASN F 80 30.82 -16.15 -24.79
CA ASN F 80 32.22 -16.51 -24.82
C ASN F 80 32.83 -16.56 -23.42
N THR F 81 32.49 -15.57 -22.58
CA THR F 81 33.03 -15.55 -21.23
C THR F 81 32.54 -16.73 -20.41
N VAL F 82 31.26 -17.10 -20.56
CA VAL F 82 30.73 -18.26 -19.87
C VAL F 82 31.46 -19.52 -20.30
N CYS F 83 31.87 -19.58 -21.58
CA CYS F 83 32.67 -20.72 -22.04
C CYS F 83 34.02 -20.76 -21.33
N VAL F 84 34.60 -19.59 -21.06
CA VAL F 84 35.89 -19.55 -20.36
C VAL F 84 35.72 -19.95 -18.91
N ILE F 85 34.66 -19.45 -18.25
CA ILE F 85 34.42 -19.79 -16.85
C ILE F 85 34.13 -21.28 -16.72
N TRP F 86 33.45 -21.86 -17.71
CA TRP F 86 33.15 -23.29 -17.68
C TRP F 86 34.44 -24.11 -17.70
N CYS F 87 35.37 -23.78 -18.60
CA CYS F 87 36.63 -24.49 -18.67
C CYS F 87 37.43 -24.35 -17.38
N LEU F 88 37.31 -23.21 -16.70
CA LEU F 88 37.96 -23.04 -15.41
C LEU F 88 37.34 -23.96 -14.37
N HIS F 89 36.01 -24.00 -14.29
CA HIS F 89 35.34 -24.93 -13.39
C HIS F 89 35.63 -26.38 -13.79
N ALA F 90 35.63 -26.67 -15.09
CA ALA F 90 35.90 -28.01 -15.58
C ALA F 90 37.36 -28.40 -15.46
N GLU F 91 38.23 -27.47 -15.06
CA GLU F 91 39.67 -27.73 -14.94
C GLU F 91 40.26 -28.18 -16.28
N GLU F 92 39.78 -27.57 -17.36
CA GLU F 92 40.33 -27.79 -18.69
C GLU F 92 41.22 -26.62 -19.07
N LYS F 93 42.44 -26.92 -19.50
CA LYS F 93 43.43 -25.90 -19.80
C LYS F 93 43.16 -25.31 -21.19
N VAL F 94 42.95 -23.99 -21.25
CA VAL F 94 42.72 -23.30 -22.50
C VAL F 94 43.68 -22.11 -22.59
N LYS F 95 43.98 -21.70 -23.81
CA LYS F 95 44.89 -20.58 -24.06
C LYS F 95 44.18 -19.29 -24.40
N ASP F 96 42.98 -19.36 -24.99
CA ASP F 96 42.28 -18.17 -25.44
C ASP F 96 40.79 -18.40 -25.37
N THR F 97 40.02 -17.40 -25.82
CA THR F 97 38.56 -17.47 -25.74
C THR F 97 38.01 -18.54 -26.66
N GLU F 98 38.49 -18.59 -27.91
CA GLU F 98 37.93 -19.52 -28.88
C GLU F 98 38.37 -20.96 -28.62
N GLU F 99 39.41 -21.17 -27.82
CA GLU F 99 39.73 -22.53 -27.39
C GLU F 99 38.74 -23.00 -26.32
N ALA F 100 38.42 -22.13 -25.35
CA ALA F 100 37.36 -22.44 -24.41
C ALA F 100 36.00 -22.51 -25.08
N LYS F 101 35.80 -21.71 -26.13
CA LYS F 101 34.57 -21.79 -26.91
C LYS F 101 34.38 -23.18 -27.48
N LYS F 102 35.45 -23.78 -28.02
CA LYS F 102 35.34 -25.11 -28.63
C LYS F 102 35.13 -26.18 -27.58
N LEU F 103 35.78 -26.05 -26.42
CA LEU F 103 35.66 -27.08 -25.39
C LEU F 103 34.30 -27.05 -24.72
N ALA F 104 33.83 -25.85 -24.36
CA ALA F 104 32.51 -25.74 -23.73
C ALA F 104 31.39 -26.13 -24.68
N GLN F 105 31.56 -25.87 -25.98
CA GLN F 105 30.55 -26.27 -26.96
C GLN F 105 30.64 -27.75 -27.28
N ARG F 106 31.84 -28.33 -27.27
CA ARG F 106 31.98 -29.76 -27.49
C ARG F 106 31.25 -30.55 -26.41
N HIS F 107 31.30 -30.07 -25.16
CA HIS F 107 30.51 -30.68 -24.10
C HIS F 107 29.04 -30.33 -24.24
N LEU F 108 28.73 -29.13 -24.73
CA LEU F 108 27.33 -28.74 -24.92
C LEU F 108 26.69 -29.53 -26.05
N VAL F 109 27.41 -29.74 -27.15
CA VAL F 109 26.88 -30.52 -28.25
C VAL F 109 26.73 -31.99 -27.87
N ALA F 110 27.73 -32.53 -27.17
CA ALA F 110 27.63 -33.90 -26.68
C ALA F 110 26.53 -34.07 -25.64
N GLU F 111 26.09 -32.97 -25.01
CA GLU F 111 24.98 -33.01 -24.07
C GLU F 111 23.62 -32.89 -24.75
N THR F 112 23.60 -32.60 -26.05
CA THR F 112 22.34 -32.39 -26.75
C THR F 112 21.52 -33.68 -26.79
N GLY F 113 20.25 -33.57 -26.45
CA GLY F 113 19.35 -34.71 -26.50
C GLY F 113 19.62 -35.74 -25.42
N LEU G 8 18.14 -16.26 42.36
CA LEU G 8 16.70 -16.44 42.53
C LEU G 8 16.42 -17.12 43.86
N ARG G 9 15.57 -16.50 44.67
CA ARG G 9 15.30 -17.02 46.01
C ARG G 9 13.96 -16.50 46.50
N GLY G 10 13.29 -17.34 47.29
CA GLY G 10 12.07 -16.96 47.99
C GLY G 10 10.95 -16.44 47.11
N LYS G 11 10.79 -15.11 47.09
CA LYS G 11 9.67 -14.50 46.39
C LYS G 11 9.75 -14.78 44.89
N LYS G 12 10.90 -14.51 44.28
CA LYS G 12 11.06 -14.78 42.85
C LYS G 12 11.00 -16.28 42.54
N ALA G 13 11.27 -17.13 43.53
CA ALA G 13 11.11 -18.56 43.32
C ALA G 13 9.63 -18.95 43.32
N ASP G 14 8.83 -18.34 44.19
CA ASP G 14 7.40 -18.58 44.18
C ASP G 14 6.77 -18.14 42.86
N GLU G 15 7.18 -16.97 42.36
CA GLU G 15 6.63 -16.45 41.11
C GLU G 15 7.02 -17.33 39.93
N LEU G 16 8.24 -17.89 39.96
CA LEU G 16 8.66 -18.76 38.87
C LEU G 16 7.80 -20.02 38.81
N GLU G 17 7.48 -20.60 39.96
CA GLU G 17 6.70 -21.82 40.01
C GLU G 17 5.27 -21.64 39.56
N LYS G 18 4.87 -20.43 39.15
CA LYS G 18 3.58 -20.19 38.52
C LYS G 18 3.73 -19.94 37.03
N VAL G 19 4.88 -20.28 36.45
CA VAL G 19 5.16 -20.12 35.03
C VAL G 19 5.17 -21.50 34.40
N ARG G 20 4.47 -21.65 33.29
CA ARG G 20 4.34 -22.94 32.63
C ARG G 20 5.57 -23.26 31.80
N LEU G 21 5.87 -24.56 31.71
CA LEU G 21 6.95 -25.01 30.84
C LEU G 21 6.62 -24.80 29.37
N ARG G 22 5.34 -24.91 29.02
CA ARG G 22 4.88 -24.74 27.65
C ARG G 22 3.61 -23.90 27.67
N PRO G 23 3.33 -23.15 26.60
CA PRO G 23 2.20 -22.20 26.64
C PRO G 23 0.86 -22.85 26.92
N GLY G 24 0.67 -24.11 26.54
CA GLY G 24 -0.62 -24.76 26.74
C GLY G 24 -0.54 -25.99 27.62
N GLY G 25 0.60 -26.23 28.24
CA GLY G 25 0.78 -27.40 29.07
C GLY G 25 0.20 -27.23 30.47
N LYS G 26 0.52 -28.19 31.32
CA LYS G 26 0.16 -28.17 32.73
C LYS G 26 1.35 -28.11 33.66
N LYS G 27 2.48 -28.69 33.27
CA LYS G 27 3.69 -28.62 34.10
C LYS G 27 4.14 -27.18 34.27
N LYS G 28 4.59 -26.85 35.46
CA LYS G 28 5.09 -25.52 35.79
C LYS G 28 6.57 -25.61 36.14
N TYR G 29 7.22 -24.46 36.21
CA TYR G 29 8.64 -24.41 36.49
C TYR G 29 8.93 -24.79 37.94
N ARG G 30 10.05 -25.48 38.15
CA ARG G 30 10.42 -26.01 39.46
C ARG G 30 11.85 -25.58 39.79
N LEU G 31 12.31 -25.96 40.98
CA LEU G 31 13.66 -25.63 41.39
C LEU G 31 14.71 -26.31 40.52
N LYS G 32 14.42 -27.54 40.08
CA LYS G 32 15.36 -28.29 39.25
C LYS G 32 15.64 -27.59 37.93
N HIS G 33 14.74 -26.72 37.46
CA HIS G 33 14.97 -26.02 36.20
C HIS G 33 16.08 -24.99 36.34
N ILE G 34 16.11 -24.26 37.46
CA ILE G 34 17.22 -23.34 37.71
C ILE G 34 18.51 -24.11 37.93
N VAL G 35 18.43 -25.25 38.63
CA VAL G 35 19.61 -26.06 38.88
C VAL G 35 20.23 -26.53 37.57
N TRP G 36 19.39 -26.96 36.63
CA TRP G 36 19.89 -27.39 35.33
C TRP G 36 20.43 -26.20 34.53
N ALA G 37 19.77 -25.05 34.63
CA ALA G 37 20.20 -23.88 33.87
C ALA G 37 21.56 -23.39 34.34
N ALA G 38 21.74 -23.25 35.66
CA ALA G 38 23.02 -22.76 36.18
C ALA G 38 24.14 -23.74 35.88
N ASN G 39 23.87 -25.04 35.98
CA ASN G 39 24.89 -26.03 35.65
C ASN G 39 25.25 -25.97 34.17
N GLU G 40 24.27 -25.71 33.32
CA GLU G 40 24.53 -25.59 31.89
C GLU G 40 25.34 -24.34 31.57
N LEU G 41 25.12 -23.26 32.32
CA LEU G 41 25.91 -22.05 32.13
C LEU G 41 27.39 -22.31 32.38
N ASP G 42 27.71 -23.23 33.29
CA ASP G 42 29.10 -23.57 33.57
C ASP G 42 29.78 -24.13 32.33
N LYS G 43 29.05 -24.92 31.53
CA LYS G 43 29.60 -25.44 30.28
C LYS G 43 29.88 -24.35 29.26
N PHE G 44 29.29 -23.17 29.45
CA PHE G 44 29.49 -22.03 28.56
C PHE G 44 30.48 -21.02 29.12
N GLY G 45 31.00 -21.25 30.32
CA GLY G 45 31.82 -20.27 30.99
C GLY G 45 31.07 -19.10 31.58
N LEU G 46 29.75 -19.09 31.47
CA LEU G 46 28.94 -17.99 32.00
C LEU G 46 28.80 -18.13 33.51
N ALA G 47 29.00 -17.03 34.22
CA ALA G 47 28.84 -17.03 35.67
C ALA G 47 27.38 -17.27 36.05
N GLU G 48 27.15 -18.20 36.98
CA GLU G 48 25.78 -18.50 37.38
C GLU G 48 25.14 -17.38 38.17
N SER G 49 25.94 -16.46 38.74
CA SER G 49 25.39 -15.30 39.42
C SER G 49 24.69 -14.34 38.46
N LEU G 50 24.89 -14.50 37.15
CA LEU G 50 24.19 -13.65 36.18
C LEU G 50 22.68 -13.88 36.24
N LEU G 51 22.25 -15.09 36.62
CA LEU G 51 20.83 -15.39 36.73
C LEU G 51 20.15 -14.58 37.82
N GLU G 52 20.90 -13.96 38.71
CA GLU G 52 20.34 -13.25 39.86
C GLU G 52 19.96 -11.81 39.55
N SER G 53 20.06 -11.38 38.29
CA SER G 53 19.80 -9.98 37.96
C SER G 53 19.18 -9.88 36.58
N LYS G 54 18.29 -8.90 36.42
CA LYS G 54 17.76 -8.57 35.10
C LYS G 54 18.86 -8.18 34.14
N GLU G 55 19.92 -7.55 34.65
CA GLU G 55 21.05 -7.15 33.80
C GLU G 55 21.95 -8.34 33.49
N GLY G 56 22.16 -9.23 34.46
CA GLY G 56 22.92 -10.45 34.20
C GLY G 56 22.17 -11.41 33.31
N CYS G 57 20.84 -11.38 33.34
CA CYS G 57 20.07 -12.19 32.40
C CYS G 57 20.18 -11.63 30.99
N GLN G 58 20.17 -10.30 30.86
CA GLN G 58 20.38 -9.67 29.56
C GLN G 58 21.70 -10.12 28.94
N LYS G 59 22.75 -10.25 29.76
CA LYS G 59 24.04 -10.68 29.25
C LYS G 59 23.99 -12.10 28.73
N ILE G 60 23.32 -13.00 29.48
CA ILE G 60 23.20 -14.39 29.04
C ILE G 60 22.46 -14.47 27.72
N LEU G 61 21.35 -13.73 27.60
CA LEU G 61 20.54 -13.79 26.39
C LEU G 61 21.28 -13.22 25.19
N ARG G 62 22.04 -12.14 25.40
CA ARG G 62 22.86 -11.59 24.31
C ARG G 62 23.89 -12.60 23.83
N VAL G 63 24.41 -13.44 24.74
CA VAL G 63 25.40 -14.44 24.36
C VAL G 63 24.74 -15.58 23.58
N LEU G 64 23.53 -15.96 23.96
CA LEU G 64 22.88 -17.13 23.40
C LEU G 64 22.10 -16.86 22.12
N ASP G 65 21.69 -15.61 21.88
CA ASP G 65 20.83 -15.31 20.75
C ASP G 65 21.39 -15.73 19.39
N PRO G 66 22.67 -15.50 19.04
CA PRO G 66 23.15 -15.94 17.73
C PRO G 66 23.18 -17.45 17.54
N LEU G 67 22.81 -18.23 18.56
CA LEU G 67 22.73 -19.68 18.44
C LEU G 67 21.31 -20.23 18.55
N VAL G 68 20.33 -19.39 18.88
CA VAL G 68 18.98 -19.89 19.11
C VAL G 68 18.34 -20.49 17.85
N PRO G 69 18.31 -19.79 16.71
CA PRO G 69 17.59 -20.37 15.55
C PRO G 69 18.18 -21.69 15.08
N THR G 70 19.42 -21.99 15.44
CA THR G 70 20.08 -23.22 15.07
C THR G 70 20.30 -24.16 16.24
N GLY G 71 19.96 -23.74 17.45
CA GLY G 71 20.44 -24.43 18.63
C GLY G 71 19.74 -25.73 18.93
N SER G 72 20.41 -26.54 19.75
CA SER G 72 19.85 -27.79 20.23
C SER G 72 18.67 -27.54 21.15
N GLU G 73 17.89 -28.60 21.38
CA GLU G 73 16.77 -28.51 22.32
C GLU G 73 17.27 -28.20 23.72
N ASN G 74 18.51 -28.59 24.03
CA ASN G 74 19.11 -28.20 25.31
C ASN G 74 19.44 -26.72 25.34
N LEU G 75 19.95 -26.17 24.23
CA LEU G 75 20.27 -24.75 24.18
C LEU G 75 19.01 -23.90 24.30
N LYS G 76 17.91 -24.35 23.72
CA LYS G 76 16.66 -23.59 23.81
C LYS G 76 16.10 -23.63 25.22
N SER G 77 16.24 -24.76 25.91
CA SER G 77 15.78 -24.84 27.30
C SER G 77 16.50 -23.83 28.18
N LEU G 78 17.83 -23.73 28.01
CA LEU G 78 18.58 -22.70 28.73
C LEU G 78 18.11 -21.31 28.35
N PHE G 79 18.03 -21.04 27.05
CA PHE G 79 17.55 -19.74 26.59
C PHE G 79 16.13 -19.46 27.08
N ASN G 80 15.27 -20.47 27.03
CA ASN G 80 13.88 -20.29 27.48
C ASN G 80 13.83 -19.97 28.98
N THR G 81 14.59 -20.72 29.78
CA THR G 81 14.53 -20.53 31.22
C THR G 81 15.10 -19.18 31.65
N VAL G 82 16.18 -18.74 30.99
CA VAL G 82 16.76 -17.44 31.33
C VAL G 82 15.81 -16.32 30.95
N CYS G 83 15.06 -16.48 29.85
CA CYS G 83 14.04 -15.51 29.49
C CYS G 83 12.97 -15.40 30.59
N VAL G 84 12.57 -16.54 31.16
CA VAL G 84 11.62 -16.50 32.26
C VAL G 84 12.22 -15.81 33.47
N ILE G 85 13.47 -16.11 33.79
CA ILE G 85 14.12 -15.48 34.93
C ILE G 85 14.26 -13.98 34.71
N TRP G 86 14.53 -13.57 33.47
CA TRP G 86 14.56 -12.14 33.15
C TRP G 86 13.23 -11.48 33.50
N CYS G 87 12.12 -12.12 33.14
CA CYS G 87 10.81 -11.55 33.42
C CYS G 87 10.53 -11.49 34.92
N LEU G 88 11.06 -12.44 35.68
CA LEU G 88 10.92 -12.37 37.14
C LEU G 88 11.65 -11.16 37.70
N HIS G 89 12.92 -10.99 37.30
CA HIS G 89 13.67 -9.83 37.74
C HIS G 89 13.09 -8.54 37.19
N ALA G 90 12.68 -8.56 35.92
CA ALA G 90 12.02 -7.40 35.33
C ALA G 90 10.61 -7.19 35.88
N GLU G 91 10.08 -8.15 36.63
CA GLU G 91 8.74 -8.07 37.23
C GLU G 91 7.68 -7.82 36.15
N GLU G 92 7.72 -8.64 35.10
CA GLU G 92 6.74 -8.61 34.03
C GLU G 92 5.96 -9.93 34.08
N LYS G 93 4.68 -9.84 34.43
CA LYS G 93 3.86 -11.02 34.65
C LYS G 93 3.81 -11.92 33.42
N VAL G 94 4.47 -13.07 33.50
CA VAL G 94 4.47 -14.07 32.44
C VAL G 94 3.83 -15.33 32.98
N LYS G 95 3.00 -15.98 32.15
CA LYS G 95 2.29 -17.18 32.57
C LYS G 95 2.83 -18.45 31.90
N ASP G 96 3.79 -18.34 30.99
CA ASP G 96 4.39 -19.50 30.36
C ASP G 96 5.72 -19.11 29.74
N THR G 97 6.41 -20.11 29.19
CA THR G 97 7.72 -19.87 28.59
C THR G 97 7.61 -19.00 27.34
N GLU G 98 6.59 -19.23 26.52
CA GLU G 98 6.46 -18.48 25.26
C GLU G 98 6.30 -16.99 25.53
N GLU G 99 5.46 -16.63 26.50
CA GLU G 99 5.27 -15.22 26.84
C GLU G 99 6.56 -14.59 27.36
N ALA G 100 7.38 -15.37 28.08
CA ALA G 100 8.63 -14.84 28.61
C ALA G 100 9.65 -14.63 27.50
N LYS G 101 9.85 -15.66 26.66
CA LYS G 101 10.73 -15.53 25.50
C LYS G 101 10.31 -14.36 24.61
N LYS G 102 9.02 -14.29 24.28
CA LYS G 102 8.49 -13.19 23.47
C LYS G 102 8.80 -11.85 24.11
N LEU G 103 8.74 -11.78 25.44
CA LEU G 103 8.89 -10.51 26.14
C LEU G 103 10.36 -10.12 26.27
N ALA G 104 11.24 -11.08 26.59
CA ALA G 104 12.65 -10.75 26.79
C ALA G 104 13.37 -10.51 25.47
N GLN G 105 13.10 -11.34 24.46
CA GLN G 105 13.66 -11.10 23.14
C GLN G 105 13.16 -9.80 22.55
N ARG G 106 11.92 -9.42 22.87
CA ARG G 106 11.42 -8.08 22.57
C ARG G 106 12.33 -7.01 23.14
N HIS G 107 12.72 -7.18 24.40
CA HIS G 107 13.62 -6.23 25.04
C HIS G 107 15.01 -6.28 24.42
N LEU G 108 15.40 -7.43 23.86
CA LEU G 108 16.68 -7.53 23.18
C LEU G 108 16.70 -6.68 21.91
N VAL G 109 15.67 -6.82 21.08
CA VAL G 109 15.64 -6.13 19.79
C VAL G 109 15.57 -4.63 19.99
N ALA G 110 14.80 -4.18 20.99
CA ALA G 110 14.69 -2.74 21.23
C ALA G 110 16.00 -2.15 21.70
N GLU G 111 16.71 -2.87 22.58
CA GLU G 111 17.96 -2.35 23.12
C GLU G 111 19.06 -2.30 22.07
N THR G 112 19.08 -3.25 21.14
CA THR G 112 20.14 -3.31 20.15
C THR G 112 20.07 -2.09 19.23
N GLY G 113 21.22 -1.70 18.70
CA GLY G 113 21.32 -0.50 17.87
C GLY G 113 22.39 -0.55 16.81
N VAL H 7 5.65 -3.09 -51.52
CA VAL H 7 5.21 -3.27 -50.13
C VAL H 7 4.41 -2.05 -49.67
N LEU H 8 5.12 -0.95 -49.41
CA LEU H 8 4.48 0.31 -49.07
C LEU H 8 4.31 1.12 -50.34
N ARG H 9 3.08 1.54 -50.62
CA ARG H 9 2.77 2.24 -51.86
C ARG H 9 1.85 3.41 -51.58
N GLY H 10 2.03 4.48 -52.33
CA GLY H 10 1.10 5.58 -52.29
C GLY H 10 1.18 6.30 -50.97
N LYS H 11 0.04 6.37 -50.27
CA LYS H 11 -0.05 7.13 -49.03
C LYS H 11 0.79 6.50 -47.91
N LYS H 12 0.90 5.18 -47.88
CA LYS H 12 1.70 4.53 -46.86
C LYS H 12 3.19 4.86 -47.01
N ALA H 13 3.65 5.07 -48.24
CA ALA H 13 5.04 5.46 -48.45
C ALA H 13 5.27 6.94 -48.13
N ASP H 14 4.28 7.80 -48.39
CA ASP H 14 4.40 9.19 -47.99
C ASP H 14 4.43 9.31 -46.47
N GLU H 15 3.61 8.52 -45.78
CA GLU H 15 3.57 8.59 -44.32
C GLU H 15 4.81 7.98 -43.69
N LEU H 16 5.40 6.98 -44.33
CA LEU H 16 6.63 6.39 -43.81
C LEU H 16 7.75 7.43 -43.75
N GLU H 17 7.92 8.20 -44.81
CA GLU H 17 8.95 9.22 -44.90
C GLU H 17 8.66 10.44 -44.02
N LYS H 18 7.66 10.34 -43.15
CA LYS H 18 7.42 11.32 -42.10
C LYS H 18 7.72 10.77 -40.71
N VAL H 19 8.27 9.55 -40.64
CA VAL H 19 8.58 8.89 -39.38
C VAL H 19 10.08 8.95 -39.17
N ARG H 20 10.50 9.48 -38.02
CA ARG H 20 11.92 9.64 -37.74
C ARG H 20 12.57 8.30 -37.42
N LEU H 21 13.86 8.18 -37.77
CA LEU H 21 14.59 6.96 -37.49
C LEU H 21 14.88 6.81 -36.00
N ARG H 22 15.07 7.91 -35.29
CA ARG H 22 15.28 7.93 -33.86
C ARG H 22 14.38 8.98 -33.23
N PRO H 23 13.98 8.79 -31.97
CA PRO H 23 12.95 9.67 -31.39
C PRO H 23 13.33 11.15 -31.37
N GLY H 24 14.61 11.47 -31.22
CA GLY H 24 15.01 12.87 -31.11
C GLY H 24 15.77 13.41 -32.30
N GLY H 25 15.97 12.58 -33.32
CA GLY H 25 16.75 12.97 -34.47
C GLY H 25 15.96 13.76 -35.49
N LYS H 26 16.60 14.00 -36.64
CA LYS H 26 15.97 14.65 -37.77
C LYS H 26 15.79 13.72 -38.96
N LYS H 27 16.68 12.75 -39.13
CA LYS H 27 16.56 11.77 -40.21
C LYS H 27 15.21 11.05 -40.14
N LYS H 28 14.60 10.85 -41.29
CA LYS H 28 13.33 10.16 -41.40
C LYS H 28 13.51 8.89 -42.21
N TYR H 29 12.49 8.04 -42.19
CA TYR H 29 12.54 6.77 -42.90
C TYR H 29 12.48 7.01 -44.41
N ARG H 30 13.07 6.06 -45.15
CA ARG H 30 13.10 6.11 -46.61
C ARG H 30 12.71 4.75 -47.17
N LEU H 31 12.59 4.70 -48.50
CA LEU H 31 12.22 3.45 -49.16
C LEU H 31 13.29 2.38 -48.97
N LYS H 32 14.56 2.77 -48.90
CA LYS H 32 15.63 1.81 -48.72
C LYS H 32 15.54 1.08 -47.38
N HIS H 33 14.83 1.66 -46.41
CA HIS H 33 14.61 0.95 -45.16
C HIS H 33 13.68 -0.24 -45.35
N ILE H 34 12.65 -0.10 -46.18
CA ILE H 34 11.77 -1.22 -46.49
C ILE H 34 12.49 -2.25 -47.34
N VAL H 35 13.31 -1.78 -48.29
CA VAL H 35 14.11 -2.69 -49.11
C VAL H 35 15.07 -3.50 -48.25
N TRP H 36 15.58 -2.90 -47.19
CA TRP H 36 16.50 -3.61 -46.30
C TRP H 36 15.76 -4.63 -45.45
N ALA H 37 14.58 -4.25 -44.93
CA ALA H 37 13.84 -5.15 -44.06
C ALA H 37 13.35 -6.38 -44.81
N ALA H 38 12.80 -6.19 -46.01
CA ALA H 38 12.32 -7.33 -46.79
C ALA H 38 13.45 -8.27 -47.14
N ASN H 39 14.63 -7.73 -47.48
CA ASN H 39 15.79 -8.56 -47.72
C ASN H 39 16.26 -9.25 -46.45
N GLU H 40 16.10 -8.58 -45.30
CA GLU H 40 16.47 -9.20 -44.03
C GLU H 40 15.51 -10.33 -43.68
N LEU H 41 14.22 -10.16 -43.96
CA LEU H 41 13.25 -11.23 -43.74
C LEU H 41 13.65 -12.50 -44.49
N ASP H 42 14.32 -12.36 -45.63
CA ASP H 42 14.78 -13.51 -46.39
C ASP H 42 15.77 -14.36 -45.59
N LYS H 43 16.51 -13.74 -44.67
CA LYS H 43 17.44 -14.49 -43.84
C LYS H 43 16.73 -15.34 -42.80
N PHE H 44 15.49 -15.01 -42.46
CA PHE H 44 14.72 -15.75 -41.48
C PHE H 44 13.76 -16.75 -42.10
N GLY H 45 13.76 -16.87 -43.42
CA GLY H 45 12.73 -17.65 -44.08
C GLY H 45 11.35 -17.04 -44.02
N LEU H 46 11.24 -15.81 -43.55
CA LEU H 46 9.94 -15.13 -43.45
C LEU H 46 9.54 -14.57 -44.81
N ALA H 47 8.25 -14.71 -45.13
CA ALA H 47 7.74 -14.18 -46.39
C ALA H 47 7.77 -12.66 -46.36
N GLU H 48 8.27 -12.05 -47.43
CA GLU H 48 8.34 -10.60 -47.50
C GLU H 48 6.97 -9.94 -47.66
N SER H 49 5.98 -10.69 -48.15
CA SER H 49 4.63 -10.16 -48.26
C SER H 49 3.98 -9.93 -46.92
N LEU H 50 4.59 -10.40 -45.83
CA LEU H 50 4.04 -10.14 -44.49
C LEU H 50 4.07 -8.66 -44.16
N LEU H 51 5.05 -7.93 -44.69
CA LEU H 51 5.15 -6.50 -44.43
C LEU H 51 3.98 -5.71 -45.01
N GLU H 52 3.18 -6.32 -45.87
CA GLU H 52 2.12 -5.61 -46.58
C GLU H 52 0.81 -5.55 -45.82
N SER H 53 0.77 -6.03 -44.58
CA SER H 53 -0.48 -6.04 -43.84
C SER H 53 -0.22 -5.88 -42.35
N LYS H 54 -1.23 -5.35 -41.65
CA LYS H 54 -1.19 -5.30 -40.20
C LYS H 54 -0.98 -6.69 -39.60
N GLU H 55 -1.73 -7.67 -40.11
CA GLU H 55 -1.65 -9.02 -39.57
C GLU H 55 -0.33 -9.70 -39.93
N GLY H 56 0.14 -9.49 -41.16
CA GLY H 56 1.45 -10.00 -41.52
C GLY H 56 2.57 -9.39 -40.72
N CYS H 57 2.41 -8.12 -40.32
CA CYS H 57 3.42 -7.48 -39.48
C CYS H 57 3.39 -8.05 -38.07
N GLN H 58 2.20 -8.30 -37.52
CA GLN H 58 2.09 -8.94 -36.21
C GLN H 58 2.75 -10.30 -36.20
N LYS H 59 2.70 -11.03 -37.32
CA LYS H 59 3.34 -12.33 -37.39
C LYS H 59 4.86 -12.20 -37.36
N ILE H 60 5.41 -11.22 -38.08
CA ILE H 60 6.86 -10.98 -38.02
C ILE H 60 7.28 -10.64 -36.60
N LEU H 61 6.50 -9.79 -35.92
CA LEU H 61 6.89 -9.34 -34.58
C LEU H 61 6.78 -10.47 -33.57
N ARG H 62 5.77 -11.35 -33.72
CA ARG H 62 5.68 -12.51 -32.84
C ARG H 62 6.86 -13.45 -33.02
N VAL H 63 7.43 -13.49 -34.23
CA VAL H 63 8.59 -14.34 -34.49
C VAL H 63 9.87 -13.68 -33.97
N LEU H 64 9.96 -12.35 -34.03
CA LEU H 64 11.19 -11.65 -33.67
C LEU H 64 11.28 -11.31 -32.19
N ASP H 65 10.14 -11.23 -31.48
CA ASP H 65 10.12 -10.76 -30.10
C ASP H 65 11.04 -11.54 -29.16
N PRO H 66 11.06 -12.88 -29.15
CA PRO H 66 11.94 -13.60 -28.21
C PRO H 66 13.42 -13.35 -28.42
N LEU H 67 13.82 -12.56 -29.43
CA LEU H 67 15.22 -12.25 -29.67
C LEU H 67 15.55 -10.79 -29.46
N VAL H 68 14.56 -9.93 -29.22
CA VAL H 68 14.82 -8.49 -29.14
C VAL H 68 15.68 -8.11 -27.93
N PRO H 69 15.41 -8.59 -26.71
CA PRO H 69 16.28 -8.20 -25.59
C PRO H 69 17.75 -8.52 -25.80
N THR H 70 18.05 -9.56 -26.58
CA THR H 70 19.42 -10.00 -26.78
C THR H 70 19.96 -9.66 -28.17
N GLY H 71 19.11 -9.15 -29.06
CA GLY H 71 19.41 -9.18 -30.47
C GLY H 71 20.42 -8.14 -30.92
N SER H 72 20.97 -8.40 -32.10
CA SER H 72 21.87 -7.48 -32.75
C SER H 72 21.12 -6.20 -33.14
N GLU H 73 21.89 -5.17 -33.48
CA GLU H 73 21.30 -3.92 -33.95
C GLU H 73 20.66 -4.09 -35.32
N ASN H 74 21.10 -5.08 -36.10
CA ASN H 74 20.44 -5.37 -37.38
C ASN H 74 19.09 -6.01 -37.15
N LEU H 75 19.03 -7.03 -36.28
CA LEU H 75 17.74 -7.62 -35.94
C LEU H 75 16.83 -6.58 -35.29
N LYS H 76 17.41 -5.69 -34.48
CA LYS H 76 16.62 -4.62 -33.87
C LYS H 76 16.11 -3.64 -34.93
N SER H 77 16.98 -3.23 -35.85
CA SER H 77 16.55 -2.34 -36.94
C SER H 77 15.42 -2.96 -37.74
N LEU H 78 15.54 -4.26 -38.05
CA LEU H 78 14.44 -4.97 -38.69
C LEU H 78 13.19 -4.94 -37.81
N PHE H 79 13.35 -5.29 -36.53
CA PHE H 79 12.22 -5.26 -35.60
C PHE H 79 11.62 -3.86 -35.52
N ASN H 80 12.47 -2.84 -35.40
CA ASN H 80 11.97 -1.46 -35.33
C ASN H 80 11.21 -1.08 -36.59
N THR H 81 11.71 -1.50 -37.76
CA THR H 81 11.07 -1.13 -39.01
C THR H 81 9.69 -1.76 -39.13
N VAL H 82 9.55 -3.04 -38.77
CA VAL H 82 8.25 -3.70 -38.86
C VAL H 82 7.24 -3.04 -37.93
N CYS H 83 7.71 -2.57 -36.77
CA CYS H 83 6.81 -1.82 -35.88
C CYS H 83 6.34 -0.54 -36.55
N VAL H 84 7.22 0.15 -37.26
CA VAL H 84 6.81 1.34 -37.99
C VAL H 84 5.83 0.98 -39.10
N ILE H 85 6.13 -0.08 -39.86
CA ILE H 85 5.23 -0.53 -40.91
C ILE H 85 3.89 -0.95 -40.33
N TRP H 86 3.89 -1.53 -39.12
CA TRP H 86 2.64 -1.93 -38.48
C TRP H 86 1.75 -0.72 -38.22
N CYS H 87 2.33 0.35 -37.67
CA CYS H 87 1.55 1.55 -37.35
C CYS H 87 0.98 2.19 -38.61
N LEU H 88 1.70 2.11 -39.73
CA LEU H 88 1.16 2.60 -41.00
C LEU H 88 -0.04 1.77 -41.43
N HIS H 89 0.09 0.43 -41.37
CA HIS H 89 -1.05 -0.43 -41.64
C HIS H 89 -2.14 -0.23 -40.59
N ALA H 90 -1.74 -0.11 -39.32
CA ALA H 90 -2.69 0.23 -38.27
C ALA H 90 -3.21 1.66 -38.39
N GLU H 91 -2.60 2.48 -39.25
CA GLU H 91 -3.05 3.84 -39.51
C GLU H 91 -3.07 4.67 -38.23
N GLU H 92 -2.11 4.42 -37.35
CA GLU H 92 -2.01 5.11 -36.08
C GLU H 92 -0.77 6.02 -36.10
N LYS H 93 -0.98 7.29 -35.75
CA LYS H 93 0.06 8.30 -35.89
C LYS H 93 1.27 7.95 -35.03
N VAL H 94 2.44 7.92 -35.66
CA VAL H 94 3.72 7.71 -34.98
C VAL H 94 4.71 8.74 -35.50
N LYS H 95 5.33 9.48 -34.57
CA LYS H 95 6.28 10.51 -34.97
C LYS H 95 7.66 9.93 -35.27
N ASP H 96 8.02 8.84 -34.62
CA ASP H 96 9.38 8.31 -34.74
C ASP H 96 9.36 6.80 -34.54
N THR H 97 10.55 6.21 -34.40
CA THR H 97 10.67 4.76 -34.33
C THR H 97 10.18 4.22 -32.98
N GLU H 98 10.77 4.71 -31.89
CA GLU H 98 10.45 4.17 -30.57
C GLU H 98 8.98 4.38 -30.19
N GLU H 99 8.32 5.37 -30.77
CA GLU H 99 6.88 5.50 -30.57
C GLU H 99 6.13 4.39 -31.30
N ALA H 100 6.58 4.04 -32.50
CA ALA H 100 5.99 2.91 -33.21
C ALA H 100 6.26 1.60 -32.48
N LYS H 101 7.44 1.46 -31.90
CA LYS H 101 7.74 0.32 -31.04
C LYS H 101 6.78 0.26 -29.86
N LYS H 102 6.56 1.41 -29.22
CA LYS H 102 5.66 1.47 -28.06
C LYS H 102 4.27 0.96 -28.42
N LEU H 103 3.80 1.27 -29.63
CA LEU H 103 2.46 0.91 -30.04
C LEU H 103 2.38 -0.55 -30.47
N ALA H 104 3.35 -1.00 -31.28
CA ALA H 104 3.30 -2.36 -31.81
C ALA H 104 3.44 -3.40 -30.70
N GLN H 105 4.43 -3.23 -29.83
CA GLN H 105 4.61 -4.16 -28.73
C GLN H 105 3.47 -4.07 -27.72
N ARG H 106 2.88 -2.87 -27.57
CA ARG H 106 1.65 -2.74 -26.79
C ARG H 106 0.57 -3.67 -27.31
N HIS H 107 0.33 -3.62 -28.61
CA HIS H 107 -0.64 -4.53 -29.23
C HIS H 107 -0.20 -5.97 -29.11
N LEU H 108 1.12 -6.21 -29.17
CA LEU H 108 1.64 -7.57 -29.05
C LEU H 108 1.34 -8.15 -27.67
N VAL H 109 1.62 -7.39 -26.62
CA VAL H 109 1.47 -7.89 -25.26
C VAL H 109 -0.01 -8.13 -24.94
N ALA H 110 -0.87 -7.22 -25.37
CA ALA H 110 -2.29 -7.33 -25.04
C ALA H 110 -2.94 -8.53 -25.72
N GLU H 111 -2.63 -8.75 -27.00
CA GLU H 111 -3.22 -9.87 -27.73
C GLU H 111 -2.79 -11.21 -27.13
N THR H 112 -1.63 -11.25 -26.50
CA THR H 112 -1.12 -12.48 -25.91
C THR H 112 -2.02 -12.92 -24.75
N GLY H 113 -2.40 -14.20 -24.77
CA GLY H 113 -3.22 -14.76 -23.71
C GLY H 113 -2.90 -16.21 -23.41
N VAL I 7 -14.79 2.14 28.41
CA VAL I 7 -13.49 2.40 29.01
C VAL I 7 -12.58 1.18 28.84
N LEU I 8 -11.49 1.36 28.09
CA LEU I 8 -10.47 0.35 27.94
C LEU I 8 -9.35 0.61 28.94
N ARG I 9 -8.33 -0.23 28.92
CA ARG I 9 -7.26 -0.14 29.91
C ARG I 9 -5.98 -0.73 29.36
N GLY I 10 -4.88 0.01 29.53
CA GLY I 10 -3.54 -0.48 29.24
C GLY I 10 -3.34 -1.03 27.85
N LYS I 11 -3.21 -2.36 27.76
CA LYS I 11 -2.87 -3.00 26.50
C LYS I 11 -3.86 -2.64 25.39
N LYS I 12 -5.16 -2.79 25.67
CA LYS I 12 -6.18 -2.45 24.68
C LYS I 12 -6.14 -0.97 24.33
N ALA I 13 -5.92 -0.12 25.35
CA ALA I 13 -5.84 1.32 25.10
C ALA I 13 -4.58 1.67 24.30
N ASP I 14 -3.45 1.04 24.61
CA ASP I 14 -2.24 1.29 23.84
C ASP I 14 -2.38 0.79 22.41
N GLU I 15 -2.97 -0.39 22.22
CA GLU I 15 -3.14 -0.93 20.88
C GLU I 15 -4.14 -0.12 20.06
N LEU I 16 -5.14 0.47 20.72
CA LEU I 16 -6.12 1.30 20.02
C LEU I 16 -5.46 2.49 19.34
N GLU I 17 -4.41 3.03 19.94
CA GLU I 17 -3.75 4.23 19.43
C GLU I 17 -2.82 3.95 18.27
N LYS I 18 -2.64 2.70 17.87
CA LYS I 18 -1.89 2.35 16.67
C LYS I 18 -2.79 2.21 15.44
N VAL I 19 -4.06 2.56 15.56
CA VAL I 19 -5.02 2.40 14.47
C VAL I 19 -5.38 3.80 13.96
N ARG I 20 -5.23 4.00 12.66
CA ARG I 20 -5.46 5.30 12.04
C ARG I 20 -6.93 5.47 11.68
N LEU I 21 -7.39 6.72 11.67
CA LEU I 21 -8.76 7.01 11.26
C LEU I 21 -8.91 6.82 9.75
N ARG I 22 -8.14 7.57 8.98
CA ARG I 22 -8.15 7.42 7.54
C ARG I 22 -7.56 6.07 7.14
N PRO I 23 -7.87 5.58 5.94
CA PRO I 23 -7.22 4.35 5.47
C PRO I 23 -5.71 4.45 5.41
N GLY I 24 -5.20 5.52 4.80
CA GLY I 24 -3.77 5.72 4.69
C GLY I 24 -3.29 7.01 5.33
N GLY I 25 -4.15 7.64 6.13
CA GLY I 25 -3.80 8.87 6.81
C GLY I 25 -2.82 8.65 7.94
N LYS I 26 -2.79 9.56 8.91
CA LYS I 26 -1.82 9.47 9.99
C LYS I 26 -2.46 9.69 11.35
N LYS I 27 -3.53 10.49 11.41
CA LYS I 27 -4.22 10.75 12.67
C LYS I 27 -4.77 9.46 13.26
N LYS I 28 -4.04 8.89 14.22
CA LYS I 28 -4.43 7.62 14.82
C LYS I 28 -5.50 7.83 15.88
N TYR I 29 -6.10 6.72 16.31
CA TYR I 29 -7.20 6.78 17.26
C TYR I 29 -6.70 7.22 18.64
N ARG I 30 -7.51 8.05 19.29
CA ARG I 30 -7.18 8.60 20.61
C ARG I 30 -8.14 8.04 21.65
N LEU I 31 -7.92 8.44 22.91
CA LEU I 31 -8.82 8.02 23.97
C LEU I 31 -10.18 8.69 23.86
N LYS I 32 -10.23 9.90 23.29
CA LYS I 32 -11.48 10.64 23.20
C LYS I 32 -12.36 10.18 22.04
N HIS I 33 -11.85 9.34 21.14
CA HIS I 33 -12.73 8.64 20.21
C HIS I 33 -13.58 7.60 20.92
N ILE I 34 -13.12 7.10 22.06
CA ILE I 34 -13.91 6.22 22.91
C ILE I 34 -14.81 7.03 23.84
N VAL I 35 -14.30 8.14 24.37
CA VAL I 35 -15.09 9.00 25.24
C VAL I 35 -16.29 9.56 24.47
N TRP I 36 -16.09 9.90 23.20
CA TRP I 36 -17.19 10.39 22.38
C TRP I 36 -18.19 9.26 22.10
N ALA I 37 -17.70 8.07 21.75
CA ALA I 37 -18.59 6.95 21.45
C ALA I 37 -19.31 6.46 22.70
N ALA I 38 -18.66 6.54 23.86
CA ALA I 38 -19.31 6.09 25.10
C ALA I 38 -20.47 7.01 25.47
N ASN I 39 -20.27 8.33 25.35
CA ASN I 39 -21.35 9.26 25.61
C ASN I 39 -22.39 9.28 24.49
N GLU I 40 -22.03 8.78 23.31
CA GLU I 40 -22.98 8.73 22.19
C GLU I 40 -23.98 7.59 22.35
N LEU I 41 -23.50 6.42 22.77
CA LEU I 41 -24.38 5.27 22.95
C LEU I 41 -25.47 5.56 23.97
N ASP I 42 -25.19 6.43 24.94
CA ASP I 42 -26.18 6.76 25.95
C ASP I 42 -27.37 7.52 25.36
N LYS I 43 -27.19 8.15 24.20
CA LYS I 43 -28.30 8.80 23.51
C LYS I 43 -29.24 7.81 22.85
N PHE I 44 -28.81 6.55 22.70
CA PHE I 44 -29.69 5.49 22.24
C PHE I 44 -30.31 4.70 23.38
N GLY I 45 -29.81 4.86 24.60
CA GLY I 45 -30.17 3.96 25.68
C GLY I 45 -29.42 2.65 25.69
N LEU I 46 -28.51 2.45 24.76
CA LEU I 46 -27.68 1.26 24.77
C LEU I 46 -26.71 1.30 25.93
N ALA I 47 -26.51 0.15 26.57
CA ALA I 47 -25.65 0.09 27.75
C ALA I 47 -24.24 0.50 27.40
N GLU I 48 -23.70 1.46 28.16
CA GLU I 48 -22.32 1.91 27.97
C GLU I 48 -21.34 0.74 28.08
N SER I 49 -21.64 -0.23 28.94
CA SER I 49 -20.75 -1.36 29.19
C SER I 49 -20.67 -2.32 28.02
N LEU I 50 -21.51 -2.17 27.00
CA LEU I 50 -21.44 -3.06 25.84
C LEU I 50 -20.13 -2.89 25.08
N LEU I 51 -19.45 -1.75 25.24
CA LEU I 51 -18.15 -1.54 24.62
C LEU I 51 -17.03 -2.32 25.30
N GLU I 52 -17.33 -3.05 26.36
CA GLU I 52 -16.32 -3.77 27.14
C GLU I 52 -16.16 -5.22 26.69
N SER I 53 -16.83 -5.65 25.62
CA SER I 53 -16.77 -7.04 25.20
C SER I 53 -17.03 -7.13 23.71
N LYS I 54 -16.36 -8.08 23.05
CA LYS I 54 -16.63 -8.34 21.64
C LYS I 54 -18.06 -8.84 21.46
N GLU I 55 -18.65 -9.44 22.48
CA GLU I 55 -20.04 -9.87 22.40
C GLU I 55 -20.97 -8.65 22.47
N GLY I 56 -20.81 -7.81 23.48
CA GLY I 56 -21.55 -6.56 23.56
C GLY I 56 -21.26 -5.62 22.42
N CYS I 57 -20.07 -5.70 21.82
CA CYS I 57 -19.77 -4.87 20.66
C CYS I 57 -20.60 -5.30 19.45
N GLN I 58 -20.63 -6.61 19.17
CA GLN I 58 -21.51 -7.11 18.11
C GLN I 58 -22.98 -6.90 18.47
N LYS I 59 -23.30 -6.90 19.77
CA LYS I 59 -24.63 -6.51 20.21
C LYS I 59 -24.91 -5.05 19.85
N ILE I 60 -23.88 -4.20 19.90
CA ILE I 60 -24.04 -2.82 19.48
C ILE I 60 -24.21 -2.74 17.96
N LEU I 61 -23.29 -3.36 17.22
CA LEU I 61 -23.32 -3.29 15.76
C LEU I 61 -24.66 -3.78 15.21
N ARG I 62 -25.25 -4.79 15.85
CA ARG I 62 -26.55 -5.29 15.41
C ARG I 62 -27.61 -4.19 15.47
N VAL I 63 -27.60 -3.39 16.53
CA VAL I 63 -28.64 -2.37 16.71
C VAL I 63 -28.40 -1.19 15.76
N LEU I 64 -27.14 -0.87 15.46
CA LEU I 64 -26.83 0.31 14.67
C LEU I 64 -26.77 0.04 13.17
N ASP I 65 -26.36 -1.16 12.75
CA ASP I 65 -26.22 -1.45 11.33
C ASP I 65 -27.43 -1.12 10.48
N PRO I 66 -28.69 -1.34 10.91
CA PRO I 66 -29.82 -0.88 10.08
C PRO I 66 -29.85 0.63 9.86
N LEU I 67 -29.25 1.40 10.77
CA LEU I 67 -29.31 2.85 10.72
C LEU I 67 -28.13 3.49 9.99
N VAL I 68 -27.19 2.69 9.48
CA VAL I 68 -25.98 3.25 8.88
C VAL I 68 -26.09 3.59 7.40
N PRO I 69 -27.01 3.02 6.60
CA PRO I 69 -27.13 3.52 5.22
C PRO I 69 -27.51 4.99 5.15
N THR I 70 -28.51 5.39 5.94
CA THR I 70 -28.98 6.77 5.95
C THR I 70 -28.45 7.57 7.13
N GLY I 71 -27.69 6.95 8.02
CA GLY I 71 -27.29 7.61 9.25
C GLY I 71 -26.36 8.78 8.99
N SER I 72 -26.43 9.75 9.89
CA SER I 72 -25.51 10.87 9.87
C SER I 72 -24.09 10.38 10.14
N GLU I 73 -23.12 11.26 9.92
CA GLU I 73 -21.74 10.90 10.24
C GLU I 73 -21.54 10.74 11.74
N ASN I 74 -22.38 11.40 12.54
CA ASN I 74 -22.37 11.13 13.97
C ASN I 74 -22.72 9.68 14.27
N LEU I 75 -23.70 9.13 13.56
CA LEU I 75 -24.04 7.73 13.74
C LEU I 75 -22.96 6.82 13.17
N LYS I 76 -22.48 7.13 11.96
CA LYS I 76 -21.46 6.30 11.34
C LYS I 76 -20.18 6.30 12.16
N SER I 77 -19.76 7.46 12.66
CA SER I 77 -18.58 7.51 13.52
C SER I 77 -18.74 6.61 14.73
N LEU I 78 -19.96 6.49 15.26
CA LEU I 78 -20.22 5.54 16.33
C LEU I 78 -20.06 4.11 15.84
N PHE I 79 -20.70 3.78 14.70
CA PHE I 79 -20.60 2.43 14.17
C PHE I 79 -19.16 2.06 13.83
N ASN I 80 -18.42 2.98 13.24
CA ASN I 80 -17.06 2.66 12.78
C ASN I 80 -16.11 2.52 13.96
N THR I 81 -16.29 3.32 15.01
CA THR I 81 -15.44 3.19 16.19
C THR I 81 -15.70 1.85 16.89
N VAL I 82 -16.97 1.44 16.98
CA VAL I 82 -17.29 0.16 17.62
C VAL I 82 -16.63 -0.99 16.87
N CYS I 83 -16.59 -0.90 15.53
CA CYS I 83 -15.88 -1.91 14.75
C CYS I 83 -14.41 -1.99 15.15
N VAL I 84 -13.79 -0.84 15.42
CA VAL I 84 -12.41 -0.83 15.89
C VAL I 84 -12.31 -1.46 17.27
N ILE I 85 -13.28 -1.17 18.14
CA ILE I 85 -13.24 -1.70 19.51
C ILE I 85 -13.44 -3.22 19.51
N TRP I 86 -14.33 -3.72 18.65
CA TRP I 86 -14.53 -5.16 18.57
C TRP I 86 -13.25 -5.86 18.12
N CYS I 87 -12.52 -5.25 17.19
CA CYS I 87 -11.24 -5.82 16.75
C CYS I 87 -10.28 -5.96 17.92
N LEU I 88 -10.28 -5.00 18.83
CA LEU I 88 -9.41 -5.08 20.01
C LEU I 88 -9.79 -6.26 20.89
N HIS I 89 -11.08 -6.42 21.16
CA HIS I 89 -11.55 -7.56 21.94
C HIS I 89 -11.34 -8.88 21.21
N ALA I 90 -11.24 -8.85 19.88
CA ALA I 90 -11.02 -10.04 19.08
C ALA I 90 -9.55 -10.35 18.85
N GLU I 91 -8.65 -9.50 19.36
CA GLU I 91 -7.20 -9.67 19.19
C GLU I 91 -6.84 -9.77 17.71
N GLU I 92 -7.41 -8.88 16.91
CA GLU I 92 -7.19 -8.88 15.47
C GLU I 92 -6.57 -7.55 15.07
N LYS I 93 -5.30 -7.59 14.69
CA LYS I 93 -4.54 -6.38 14.36
C LYS I 93 -5.04 -5.81 13.04
N VAL I 94 -5.79 -4.73 13.11
CA VAL I 94 -6.18 -3.97 11.92
C VAL I 94 -5.22 -2.80 11.77
N LYS I 95 -5.39 -2.00 10.73
CA LYS I 95 -4.57 -0.82 10.51
C LYS I 95 -5.35 0.48 10.51
N ASP I 96 -6.63 0.46 10.14
CA ASP I 96 -7.41 1.69 10.06
C ASP I 96 -8.88 1.37 10.33
N THR I 97 -9.73 2.39 10.16
CA THR I 97 -11.14 2.24 10.45
C THR I 97 -11.83 1.36 9.42
N GLU I 98 -11.52 1.55 8.13
CA GLU I 98 -12.18 0.80 7.08
C GLU I 98 -11.88 -0.69 7.19
N GLU I 99 -10.60 -1.03 7.40
CA GLU I 99 -10.23 -2.43 7.58
C GLU I 99 -10.89 -3.02 8.82
N ALA I 100 -11.09 -2.21 9.86
CA ALA I 100 -11.81 -2.66 11.04
C ALA I 100 -13.32 -2.71 10.77
N LYS I 101 -13.85 -1.70 10.08
CA LYS I 101 -15.24 -1.74 9.62
C LYS I 101 -15.53 -3.02 8.87
N LYS I 102 -14.60 -3.44 7.99
CA LYS I 102 -14.75 -4.66 7.22
C LYS I 102 -14.99 -5.86 8.14
N LEU I 103 -14.05 -6.11 9.04
CA LEU I 103 -14.05 -7.37 9.78
C LEU I 103 -15.22 -7.45 10.75
N ALA I 104 -15.43 -6.42 11.56
CA ALA I 104 -16.52 -6.45 12.52
C ALA I 104 -17.87 -6.60 11.82
N GLN I 105 -17.98 -6.13 10.58
CA GLN I 105 -19.24 -6.25 9.85
C GLN I 105 -19.41 -7.64 9.25
N ARG I 106 -18.32 -8.27 8.78
CA ARG I 106 -18.47 -9.61 8.23
C ARG I 106 -18.58 -10.68 9.32
N HIS I 107 -18.10 -10.40 10.53
CA HIS I 107 -18.48 -11.24 11.67
C HIS I 107 -19.97 -11.10 11.95
N LEU I 108 -20.50 -9.88 11.80
CA LEU I 108 -21.92 -9.65 12.04
C LEU I 108 -22.77 -10.31 10.96
N VAL I 109 -22.31 -10.28 9.71
CA VAL I 109 -23.06 -10.87 8.62
C VAL I 109 -23.11 -12.39 8.77
N ALA I 110 -22.01 -13.00 9.21
CA ALA I 110 -22.01 -14.44 9.45
C ALA I 110 -22.95 -14.83 10.58
N GLU I 111 -23.13 -13.94 11.56
CA GLU I 111 -24.05 -14.20 12.66
C GLU I 111 -25.50 -14.14 12.19
N VAL J 7 -13.23 20.29 -21.40
CA VAL J 7 -12.03 20.67 -20.68
C VAL J 7 -10.89 19.72 -21.05
N LEU J 8 -11.19 18.41 -21.03
CA LEU J 8 -10.27 17.39 -21.50
C LEU J 8 -10.98 16.52 -22.52
N ARG J 9 -10.21 15.67 -23.20
CA ARG J 9 -10.75 14.81 -24.24
C ARG J 9 -9.68 13.83 -24.68
N GLY J 10 -10.11 12.67 -25.16
CA GLY J 10 -9.19 11.72 -25.76
C GLY J 10 -8.23 11.16 -24.73
N LYS J 11 -6.92 11.27 -25.03
CA LYS J 11 -5.90 10.67 -24.18
C LYS J 11 -5.96 11.23 -22.76
N LYS J 12 -6.01 12.57 -22.63
CA LYS J 12 -6.07 13.18 -21.30
C LYS J 12 -7.32 12.76 -20.56
N ALA J 13 -8.44 12.57 -21.27
CA ALA J 13 -9.65 12.10 -20.62
C ALA J 13 -9.51 10.64 -20.18
N ASP J 14 -8.95 9.79 -21.04
CA ASP J 14 -8.71 8.41 -20.65
C ASP J 14 -7.70 8.32 -19.52
N GLU J 15 -6.66 9.15 -19.56
CA GLU J 15 -5.63 9.11 -18.52
C GLU J 15 -6.17 9.61 -17.19
N LEU J 16 -7.05 10.61 -17.22
CA LEU J 16 -7.70 11.05 -15.98
C LEU J 16 -8.49 9.91 -15.34
N GLU J 17 -9.20 9.13 -16.16
CA GLU J 17 -9.97 8.02 -15.64
C GLU J 17 -9.10 6.90 -15.11
N LYS J 18 -7.81 6.90 -15.43
CA LYS J 18 -6.89 5.90 -14.88
C LYS J 18 -6.37 6.27 -13.51
N VAL J 19 -6.69 7.47 -13.01
CA VAL J 19 -6.13 7.98 -11.77
C VAL J 19 -7.06 7.60 -10.62
N ARG J 20 -6.47 7.09 -9.54
CA ARG J 20 -7.24 6.72 -8.36
C ARG J 20 -7.59 7.94 -7.54
N LEU J 21 -8.83 7.97 -7.04
CA LEU J 21 -9.23 9.04 -6.13
C LEU J 21 -8.42 8.97 -4.84
N ARG J 22 -8.36 7.79 -4.22
CA ARG J 22 -7.62 7.49 -3.02
C ARG J 22 -6.41 6.62 -3.36
N PRO J 23 -5.33 6.68 -2.55
CA PRO J 23 -4.05 6.09 -2.98
C PRO J 23 -4.01 4.57 -3.03
N GLY J 24 -5.12 3.88 -2.76
CA GLY J 24 -5.07 2.43 -2.76
C GLY J 24 -6.30 1.72 -3.29
N GLY J 25 -7.38 2.48 -3.52
CA GLY J 25 -8.64 1.89 -3.93
C GLY J 25 -8.69 1.52 -5.39
N LYS J 26 -9.90 1.28 -5.88
CA LYS J 26 -10.17 1.01 -7.28
C LYS J 26 -11.02 2.10 -7.92
N LYS J 27 -11.86 2.78 -7.15
CA LYS J 27 -12.63 3.92 -7.62
C LYS J 27 -11.70 4.95 -8.27
N LYS J 28 -12.09 5.43 -9.45
CA LYS J 28 -11.22 6.25 -10.27
C LYS J 28 -11.93 7.54 -10.67
N TYR J 29 -11.14 8.53 -11.09
CA TYR J 29 -11.66 9.81 -11.51
C TYR J 29 -12.56 9.66 -12.73
N ARG J 30 -13.45 10.63 -12.92
CA ARG J 30 -14.46 10.55 -13.96
C ARG J 30 -14.73 11.94 -14.52
N LEU J 31 -15.58 11.98 -15.55
CA LEU J 31 -15.89 13.25 -16.21
C LEU J 31 -16.73 14.16 -15.33
N LYS J 32 -17.59 13.59 -14.48
CA LYS J 32 -18.38 14.42 -13.56
C LYS J 32 -17.50 15.13 -12.55
N HIS J 33 -16.31 14.61 -12.27
CA HIS J 33 -15.36 15.34 -11.42
C HIS J 33 -14.88 16.60 -12.11
N ILE J 34 -14.66 16.54 -13.43
CA ILE J 34 -14.23 17.71 -14.18
C ILE J 34 -15.35 18.73 -14.27
N VAL J 35 -16.59 18.26 -14.45
CA VAL J 35 -17.73 19.17 -14.49
C VAL J 35 -17.92 19.83 -13.13
N TRP J 36 -17.68 19.10 -12.05
CA TRP J 36 -17.82 19.67 -10.72
C TRP J 36 -16.74 20.71 -10.46
N ALA J 37 -15.49 20.39 -10.77
CA ALA J 37 -14.40 21.35 -10.59
C ALA J 37 -14.56 22.55 -11.50
N ALA J 38 -15.23 22.38 -12.64
CA ALA J 38 -15.46 23.52 -13.53
C ALA J 38 -16.42 24.52 -12.89
N ASN J 39 -17.52 24.04 -12.32
CA ASN J 39 -18.49 24.92 -11.68
C ASN J 39 -18.05 25.35 -10.28
N GLU J 40 -17.09 24.65 -9.68
CA GLU J 40 -16.54 25.12 -8.41
C GLU J 40 -15.74 26.40 -8.61
N LEU J 41 -15.02 26.52 -9.73
CA LEU J 41 -14.32 27.74 -10.04
C LEU J 41 -15.30 28.88 -10.30
N ASP J 42 -16.41 28.59 -10.98
CA ASP J 42 -17.41 29.60 -11.30
C ASP J 42 -18.14 30.12 -10.06
N LYS J 43 -17.95 29.48 -8.90
CA LYS J 43 -18.53 29.98 -7.67
C LYS J 43 -17.61 30.97 -6.97
N PHE J 44 -16.31 30.78 -7.06
CA PHE J 44 -15.33 31.72 -6.51
C PHE J 44 -14.95 32.80 -7.51
N GLY J 45 -15.69 32.93 -8.61
CA GLY J 45 -15.44 33.95 -9.60
C GLY J 45 -14.27 33.69 -10.52
N LEU J 46 -13.53 32.61 -10.32
CA LEU J 46 -12.35 32.33 -11.13
C LEU J 46 -12.75 31.94 -12.56
N ALA J 47 -11.76 31.99 -13.45
CA ALA J 47 -11.99 31.69 -14.87
C ALA J 47 -11.91 30.20 -15.10
N GLU J 48 -12.91 29.66 -15.81
CA GLU J 48 -12.94 28.22 -16.08
C GLU J 48 -11.83 27.79 -17.02
N SER J 49 -11.43 28.67 -17.96
CA SER J 49 -10.44 28.30 -18.95
C SER J 49 -9.04 28.10 -18.36
N LEU J 50 -8.83 28.45 -17.10
CA LEU J 50 -7.56 28.13 -16.46
C LEU J 50 -7.37 26.64 -16.24
N LEU J 51 -8.43 25.85 -16.37
CA LEU J 51 -8.36 24.39 -16.20
C LEU J 51 -7.88 23.68 -17.45
N GLU J 52 -7.49 24.40 -18.50
CA GLU J 52 -7.02 23.80 -19.74
C GLU J 52 -5.52 23.85 -19.90
N SER J 53 -4.79 24.32 -18.88
CA SER J 53 -3.35 24.48 -18.99
C SER J 53 -2.69 24.19 -17.66
N LYS J 54 -1.46 23.69 -17.71
CA LYS J 54 -0.68 23.49 -16.49
C LYS J 54 -0.34 24.80 -15.81
N GLU J 55 -0.38 25.92 -16.54
CA GLU J 55 -0.09 27.21 -15.94
C GLU J 55 -1.33 27.80 -15.26
N GLY J 56 -2.44 27.88 -16.00
CA GLY J 56 -3.68 28.33 -15.39
C GLY J 56 -4.13 27.44 -14.24
N CYS J 57 -3.80 26.15 -14.31
CA CYS J 57 -4.08 25.25 -13.20
C CYS J 57 -3.32 25.69 -11.94
N GLN J 58 -2.02 25.94 -12.08
CA GLN J 58 -1.22 26.33 -10.92
C GLN J 58 -1.50 27.76 -10.47
N LYS J 59 -2.14 28.57 -11.30
CA LYS J 59 -2.67 29.83 -10.80
C LYS J 59 -3.79 29.58 -9.80
N ILE J 60 -4.64 28.58 -10.09
CA ILE J 60 -5.65 28.16 -9.13
C ILE J 60 -4.99 27.55 -7.90
N LEU J 61 -4.01 26.67 -8.11
CA LEU J 61 -3.32 26.04 -6.99
C LEU J 61 -2.59 27.06 -6.12
N ARG J 62 -2.20 28.19 -6.71
CA ARG J 62 -1.61 29.26 -5.91
C ARG J 62 -2.67 30.02 -5.12
N VAL J 63 -3.88 30.15 -5.69
CA VAL J 63 -4.96 30.83 -5.00
C VAL J 63 -5.47 30.00 -3.84
N LEU J 64 -5.45 28.68 -3.98
CA LEU J 64 -6.07 27.82 -2.99
C LEU J 64 -5.13 27.34 -1.88
N ASP J 65 -3.81 27.50 -2.04
CA ASP J 65 -2.91 26.86 -1.09
C ASP J 65 -3.02 27.41 0.33
N PRO J 66 -3.00 28.72 0.54
CA PRO J 66 -3.18 29.31 1.86
C PRO J 66 -4.61 29.14 2.38
N LEU J 67 -5.49 28.50 1.60
CA LEU J 67 -6.84 28.19 2.05
C LEU J 67 -7.04 26.73 2.42
N VAL J 68 -6.09 25.86 2.11
CA VAL J 68 -6.20 24.42 2.33
C VAL J 68 -6.23 24.07 3.82
N PRO J 69 -5.31 24.58 4.65
CA PRO J 69 -5.29 24.15 6.07
C PRO J 69 -6.60 24.39 6.82
N THR J 70 -7.47 25.27 6.33
CA THR J 70 -8.77 25.49 6.92
C THR J 70 -9.92 25.17 5.96
N GLY J 71 -9.62 24.52 4.84
CA GLY J 71 -10.62 24.37 3.79
C GLY J 71 -11.59 23.23 4.05
N SER J 72 -12.78 23.38 3.46
CA SER J 72 -13.79 22.34 3.52
C SER J 72 -13.39 21.17 2.61
N GLU J 73 -14.22 20.13 2.61
CA GLU J 73 -13.94 18.97 1.76
C GLU J 73 -14.02 19.32 0.28
N ASN J 74 -14.90 20.27 -0.08
CA ASN J 74 -15.01 20.67 -1.47
C ASN J 74 -13.74 21.36 -1.96
N LEU J 75 -13.26 22.35 -1.20
CA LEU J 75 -12.02 23.02 -1.59
C LEU J 75 -10.85 22.03 -1.58
N LYS J 76 -10.77 21.20 -0.55
CA LYS J 76 -9.71 20.19 -0.49
C LYS J 76 -9.79 19.25 -1.69
N SER J 77 -11.00 18.88 -2.10
CA SER J 77 -11.15 18.05 -3.28
C SER J 77 -10.92 18.86 -4.56
N LEU J 78 -11.33 20.14 -4.56
CA LEU J 78 -11.08 20.99 -5.72
C LEU J 78 -9.60 21.22 -5.92
N PHE J 79 -8.89 21.63 -4.85
CA PHE J 79 -7.45 21.76 -4.92
C PHE J 79 -6.78 20.45 -5.32
N ASN J 80 -7.34 19.33 -4.88
CA ASN J 80 -6.75 18.03 -5.21
C ASN J 80 -7.09 17.61 -6.64
N THR J 81 -8.31 17.88 -7.09
CA THR J 81 -8.66 17.57 -8.48
C THR J 81 -7.82 18.39 -9.45
N VAL J 82 -7.65 19.69 -9.17
CA VAL J 82 -6.83 20.55 -10.01
C VAL J 82 -5.39 20.07 -10.01
N CYS J 83 -4.92 19.55 -8.87
CA CYS J 83 -3.58 18.96 -8.82
C CYS J 83 -3.45 17.79 -9.78
N VAL J 84 -4.50 16.98 -9.89
CA VAL J 84 -4.47 15.87 -10.85
C VAL J 84 -4.51 16.40 -12.27
N ILE J 85 -5.30 17.45 -12.51
CA ILE J 85 -5.38 18.02 -13.86
C ILE J 85 -4.05 18.61 -14.28
N TRP J 86 -3.33 19.24 -13.35
CA TRP J 86 -2.02 19.78 -13.68
C TRP J 86 -1.05 18.68 -14.10
N CYS J 87 -1.07 17.55 -13.37
CA CYS J 87 -0.17 16.45 -13.71
C CYS J 87 -0.48 15.89 -15.09
N LEU J 88 -1.74 15.91 -15.49
CA LEU J 88 -2.09 15.55 -16.87
C LEU J 88 -1.55 16.58 -17.84
N HIS J 89 -1.69 17.87 -17.52
CA HIS J 89 -1.18 18.91 -18.40
C HIS J 89 0.34 18.92 -18.43
N ALA J 90 0.98 18.77 -17.27
CA ALA J 90 2.43 18.64 -17.22
C ALA J 90 2.91 17.30 -17.78
N GLU J 91 1.99 16.41 -18.14
CA GLU J 91 2.32 15.10 -18.72
C GLU J 91 3.20 14.27 -17.80
N GLU J 92 3.06 14.47 -16.49
CA GLU J 92 3.81 13.72 -15.50
C GLU J 92 2.88 12.68 -14.88
N LYS J 93 3.21 11.40 -15.06
CA LYS J 93 2.29 10.33 -14.69
C LYS J 93 2.19 10.19 -13.17
N VAL J 94 0.95 10.12 -12.68
CA VAL J 94 0.67 9.86 -11.27
C VAL J 94 -0.31 8.70 -11.19
N LYS J 95 -0.29 8.03 -10.03
CA LYS J 95 -1.15 6.89 -9.79
C LYS J 95 -2.31 7.18 -8.86
N ASP J 96 -2.31 8.32 -8.17
CA ASP J 96 -3.41 8.67 -7.28
C ASP J 96 -3.41 10.17 -7.09
N THR J 97 -4.41 10.66 -6.34
CA THR J 97 -4.56 12.09 -6.11
C THR J 97 -3.35 12.67 -5.38
N GLU J 98 -2.85 11.96 -4.36
CA GLU J 98 -1.77 12.49 -3.55
C GLU J 98 -0.44 12.48 -4.29
N GLU J 99 -0.21 11.49 -5.15
CA GLU J 99 0.98 11.54 -6.01
C GLU J 99 0.92 12.73 -6.94
N ALA J 100 -0.28 13.11 -7.40
CA ALA J 100 -0.43 14.35 -8.15
C ALA J 100 -0.25 15.57 -7.27
N LYS J 101 -0.67 15.47 -6.00
CA LYS J 101 -0.47 16.57 -5.07
C LYS J 101 1.02 16.83 -4.85
N LYS J 102 1.78 15.77 -4.55
CA LYS J 102 3.21 15.93 -4.31
C LYS J 102 3.94 16.43 -5.55
N LEU J 103 3.38 16.20 -6.74
CA LEU J 103 4.00 16.65 -7.97
C LEU J 103 3.58 18.05 -8.35
N ALA J 104 2.36 18.45 -8.01
CA ALA J 104 1.90 19.80 -8.29
C ALA J 104 2.46 20.81 -7.29
N GLN J 105 2.59 20.41 -6.02
CA GLN J 105 3.12 21.32 -5.01
C GLN J 105 4.63 21.47 -5.10
N ARG J 106 5.33 20.41 -5.53
CA ARG J 106 6.76 20.54 -5.83
C ARG J 106 6.99 21.62 -6.88
N HIS J 107 6.05 21.77 -7.81
CA HIS J 107 6.08 22.82 -8.82
C HIS J 107 5.43 24.11 -8.34
N LEU J 108 5.31 24.30 -7.02
CA LEU J 108 4.76 25.53 -6.46
C LEU J 108 5.78 26.22 -5.57
N ASN K 5 -8.24 9.06 -30.93
CA ASN K 5 -9.49 8.31 -30.92
C ASN K 5 -10.47 8.91 -29.92
N SER K 6 -10.87 10.16 -30.14
CA SER K 6 -11.90 10.81 -29.35
C SER K 6 -13.28 10.37 -29.85
N VAL K 7 -13.54 9.06 -29.68
CA VAL K 7 -14.70 8.44 -30.32
C VAL K 7 -16.00 9.09 -29.85
N LEU K 8 -16.08 9.41 -28.56
CA LEU K 8 -17.21 10.15 -28.02
C LEU K 8 -16.69 11.39 -27.30
N ARG K 9 -17.32 12.54 -27.58
CA ARG K 9 -17.00 13.78 -26.91
C ARG K 9 -18.31 14.53 -26.66
N GLY K 10 -18.20 15.67 -25.97
CA GLY K 10 -19.36 16.47 -25.65
C GLY K 10 -20.20 15.86 -24.55
N LYS K 11 -21.49 16.22 -24.56
CA LYS K 11 -22.41 15.72 -23.55
C LYS K 11 -22.54 14.20 -23.61
N LYS K 12 -22.38 13.61 -24.80
CA LYS K 12 -22.50 12.17 -24.94
C LYS K 12 -21.49 11.43 -24.07
N ALA K 13 -20.24 11.88 -24.08
CA ALA K 13 -19.22 11.26 -23.23
C ALA K 13 -19.59 11.40 -21.76
N ASP K 14 -20.17 12.53 -21.38
CA ASP K 14 -20.67 12.68 -20.01
C ASP K 14 -21.91 11.83 -19.78
N GLU K 15 -22.76 11.69 -20.81
CA GLU K 15 -23.97 10.87 -20.66
C GLU K 15 -23.63 9.39 -20.60
N LEU K 16 -22.53 8.98 -21.23
CA LEU K 16 -22.11 7.58 -21.18
C LEU K 16 -21.82 7.13 -19.75
N GLU K 17 -21.28 8.04 -18.93
CA GLU K 17 -20.79 7.69 -17.61
C GLU K 17 -21.88 7.67 -16.55
N LYS K 18 -23.11 8.04 -16.89
CA LYS K 18 -24.24 7.89 -16.00
C LYS K 18 -25.04 6.62 -16.29
N VAL K 19 -24.61 5.83 -17.27
CA VAL K 19 -25.26 4.57 -17.62
C VAL K 19 -24.60 3.45 -16.83
N ARG K 20 -25.41 2.72 -16.07
CA ARG K 20 -24.89 1.64 -15.24
C ARG K 20 -24.67 0.38 -16.08
N LEU K 21 -23.56 -0.30 -15.82
CA LEU K 21 -23.23 -1.52 -16.55
C LEU K 21 -24.28 -2.60 -16.32
N ARG K 22 -24.39 -3.07 -15.08
CA ARG K 22 -25.38 -4.11 -14.86
C ARG K 22 -26.64 -3.53 -14.23
N PRO K 23 -27.81 -4.03 -14.62
CA PRO K 23 -29.07 -3.51 -14.04
C PRO K 23 -29.14 -3.81 -12.56
N GLY K 24 -29.20 -2.76 -11.76
CA GLY K 24 -29.19 -2.87 -10.31
C GLY K 24 -27.86 -2.60 -9.66
N GLY K 25 -26.82 -2.31 -10.43
CA GLY K 25 -25.51 -2.02 -9.90
C GLY K 25 -25.25 -0.52 -9.78
N LYS K 26 -24.01 -0.19 -9.43
CA LYS K 26 -23.57 1.18 -9.31
C LYS K 26 -22.39 1.53 -10.21
N LYS K 27 -21.57 0.54 -10.58
CA LYS K 27 -20.50 0.76 -11.54
C LYS K 27 -21.08 1.20 -12.87
N LYS K 28 -20.67 2.37 -13.34
CA LYS K 28 -21.16 2.93 -14.59
C LYS K 28 -20.05 2.90 -15.65
N TYR K 29 -20.43 3.25 -16.87
CA TYR K 29 -19.52 3.12 -18.00
C TYR K 29 -18.39 4.13 -17.91
N ARG K 30 -17.18 3.67 -18.19
CA ARG K 30 -15.98 4.48 -18.25
C ARG K 30 -15.56 4.69 -19.71
N LEU K 31 -14.54 5.54 -19.89
CA LEU K 31 -13.93 5.69 -21.20
C LEU K 31 -13.14 4.44 -21.61
N LYS K 32 -12.68 3.66 -20.63
CA LYS K 32 -11.96 2.42 -20.95
C LYS K 32 -12.87 1.39 -21.62
N HIS K 33 -14.19 1.54 -21.50
CA HIS K 33 -15.11 0.63 -22.17
C HIS K 33 -15.26 0.99 -23.64
N ILE K 34 -15.32 2.28 -23.96
CA ILE K 34 -15.35 2.69 -25.36
C ILE K 34 -14.04 2.31 -26.05
N VAL K 35 -12.91 2.52 -25.36
CA VAL K 35 -11.62 2.13 -25.90
C VAL K 35 -11.58 0.63 -26.14
N TRP K 36 -12.10 -0.15 -25.19
CA TRP K 36 -12.14 -1.60 -25.34
C TRP K 36 -13.05 -2.01 -26.50
N ALA K 37 -14.17 -1.31 -26.66
CA ALA K 37 -15.11 -1.65 -27.73
C ALA K 37 -14.49 -1.44 -29.11
N ALA K 38 -13.83 -0.30 -29.30
CA ALA K 38 -13.19 -0.03 -30.59
C ALA K 38 -12.04 -1.00 -30.86
N ASN K 39 -11.42 -1.54 -29.81
CA ASN K 39 -10.34 -2.49 -30.02
C ASN K 39 -10.86 -3.84 -30.47
N GLU K 40 -12.02 -4.26 -29.92
CA GLU K 40 -12.61 -5.52 -30.35
C GLU K 40 -13.16 -5.43 -31.77
N LEU K 41 -13.61 -4.23 -32.18
CA LEU K 41 -14.08 -4.06 -33.55
C LEU K 41 -12.97 -4.31 -34.56
N ASP K 42 -11.75 -3.87 -34.24
CA ASP K 42 -10.62 -4.06 -35.15
C ASP K 42 -10.32 -5.53 -35.38
N LYS K 43 -10.70 -6.41 -34.45
CA LYS K 43 -10.52 -7.85 -34.65
C LYS K 43 -11.54 -8.43 -35.61
N PHE K 44 -12.60 -7.70 -35.94
CA PHE K 44 -13.61 -8.13 -36.90
C PHE K 44 -13.38 -7.58 -38.29
N GLY K 45 -12.43 -6.67 -38.47
CA GLY K 45 -12.32 -5.92 -39.70
C GLY K 45 -13.30 -4.78 -39.82
N LEU K 46 -14.13 -4.55 -38.81
CA LEU K 46 -15.04 -3.41 -38.82
C LEU K 46 -14.27 -2.11 -38.60
N ALA K 47 -14.93 -1.01 -38.94
CA ALA K 47 -14.32 0.31 -38.84
C ALA K 47 -14.60 0.93 -37.47
N GLU K 48 -13.54 1.42 -36.82
CA GLU K 48 -13.71 2.13 -35.55
C GLU K 48 -14.56 3.38 -35.72
N SER K 49 -14.64 3.94 -36.92
CA SER K 49 -15.49 5.08 -37.19
C SER K 49 -16.98 4.73 -37.15
N LEU K 50 -17.33 3.44 -37.12
CA LEU K 50 -18.73 3.06 -37.04
C LEU K 50 -19.35 3.46 -35.69
N LEU K 51 -18.53 3.54 -34.65
CA LEU K 51 -19.01 3.95 -33.33
C LEU K 51 -19.32 5.44 -33.25
N GLU K 52 -19.15 6.19 -34.34
CA GLU K 52 -19.33 7.63 -34.33
C GLU K 52 -20.74 8.06 -34.70
N SER K 53 -21.60 7.15 -35.15
CA SER K 53 -22.96 7.48 -35.53
C SER K 53 -23.89 6.35 -35.12
N LYS K 54 -25.19 6.67 -35.03
CA LYS K 54 -26.17 5.63 -34.76
C LYS K 54 -26.38 4.71 -35.94
N GLU K 55 -26.16 5.21 -37.16
CA GLU K 55 -26.29 4.37 -38.34
C GLU K 55 -25.12 3.40 -38.45
N GLY K 56 -23.90 3.90 -38.25
CA GLY K 56 -22.74 3.03 -38.26
C GLY K 56 -22.76 1.99 -37.16
N CYS K 57 -23.37 2.31 -36.02
CA CYS K 57 -23.53 1.33 -34.96
C CYS K 57 -24.55 0.26 -35.33
N GLN K 58 -25.56 0.61 -36.12
CA GLN K 58 -26.51 -0.39 -36.59
C GLN K 58 -25.85 -1.36 -37.56
N LYS K 59 -24.84 -0.90 -38.30
CA LYS K 59 -24.05 -1.82 -39.12
C LYS K 59 -23.33 -2.85 -38.26
N ILE K 60 -22.83 -2.42 -37.09
CA ILE K 60 -22.18 -3.34 -36.16
C ILE K 60 -23.18 -4.33 -35.60
N LEU K 61 -24.32 -3.83 -35.10
CA LEU K 61 -25.31 -4.70 -34.47
C LEU K 61 -25.88 -5.71 -35.46
N ARG K 62 -26.02 -5.32 -36.72
CA ARG K 62 -26.54 -6.26 -37.72
C ARG K 62 -25.54 -7.37 -38.02
N VAL K 63 -24.25 -7.08 -37.92
CA VAL K 63 -23.24 -8.12 -38.13
C VAL K 63 -23.10 -8.99 -36.88
N LEU K 64 -23.31 -8.43 -35.69
CA LEU K 64 -23.15 -9.16 -34.45
C LEU K 64 -24.43 -9.87 -33.99
N ASP K 65 -25.59 -9.40 -34.44
CA ASP K 65 -26.85 -10.01 -34.01
C ASP K 65 -26.93 -11.51 -34.27
N PRO K 66 -26.52 -12.05 -35.43
CA PRO K 66 -26.54 -13.52 -35.58
C PRO K 66 -25.64 -14.23 -34.58
N LEU K 67 -24.59 -13.57 -34.11
CA LEU K 67 -23.66 -14.17 -33.16
C LEU K 67 -24.09 -14.01 -31.71
N VAL K 68 -25.12 -13.18 -31.44
CA VAL K 68 -25.48 -12.87 -30.05
C VAL K 68 -25.88 -14.11 -29.26
N PRO K 69 -26.80 -14.96 -29.73
CA PRO K 69 -27.26 -16.07 -28.86
C PRO K 69 -26.15 -17.01 -28.43
N THR K 70 -25.23 -17.35 -29.34
CA THR K 70 -24.10 -18.21 -29.02
C THR K 70 -22.84 -17.41 -28.67
N GLY K 71 -22.97 -16.11 -28.48
CA GLY K 71 -21.79 -15.26 -28.40
C GLY K 71 -20.98 -15.50 -27.15
N SER K 72 -19.66 -15.42 -27.31
CA SER K 72 -18.75 -15.48 -26.17
C SER K 72 -19.00 -14.29 -25.25
N GLU K 73 -18.42 -14.38 -24.04
CA GLU K 73 -18.57 -13.29 -23.08
C GLU K 73 -18.05 -11.97 -23.63
N ASN K 74 -17.01 -12.03 -24.47
CA ASN K 74 -16.49 -10.81 -25.06
C ASN K 74 -17.38 -10.28 -26.18
N LEU K 75 -18.09 -11.16 -26.88
CA LEU K 75 -19.00 -10.69 -27.92
C LEU K 75 -20.23 -10.01 -27.33
N LYS K 76 -20.83 -10.63 -26.31
CA LYS K 76 -21.98 -10.01 -25.66
C LYS K 76 -21.63 -8.65 -25.08
N SER K 77 -20.40 -8.52 -24.56
CA SER K 77 -19.94 -7.21 -24.08
C SER K 77 -19.87 -6.20 -25.20
N LEU K 78 -19.35 -6.61 -26.36
CA LEU K 78 -19.24 -5.70 -27.50
C LEU K 78 -20.61 -5.28 -28.01
N PHE K 79 -21.48 -6.25 -28.27
CA PHE K 79 -22.83 -5.95 -28.76
C PHE K 79 -23.56 -5.02 -27.81
N ASN K 80 -23.41 -5.23 -26.50
CA ASN K 80 -24.15 -4.43 -25.53
C ASN K 80 -23.58 -3.02 -25.42
N THR K 81 -22.25 -2.88 -25.53
CA THR K 81 -21.66 -1.55 -25.49
C THR K 81 -22.08 -0.73 -26.70
N VAL K 82 -22.16 -1.37 -27.88
CA VAL K 82 -22.60 -0.66 -29.08
C VAL K 82 -24.07 -0.26 -28.95
N CYS K 83 -24.87 -1.06 -28.25
CA CYS K 83 -26.27 -0.67 -28.00
C CYS K 83 -26.34 0.61 -27.18
N VAL K 84 -25.48 0.74 -26.17
CA VAL K 84 -25.45 1.96 -25.36
C VAL K 84 -25.00 3.13 -26.22
N ILE K 85 -23.97 2.93 -27.05
CA ILE K 85 -23.50 4.00 -27.93
C ILE K 85 -24.58 4.38 -28.92
N TRP K 86 -25.33 3.40 -29.42
CA TRP K 86 -26.44 3.70 -30.32
C TRP K 86 -27.49 4.56 -29.61
N CYS K 87 -27.77 4.25 -28.34
CA CYS K 87 -28.70 5.08 -27.57
C CYS K 87 -28.16 6.49 -27.38
N LEU K 88 -26.84 6.61 -27.16
CA LEU K 88 -26.23 7.93 -27.07
C LEU K 88 -26.37 8.69 -28.38
N HIS K 89 -26.11 8.00 -29.50
CA HIS K 89 -26.21 8.66 -30.80
C HIS K 89 -27.66 8.92 -31.18
N ALA K 90 -28.55 7.96 -30.92
CA ALA K 90 -29.97 8.13 -31.23
C ALA K 90 -30.71 8.96 -30.18
N GLU K 91 -29.99 9.53 -29.20
CA GLU K 91 -30.57 10.40 -28.19
C GLU K 91 -31.68 9.69 -27.43
N GLU K 92 -31.31 8.58 -26.79
CA GLU K 92 -32.24 7.76 -26.02
C GLU K 92 -31.70 7.60 -24.61
N LYS K 93 -32.44 8.10 -23.63
CA LYS K 93 -32.01 8.02 -22.23
C LYS K 93 -32.27 6.63 -21.67
N VAL K 94 -31.22 6.00 -21.15
CA VAL K 94 -31.31 4.66 -20.57
C VAL K 94 -30.59 4.67 -19.23
N LYS K 95 -31.09 3.84 -18.31
CA LYS K 95 -30.46 3.70 -17.00
C LYS K 95 -29.31 2.70 -17.00
N ASP K 96 -29.46 1.58 -17.71
CA ASP K 96 -28.48 0.50 -17.66
C ASP K 96 -28.33 -0.11 -19.05
N THR K 97 -27.49 -1.15 -19.12
CA THR K 97 -27.20 -1.79 -20.40
C THR K 97 -28.42 -2.52 -20.95
N GLU K 98 -29.18 -3.20 -20.09
CA GLU K 98 -30.34 -3.94 -20.55
C GLU K 98 -31.38 -3.01 -21.17
N GLU K 99 -31.60 -1.85 -20.57
CA GLU K 99 -32.52 -0.87 -21.15
C GLU K 99 -32.01 -0.37 -22.50
N ALA K 100 -30.70 -0.09 -22.59
CA ALA K 100 -30.13 0.31 -23.87
C ALA K 100 -30.16 -0.83 -24.86
N LYS K 101 -29.83 -2.06 -24.42
CA LYS K 101 -29.87 -3.21 -25.29
C LYS K 101 -31.28 -3.51 -25.77
N LYS K 102 -32.29 -3.21 -24.95
CA LYS K 102 -33.67 -3.47 -25.34
C LYS K 102 -34.13 -2.53 -26.45
N LEU K 103 -33.80 -1.24 -26.33
CA LEU K 103 -34.24 -0.28 -27.33
C LEU K 103 -33.49 -0.45 -28.65
N ALA K 104 -32.18 -0.67 -28.58
CA ALA K 104 -31.40 -0.88 -29.79
C ALA K 104 -31.81 -2.16 -30.50
N GLN K 105 -32.16 -3.20 -29.73
CA GLN K 105 -32.62 -4.44 -30.33
C GLN K 105 -33.99 -4.27 -30.96
N ARG K 106 -34.91 -3.59 -30.27
CA ARG K 106 -36.24 -3.39 -30.82
C ARG K 106 -36.18 -2.60 -32.11
N HIS K 107 -35.32 -1.58 -32.18
CA HIS K 107 -35.10 -0.89 -33.44
C HIS K 107 -34.43 -1.80 -34.47
N LEU K 108 -33.69 -2.80 -34.02
CA LEU K 108 -33.06 -3.75 -34.94
C LEU K 108 -34.10 -4.69 -35.53
N VAL K 109 -34.96 -5.27 -34.69
CA VAL K 109 -36.01 -6.17 -35.17
C VAL K 109 -37.12 -5.42 -35.89
N ALA K 110 -37.18 -4.10 -35.79
CA ALA K 110 -38.24 -3.32 -36.42
C ALA K 110 -37.96 -3.00 -37.87
N GLU K 111 -36.69 -2.81 -38.24
CA GLU K 111 -36.33 -2.46 -39.62
C GLU K 111 -36.10 -3.75 -40.39
N THR K 112 -37.18 -4.31 -40.93
CA THR K 112 -37.11 -5.56 -41.67
C THR K 112 -38.31 -5.69 -42.61
N VAL L 7 -0.67 3.01 33.66
CA VAL L 7 -0.08 3.93 34.63
C VAL L 7 -1.11 5.00 35.00
N LEU L 8 -1.67 5.67 33.99
CA LEU L 8 -2.64 6.73 34.20
C LEU L 8 -3.99 6.30 33.63
N ARG L 9 -5.06 6.73 34.31
CA ARG L 9 -6.41 6.28 33.97
C ARG L 9 -7.40 7.40 34.28
N GLY L 10 -8.67 7.13 33.98
CA GLY L 10 -9.73 8.06 34.35
C GLY L 10 -9.64 9.36 33.60
N LYS L 11 -9.74 10.47 34.34
CA LYS L 11 -9.66 11.80 33.73
C LYS L 11 -8.23 12.14 33.33
N LYS L 12 -7.24 11.67 34.10
CA LYS L 12 -5.85 12.04 33.84
C LYS L 12 -5.37 11.51 32.49
N ALA L 13 -5.76 10.27 32.16
CA ALA L 13 -5.36 9.70 30.87
C ALA L 13 -5.98 10.48 29.72
N ASP L 14 -7.20 10.99 29.90
CA ASP L 14 -7.84 11.78 28.86
C ASP L 14 -7.24 13.18 28.78
N GLU L 15 -6.91 13.77 29.91
CA GLU L 15 -6.28 15.10 29.91
C GLU L 15 -4.87 15.04 29.34
N LEU L 16 -4.20 13.90 29.47
CA LEU L 16 -2.88 13.74 28.87
C LEU L 16 -2.93 13.80 27.35
N GLU L 17 -3.93 13.13 26.76
CA GLU L 17 -4.05 13.01 25.31
C GLU L 17 -4.56 14.32 24.69
N LYS L 18 -4.27 15.43 25.34
CA LYS L 18 -4.74 16.74 24.89
C LYS L 18 -3.68 17.82 25.05
N VAL L 19 -2.62 17.57 25.83
CA VAL L 19 -1.48 18.48 25.90
C VAL L 19 -0.66 18.34 24.63
N ARG L 20 -0.34 19.47 24.01
CA ARG L 20 0.44 19.46 22.77
C ARG L 20 1.91 19.20 23.05
N LEU L 21 2.56 18.47 22.15
CA LEU L 21 3.97 18.13 22.35
C LEU L 21 4.84 19.37 22.30
N ARG L 22 4.87 20.06 21.17
CA ARG L 22 5.67 21.26 21.03
C ARG L 22 4.78 22.50 21.00
N PRO L 23 5.29 23.65 21.48
CA PRO L 23 4.49 24.88 21.44
C PRO L 23 4.26 25.33 20.01
N GLY L 24 2.99 25.41 19.61
CA GLY L 24 2.62 25.79 18.27
C GLY L 24 2.28 24.64 17.34
N GLY L 25 2.36 23.40 17.81
CA GLY L 25 2.03 22.25 17.01
C GLY L 25 0.66 21.67 17.37
N LYS L 26 0.32 20.58 16.69
CA LYS L 26 -0.92 19.86 16.94
C LYS L 26 -0.70 18.52 17.62
N LYS L 27 0.36 17.81 17.25
CA LYS L 27 0.69 16.50 17.83
C LYS L 27 0.60 16.53 19.35
N LYS L 28 -0.41 15.87 19.90
CA LYS L 28 -0.63 15.84 21.34
C LYS L 28 -0.07 14.55 21.93
N TYR L 29 0.10 14.56 23.25
CA TYR L 29 0.67 13.41 23.93
C TYR L 29 -0.21 12.18 23.74
N ARG L 30 0.44 11.02 23.72
CA ARG L 30 -0.23 9.74 23.53
C ARG L 30 0.20 8.77 24.62
N LEU L 31 -0.43 7.60 24.62
CA LEU L 31 -0.07 6.57 25.58
C LEU L 31 1.33 6.03 25.33
N LYS L 32 1.74 5.97 24.06
CA LYS L 32 3.08 5.51 23.73
C LYS L 32 4.16 6.43 24.30
N HIS L 33 3.82 7.68 24.62
CA HIS L 33 4.78 8.57 25.26
C HIS L 33 4.95 8.25 26.74
N ILE L 34 3.86 7.82 27.41
CA ILE L 34 3.99 7.37 28.78
C ILE L 34 4.72 6.04 28.85
N VAL L 35 4.42 5.13 27.92
CA VAL L 35 5.13 3.85 27.85
C VAL L 35 6.61 4.08 27.61
N TRP L 36 6.94 5.02 26.71
CA TRP L 36 8.34 5.32 26.44
C TRP L 36 9.03 5.92 27.65
N ALA L 37 8.36 6.84 28.36
CA ALA L 37 8.96 7.46 29.52
C ALA L 37 9.18 6.46 30.65
N ALA L 38 8.25 5.53 30.83
CA ALA L 38 8.44 4.50 31.85
C ALA L 38 9.59 3.57 31.50
N ASN L 39 9.91 3.43 30.21
CA ASN L 39 11.01 2.57 29.80
C ASN L 39 12.36 3.25 30.03
N GLU L 40 12.44 4.55 29.74
CA GLU L 40 13.69 5.29 29.96
C GLU L 40 14.00 5.47 31.44
N LEU L 41 12.98 5.42 32.30
CA LEU L 41 13.22 5.54 33.74
C LEU L 41 13.99 4.35 34.27
N ASP L 42 13.72 3.15 33.74
CA ASP L 42 14.41 1.95 34.20
C ASP L 42 15.89 1.98 33.85
N LYS L 43 16.31 2.84 32.91
CA LYS L 43 17.72 3.04 32.65
C LYS L 43 18.43 3.79 33.78
N PHE L 44 17.67 4.39 34.70
CA PHE L 44 18.24 5.11 35.83
C PHE L 44 18.11 4.38 37.15
N GLY L 45 17.41 3.25 37.18
CA GLY L 45 17.09 2.58 38.42
C GLY L 45 15.89 3.15 39.15
N LEU L 46 15.24 4.18 38.60
CA LEU L 46 14.04 4.72 39.19
C LEU L 46 12.87 3.76 38.99
N ALA L 47 11.84 3.95 39.81
CA ALA L 47 10.67 3.09 39.78
C ALA L 47 9.61 3.69 38.86
N GLU L 48 9.03 2.85 38.00
CA GLU L 48 7.94 3.30 37.14
C GLU L 48 6.74 3.76 37.96
N SER L 49 6.61 3.26 39.19
CA SER L 49 5.55 3.69 40.09
C SER L 49 5.69 5.13 40.54
N LEU L 50 6.85 5.75 40.30
CA LEU L 50 7.02 7.16 40.67
C LEU L 50 6.14 8.07 39.81
N LEU L 51 5.81 7.65 38.59
CA LEU L 51 4.98 8.44 37.69
C LEU L 51 3.51 8.49 38.13
N GLU L 52 3.17 7.91 39.27
CA GLU L 52 1.77 7.77 39.68
C GLU L 52 1.38 8.74 40.78
N SER L 53 2.25 9.67 41.14
CA SER L 53 1.92 10.72 42.09
C SER L 53 2.73 11.95 41.75
N LYS L 54 2.26 13.11 42.24
CA LYS L 54 3.03 14.34 42.03
C LYS L 54 4.29 14.35 42.88
N GLU L 55 4.29 13.66 44.01
CA GLU L 55 5.49 13.59 44.83
C GLU L 55 6.52 12.65 44.23
N GLY L 56 6.08 11.50 43.72
CA GLY L 56 7.00 10.58 43.07
C GLY L 56 7.60 11.15 41.81
N CYS L 57 6.83 11.96 41.06
CA CYS L 57 7.38 12.63 39.89
C CYS L 57 8.37 13.72 40.29
N GLN L 58 8.14 14.37 41.44
CA GLN L 58 9.10 15.35 41.93
C GLN L 58 10.43 14.69 42.29
N LYS L 59 10.40 13.43 42.73
CA LYS L 59 11.64 12.69 42.93
C LYS L 59 12.41 12.56 41.62
N ILE L 60 11.71 12.30 40.53
CA ILE L 60 12.36 12.14 39.23
C ILE L 60 13.00 13.44 38.78
N LEU L 61 12.26 14.55 38.92
CA LEU L 61 12.77 15.83 38.42
C LEU L 61 14.03 16.25 39.16
N ARG L 62 14.05 16.12 40.48
CA ARG L 62 15.25 16.48 41.24
C ARG L 62 16.44 15.62 40.85
N VAL L 63 16.20 14.39 40.40
CA VAL L 63 17.28 13.53 39.93
C VAL L 63 17.74 13.95 38.53
N LEU L 64 16.83 14.41 37.68
CA LEU L 64 17.18 14.79 36.33
C LEU L 64 17.47 16.28 36.17
N ASP L 65 17.05 17.11 37.12
CA ASP L 65 17.31 18.55 37.05
C ASP L 65 18.78 18.90 36.84
N PRO L 66 19.75 18.30 37.55
CA PRO L 66 21.15 18.65 37.27
C PRO L 66 21.64 18.18 35.90
N LEU L 67 20.98 17.19 35.30
CA LEU L 67 21.38 16.69 34.00
C LEU L 67 20.72 17.43 32.84
N VAL L 68 19.70 18.26 33.12
CA VAL L 68 18.94 18.88 32.04
C VAL L 68 19.81 19.76 31.13
N PRO L 69 20.63 20.68 31.64
CA PRO L 69 21.33 21.61 30.71
C PRO L 69 22.19 20.90 29.67
N THR L 70 23.05 19.98 30.10
CA THR L 70 23.88 19.21 29.17
C THR L 70 23.18 17.95 28.68
N GLY L 71 21.91 17.77 29.01
CA GLY L 71 21.25 16.51 28.76
C GLY L 71 21.02 16.23 27.28
N SER L 72 20.96 14.94 26.96
CA SER L 72 20.69 14.52 25.60
C SER L 72 19.23 14.76 25.24
N GLU L 73 18.88 14.43 24.00
CA GLU L 73 17.50 14.58 23.54
C GLU L 73 16.57 13.63 24.29
N ASN L 74 17.06 12.43 24.59
CA ASN L 74 16.23 11.45 25.29
C ASN L 74 16.00 11.85 26.74
N LEU L 75 17.01 12.44 27.39
CA LEU L 75 16.82 12.90 28.76
C LEU L 75 15.88 14.10 28.81
N LYS L 76 16.09 15.07 27.93
CA LYS L 76 15.21 16.24 27.90
C LYS L 76 13.77 15.81 27.66
N SER L 77 13.55 14.86 26.76
CA SER L 77 12.20 14.36 26.53
C SER L 77 11.62 13.71 27.79
N LEU L 78 12.46 12.96 28.51
CA LEU L 78 11.99 12.32 29.74
C LEU L 78 11.60 13.36 30.79
N PHE L 79 12.51 14.30 31.08
CA PHE L 79 12.22 15.36 32.03
C PHE L 79 10.96 16.13 31.65
N ASN L 80 10.76 16.34 30.34
CA ASN L 80 9.60 17.10 29.90
C ASN L 80 8.30 16.32 30.06
N THR L 81 8.34 15.01 29.79
CA THR L 81 7.16 14.18 29.98
C THR L 81 6.78 14.09 31.45
N VAL L 82 7.77 13.93 32.33
CA VAL L 82 7.50 13.89 33.77
C VAL L 82 6.93 15.21 34.24
N CYS L 83 7.37 16.32 33.64
CA CYS L 83 6.79 17.63 33.97
C CYS L 83 5.30 17.67 33.65
N VAL L 84 4.91 17.10 32.51
CA VAL L 84 3.50 17.04 32.15
C VAL L 84 2.73 16.18 33.15
N ILE L 85 3.28 15.00 33.47
CA ILE L 85 2.61 14.09 34.39
C ILE L 85 2.47 14.73 35.77
N TRP L 86 3.52 15.44 36.22
CA TRP L 86 3.40 16.16 37.48
C TRP L 86 2.33 17.23 37.41
N CYS L 87 2.22 17.91 36.27
CA CYS L 87 1.16 18.90 36.09
C CYS L 87 -0.22 18.26 36.16
N LEU L 88 -0.34 17.01 35.69
CA LEU L 88 -1.62 16.31 35.78
C LEU L 88 -1.94 15.94 37.21
N HIS L 89 -0.97 15.36 37.92
CA HIS L 89 -1.19 14.97 39.32
C HIS L 89 -1.46 16.19 40.19
N ALA L 90 -0.70 17.25 39.99
CA ALA L 90 -0.86 18.48 40.77
C ALA L 90 -2.05 19.32 40.32
N GLU L 91 -2.87 18.79 39.41
CA GLU L 91 -4.12 19.45 38.98
C GLU L 91 -3.84 20.82 38.36
N GLU L 92 -2.86 20.86 37.46
CA GLU L 92 -2.47 22.10 36.78
C GLU L 92 -2.74 21.94 35.29
N LYS L 93 -3.56 22.82 34.74
CA LYS L 93 -3.89 22.78 33.32
C LYS L 93 -2.78 23.40 32.49
N VAL L 94 -2.41 22.73 31.41
CA VAL L 94 -1.35 23.19 30.52
C VAL L 94 -1.76 22.88 29.09
N LYS L 95 -1.35 23.75 28.16
CA LYS L 95 -1.62 23.54 26.75
C LYS L 95 -0.54 22.69 26.07
N ASP L 96 0.71 22.81 26.50
CA ASP L 96 1.79 22.12 25.84
C ASP L 96 2.89 21.81 26.85
N THR L 97 3.89 21.06 26.37
CA THR L 97 5.02 20.65 27.20
C THR L 97 5.71 21.84 27.85
N GLU L 98 5.76 22.98 27.16
CA GLU L 98 6.53 24.12 27.65
C GLU L 98 5.84 24.78 28.83
N GLU L 99 4.51 24.91 28.79
CA GLU L 99 3.77 25.36 29.96
C GLU L 99 4.01 24.44 31.16
N ALA L 100 4.26 23.16 30.90
CA ALA L 100 4.42 22.19 31.97
C ALA L 100 5.79 22.30 32.64
N LYS L 101 6.86 22.32 31.86
CA LYS L 101 8.19 22.50 32.44
C LYS L 101 8.27 23.80 33.22
N LYS L 102 7.69 24.87 32.68
CA LYS L 102 7.64 26.16 33.38
C LYS L 102 7.11 26.00 34.80
N LEU L 103 6.00 25.30 34.95
CA LEU L 103 5.35 25.19 36.24
C LEU L 103 6.10 24.21 37.16
N ALA L 104 6.52 23.07 36.61
CA ALA L 104 7.22 22.08 37.42
C ALA L 104 8.60 22.59 37.85
N GLN L 105 9.30 23.28 36.95
CA GLN L 105 10.60 23.82 37.31
C GLN L 105 10.49 24.96 38.32
N ARG L 106 9.40 25.72 38.28
CA ARG L 106 9.22 26.79 39.25
C ARG L 106 8.92 26.24 40.64
N HIS L 107 8.09 25.19 40.72
CA HIS L 107 7.93 24.48 41.98
C HIS L 107 9.21 23.75 42.36
N LEU L 108 10.03 23.40 41.38
CA LEU L 108 11.32 22.78 41.67
C LEU L 108 12.28 23.78 42.32
N VAL L 109 12.21 25.04 41.90
CA VAL L 109 13.07 26.07 42.49
C VAL L 109 12.51 26.55 43.83
N ALA L 110 11.17 26.59 43.95
CA ALA L 110 10.56 27.16 45.15
C ALA L 110 10.83 26.31 46.39
N GLU L 111 10.81 24.98 46.24
CA GLU L 111 10.90 24.09 47.40
C GLU L 111 12.32 23.61 47.61
N THR L 112 13.19 24.57 47.93
CA THR L 112 14.56 24.28 48.32
C THR L 112 14.98 25.17 49.50
N SER M 6 -40.79 14.89 -14.10
CA SER M 6 -41.87 14.00 -14.51
C SER M 6 -42.78 13.68 -13.34
N VAL M 7 -42.23 13.77 -12.12
CA VAL M 7 -43.03 13.52 -10.93
C VAL M 7 -44.08 14.60 -10.75
N LEU M 8 -43.65 15.86 -10.68
CA LEU M 8 -44.54 16.98 -10.50
C LEU M 8 -44.70 17.72 -11.82
N ARG M 9 -45.95 17.90 -12.26
CA ARG M 9 -46.23 18.58 -13.51
C ARG M 9 -47.51 19.38 -13.35
N GLY M 10 -47.63 20.43 -14.16
CA GLY M 10 -48.82 21.24 -14.14
C GLY M 10 -48.83 22.18 -12.95
N LYS M 11 -50.01 22.33 -12.34
CA LYS M 11 -50.16 23.25 -11.21
C LYS M 11 -49.34 22.82 -10.00
N LYS M 12 -49.06 21.52 -9.88
CA LYS M 12 -48.33 21.03 -8.71
C LYS M 12 -46.88 21.49 -8.72
N ALA M 13 -46.21 21.39 -9.88
CA ALA M 13 -44.83 21.85 -9.99
C ALA M 13 -44.73 23.36 -9.74
N ASP M 14 -45.72 24.11 -10.20
CA ASP M 14 -45.76 25.55 -9.92
C ASP M 14 -46.15 25.83 -8.48
N GLU M 15 -47.03 25.00 -7.90
CA GLU M 15 -47.36 25.12 -6.48
C GLU M 15 -46.16 24.79 -5.61
N LEU M 16 -45.30 23.88 -6.06
CA LEU M 16 -44.09 23.53 -5.33
C LEU M 16 -43.17 24.74 -5.17
N GLU M 17 -42.94 25.47 -6.24
CA GLU M 17 -41.99 26.58 -6.26
C GLU M 17 -42.48 27.80 -5.50
N LYS M 18 -43.60 27.68 -4.77
CA LYS M 18 -44.03 28.69 -3.83
C LYS M 18 -43.78 28.28 -2.38
N VAL M 19 -43.34 27.05 -2.14
CA VAL M 19 -43.07 26.57 -0.79
C VAL M 19 -41.64 26.94 -0.44
N ARG M 20 -41.47 27.64 0.67
CA ARG M 20 -40.15 28.11 1.09
C ARG M 20 -39.36 26.96 1.70
N LEU M 21 -38.08 26.85 1.30
CA LEU M 21 -37.22 25.77 1.79
C LEU M 21 -37.14 25.80 3.32
N ARG M 22 -37.03 26.98 3.89
CA ARG M 22 -37.01 27.19 5.33
C ARG M 22 -38.30 27.85 5.78
N PRO M 23 -38.68 27.71 7.07
CA PRO M 23 -39.92 28.32 7.55
C PRO M 23 -40.00 29.81 7.24
N GLY M 24 -39.06 30.58 7.75
CA GLY M 24 -38.93 31.97 7.38
C GLY M 24 -37.76 32.18 6.45
N GLY M 25 -38.03 32.47 5.18
CA GLY M 25 -36.95 32.68 4.23
C GLY M 25 -37.49 32.97 2.85
N LYS M 26 -36.56 33.28 1.94
CA LYS M 26 -36.89 33.68 0.58
C LYS M 26 -36.59 32.60 -0.45
N LYS M 27 -35.59 31.75 -0.21
CA LYS M 27 -35.27 30.69 -1.15
C LYS M 27 -36.30 29.57 -1.06
N LYS M 28 -36.88 29.23 -2.20
CA LYS M 28 -37.98 28.26 -2.27
C LYS M 28 -37.54 27.01 -3.01
N TYR M 29 -38.46 26.05 -3.11
CA TYR M 29 -38.15 24.77 -3.75
C TYR M 29 -38.05 24.94 -5.27
N ARG M 30 -37.29 24.05 -5.89
CA ARG M 30 -37.05 24.12 -7.32
C ARG M 30 -37.36 22.77 -7.99
N LEU M 31 -37.02 22.67 -9.28
CA LEU M 31 -37.18 21.40 -9.98
C LEU M 31 -36.06 20.43 -9.63
N LYS M 32 -34.86 20.94 -9.36
CA LYS M 32 -33.72 20.07 -9.08
C LYS M 32 -33.92 19.25 -7.80
N HIS M 33 -34.68 19.78 -6.85
CA HIS M 33 -34.93 19.04 -5.62
C HIS M 33 -35.76 17.79 -5.88
N ILE M 34 -36.72 17.88 -6.80
CA ILE M 34 -37.56 16.72 -7.10
C ILE M 34 -36.78 15.64 -7.80
N VAL M 35 -35.89 16.02 -8.72
CA VAL M 35 -35.04 15.04 -9.39
C VAL M 35 -34.02 14.47 -8.43
N TRP M 36 -33.50 15.31 -7.52
CA TRP M 36 -32.57 14.82 -6.50
C TRP M 36 -33.28 13.89 -5.53
N ALA M 37 -34.52 14.21 -5.15
CA ALA M 37 -35.30 13.32 -4.30
C ALA M 37 -35.61 12.02 -5.02
N ALA M 38 -35.71 12.05 -6.34
CA ALA M 38 -35.96 10.83 -7.10
C ALA M 38 -34.73 9.92 -7.10
N ASN M 39 -33.53 10.51 -7.17
CA ASN M 39 -32.32 9.71 -7.17
C ASN M 39 -31.97 9.18 -5.79
N GLU M 40 -32.33 9.92 -4.72
CA GLU M 40 -32.16 9.39 -3.37
C GLU M 40 -33.00 8.13 -3.18
N LEU M 41 -34.16 8.07 -3.82
CA LEU M 41 -34.99 6.87 -3.75
C LEU M 41 -34.30 5.70 -4.42
N ASP M 42 -33.77 5.91 -5.63
CA ASP M 42 -33.07 4.84 -6.34
C ASP M 42 -31.78 4.44 -5.65
N LYS M 43 -31.21 5.31 -4.81
CA LYS M 43 -30.05 4.92 -4.01
C LYS M 43 -30.43 3.83 -3.01
N PHE M 44 -31.60 3.95 -2.39
CA PHE M 44 -32.07 2.93 -1.46
C PHE M 44 -32.62 1.71 -2.17
N GLY M 45 -33.25 1.89 -3.32
CA GLY M 45 -33.95 0.85 -4.01
C GLY M 45 -35.47 0.99 -4.00
N LEU M 46 -35.99 2.17 -3.69
CA LEU M 46 -37.43 2.40 -3.62
C LEU M 46 -37.98 2.75 -4.99
N ALA M 47 -39.25 2.44 -5.20
CA ALA M 47 -39.91 2.71 -6.47
C ALA M 47 -40.00 4.22 -6.68
N GLU M 48 -39.36 4.71 -7.75
CA GLU M 48 -39.38 6.14 -8.05
C GLU M 48 -40.80 6.66 -8.26
N SER M 49 -41.70 5.82 -8.76
CA SER M 49 -43.06 6.23 -9.08
C SER M 49 -43.90 6.57 -7.85
N LEU M 50 -43.42 6.22 -6.65
CA LEU M 50 -44.17 6.54 -5.44
C LEU M 50 -44.28 8.05 -5.21
N LEU M 51 -43.37 8.84 -5.78
CA LEU M 51 -43.42 10.29 -5.63
C LEU M 51 -44.64 10.91 -6.29
N GLU M 52 -45.21 10.25 -7.30
CA GLU M 52 -46.28 10.85 -8.09
C GLU M 52 -47.64 10.80 -7.41
N SER M 53 -47.76 10.13 -6.27
CA SER M 53 -49.04 10.01 -5.59
C SER M 53 -48.91 10.45 -4.14
N LYS M 54 -50.04 10.86 -3.56
CA LYS M 54 -50.08 11.14 -2.13
C LYS M 54 -49.95 9.86 -1.30
N GLU M 55 -50.29 8.71 -1.87
CA GLU M 55 -50.18 7.44 -1.16
C GLU M 55 -48.81 6.82 -1.35
N GLY M 56 -48.24 6.88 -2.55
CA GLY M 56 -46.87 6.44 -2.74
C GLY M 56 -45.88 7.26 -1.93
N CYS M 57 -46.11 8.57 -1.86
CA CYS M 57 -45.32 9.40 -0.95
C CYS M 57 -45.56 9.01 0.49
N GLN M 58 -46.78 8.59 0.83
CA GLN M 58 -47.06 8.13 2.19
C GLN M 58 -46.35 6.81 2.47
N LYS M 59 -46.12 5.99 1.44
CA LYS M 59 -45.33 4.78 1.63
C LYS M 59 -43.89 5.11 1.98
N ILE M 60 -43.35 6.18 1.39
CA ILE M 60 -41.95 6.55 1.64
C ILE M 60 -41.79 7.10 3.04
N LEU M 61 -42.64 8.07 3.41
CA LEU M 61 -42.52 8.71 4.72
C LEU M 61 -42.71 7.70 5.84
N ARG M 62 -43.61 6.73 5.66
CA ARG M 62 -43.82 5.70 6.66
C ARG M 62 -42.55 4.88 6.87
N VAL M 63 -41.85 4.56 5.78
CA VAL M 63 -40.63 3.77 5.88
C VAL M 63 -39.50 4.57 6.49
N LEU M 64 -39.41 5.86 6.12
CA LEU M 64 -38.26 6.68 6.49
C LEU M 64 -38.39 7.34 7.87
N ASP M 65 -39.60 7.41 8.43
CA ASP M 65 -39.78 8.18 9.66
C ASP M 65 -38.99 7.61 10.85
N PRO M 66 -38.94 6.30 11.09
CA PRO M 66 -38.02 5.81 12.13
C PRO M 66 -36.58 6.18 11.89
N LEU M 67 -36.17 6.42 10.64
CA LEU M 67 -34.79 6.76 10.33
C LEU M 67 -34.47 8.24 10.52
N VAL M 68 -35.46 9.05 10.89
CA VAL M 68 -35.26 10.50 11.03
C VAL M 68 -34.37 10.85 12.20
N PRO M 69 -34.59 10.31 13.42
CA PRO M 69 -33.77 10.76 14.56
C PRO M 69 -32.27 10.55 14.38
N THR M 70 -31.86 9.49 13.68
CA THR M 70 -30.45 9.18 13.52
C THR M 70 -29.96 9.42 12.09
N GLY M 71 -30.77 10.06 11.26
CA GLY M 71 -30.42 10.22 9.86
C GLY M 71 -29.67 11.51 9.56
N SER M 72 -28.94 11.47 8.44
CA SER M 72 -28.31 12.67 7.91
C SER M 72 -29.36 13.67 7.45
N GLU M 73 -28.92 14.89 7.15
CA GLU M 73 -29.84 15.87 6.60
C GLU M 73 -30.13 15.62 5.12
N ASN M 74 -29.38 14.72 4.48
CA ASN M 74 -29.73 14.27 3.12
C ASN M 74 -31.06 13.53 3.29
N LEU M 75 -31.16 12.61 4.25
CA LEU M 75 -32.43 11.95 4.53
C LEU M 75 -33.47 12.96 5.00
N LYS M 76 -33.06 13.93 5.82
CA LYS M 76 -34.00 14.94 6.31
C LYS M 76 -34.47 15.84 5.17
N SER M 77 -33.56 16.20 4.25
CA SER M 77 -33.99 16.94 3.08
C SER M 77 -34.94 16.11 2.21
N LEU M 78 -34.61 14.83 2.03
CA LEU M 78 -35.51 13.93 1.30
C LEU M 78 -36.82 13.75 2.07
N PHE M 79 -36.74 13.56 3.39
CA PHE M 79 -37.95 13.47 4.20
C PHE M 79 -38.77 14.74 4.11
N ASN M 80 -38.10 15.89 4.01
CA ASN M 80 -38.83 17.16 3.88
C ASN M 80 -39.36 17.35 2.46
N THR M 81 -38.58 16.94 1.45
CA THR M 81 -39.04 17.07 0.07
C THR M 81 -40.28 16.21 -0.17
N VAL M 82 -40.22 14.93 0.21
CA VAL M 82 -41.38 14.06 0.07
C VAL M 82 -42.55 14.57 0.91
N CYS M 83 -42.24 15.13 2.09
CA CYS M 83 -43.28 15.77 2.89
C CYS M 83 -43.95 16.89 2.11
N VAL M 84 -43.18 17.64 1.33
CA VAL M 84 -43.74 18.72 0.54
C VAL M 84 -44.42 18.17 -0.70
N ILE M 85 -43.80 17.18 -1.36
CA ILE M 85 -44.45 16.54 -2.51
C ILE M 85 -45.80 15.96 -2.12
N TRP M 86 -45.89 15.41 -0.90
CA TRP M 86 -47.16 14.87 -0.44
C TRP M 86 -48.21 15.97 -0.27
N CYS M 87 -47.80 17.11 0.31
CA CYS M 87 -48.74 18.21 0.51
C CYS M 87 -49.32 18.69 -0.81
N LEU M 88 -48.49 18.72 -1.86
CA LEU M 88 -48.98 19.13 -3.18
C LEU M 88 -49.97 18.12 -3.74
N HIS M 89 -49.67 16.83 -3.59
CA HIS M 89 -50.61 15.80 -4.01
C HIS M 89 -51.85 15.79 -3.14
N ALA M 90 -51.70 16.12 -1.85
CA ALA M 90 -52.83 16.17 -0.93
C ALA M 90 -53.62 17.47 -1.03
N GLU M 91 -53.18 18.41 -1.86
CA GLU M 91 -53.84 19.70 -2.04
C GLU M 91 -53.92 20.48 -0.73
N GLU M 92 -52.94 20.29 0.15
CA GLU M 92 -52.83 21.04 1.40
C GLU M 92 -51.84 22.18 1.17
N LYS M 93 -52.36 23.40 1.10
CA LYS M 93 -51.54 24.58 0.77
C LYS M 93 -50.71 24.97 1.98
N VAL M 94 -49.48 24.48 2.02
CA VAL M 94 -48.51 24.87 3.02
C VAL M 94 -47.61 25.95 2.41
N LYS M 95 -46.97 26.73 3.28
CA LYS M 95 -46.13 27.83 2.83
C LYS M 95 -44.64 27.61 3.07
N ASP M 96 -44.25 26.58 3.81
CA ASP M 96 -42.84 26.32 4.06
C ASP M 96 -42.66 24.84 4.40
N THR M 97 -41.39 24.47 4.60
CA THR M 97 -41.08 23.06 4.87
C THR M 97 -41.61 22.61 6.23
N GLU M 98 -41.36 23.39 7.28
CA GLU M 98 -41.81 23.01 8.60
C GLU M 98 -43.34 23.02 8.69
N GLU M 99 -44.00 23.86 7.90
CA GLU M 99 -45.46 23.80 7.81
C GLU M 99 -45.91 22.49 7.15
N ALA M 100 -45.07 21.91 6.29
CA ALA M 100 -45.44 20.69 5.58
C ALA M 100 -45.19 19.45 6.42
N LYS M 101 -44.05 19.39 7.13
CA LYS M 101 -43.74 18.23 7.96
C LYS M 101 -44.84 17.96 8.97
N LYS M 102 -45.36 19.02 9.60
CA LYS M 102 -46.45 18.86 10.56
C LYS M 102 -47.65 18.20 9.92
N LEU M 103 -48.16 18.79 8.83
CA LEU M 103 -49.33 18.24 8.17
C LEU M 103 -49.09 16.83 7.64
N ALA M 104 -47.85 16.49 7.32
CA ALA M 104 -47.55 15.18 6.76
C ALA M 104 -47.42 14.12 7.86
N GLN M 105 -46.63 14.41 8.90
CA GLN M 105 -46.44 13.44 9.97
C GLN M 105 -47.72 13.25 10.80
N ARG M 106 -48.66 14.20 10.76
CA ARG M 106 -49.96 13.98 11.36
C ARG M 106 -50.83 13.03 10.54
N HIS M 107 -50.32 12.51 9.43
CA HIS M 107 -50.98 11.49 8.65
C HIS M 107 -50.31 10.12 8.78
N LEU M 108 -49.24 10.02 9.55
CA LEU M 108 -48.55 8.76 9.75
C LEU M 108 -49.27 7.89 10.79
N VAL N 7 -13.87 34.20 29.73
CA VAL N 7 -14.30 34.78 28.47
C VAL N 7 -15.64 35.50 28.63
N LEU N 8 -16.72 34.72 28.68
CA LEU N 8 -18.08 35.24 28.68
C LEU N 8 -18.78 34.78 29.94
N ARG N 9 -18.98 35.71 30.89
CA ARG N 9 -19.66 35.40 32.14
C ARG N 9 -20.47 36.61 32.57
N GLY N 10 -21.28 36.41 33.61
CA GLY N 10 -22.16 37.45 34.09
C GLY N 10 -23.46 37.50 33.30
N LYS N 11 -23.96 38.71 33.05
CA LYS N 11 -25.16 38.85 32.23
C LYS N 11 -24.94 38.40 30.80
N LYS N 12 -23.69 38.36 30.33
CA LYS N 12 -23.42 37.96 28.96
C LYS N 12 -23.59 36.45 28.78
N ALA N 13 -23.20 35.66 29.77
CA ALA N 13 -23.40 34.22 29.69
C ALA N 13 -24.89 33.87 29.71
N ASP N 14 -25.67 34.57 30.55
CA ASP N 14 -27.11 34.36 30.57
C ASP N 14 -27.75 34.77 29.26
N GLU N 15 -27.27 35.86 28.67
CA GLU N 15 -27.84 36.34 27.41
C GLU N 15 -27.39 35.50 26.22
N LEU N 16 -26.21 34.88 26.31
CA LEU N 16 -25.76 33.99 25.24
C LEU N 16 -26.69 32.78 25.12
N GLU N 17 -27.09 32.21 26.24
CA GLU N 17 -27.91 31.01 26.28
C GLU N 17 -29.36 31.26 25.89
N LYS N 18 -29.70 32.48 25.47
CA LYS N 18 -31.00 32.78 24.88
C LYS N 18 -30.92 32.93 23.36
N VAL N 19 -29.82 32.52 22.74
CA VAL N 19 -29.59 32.68 21.32
C VAL N 19 -29.58 31.30 20.68
N ARG N 20 -30.33 31.14 19.60
CA ARG N 20 -30.50 29.85 18.96
C ARG N 20 -29.27 29.46 18.16
N LEU N 21 -28.93 28.17 18.19
CA LEU N 21 -27.83 27.67 17.37
C LEU N 21 -28.14 27.83 15.89
N ARG N 22 -29.32 27.42 15.47
CA ARG N 22 -29.81 27.62 14.12
C ARG N 22 -31.02 28.55 14.14
N PRO N 23 -31.25 29.32 13.05
CA PRO N 23 -32.25 30.40 13.06
C PRO N 23 -33.56 30.12 13.79
N GLY N 24 -34.09 28.90 13.68
CA GLY N 24 -35.38 28.62 14.28
C GLY N 24 -35.53 27.26 14.94
N GLY N 25 -34.43 26.68 15.40
CA GLY N 25 -34.47 25.39 16.05
C GLY N 25 -34.87 25.51 17.52
N LYS N 26 -34.76 24.38 18.21
CA LYS N 26 -34.95 24.36 19.65
C LYS N 26 -33.64 24.52 20.40
N LYS N 27 -32.55 23.99 19.85
CA LYS N 27 -31.23 24.14 20.45
C LYS N 27 -30.82 25.61 20.48
N LYS N 28 -30.28 26.04 21.61
CA LYS N 28 -29.75 27.38 21.78
C LYS N 28 -28.27 27.29 22.14
N TYR N 29 -27.64 28.45 22.30
CA TYR N 29 -26.21 28.49 22.59
C TYR N 29 -25.95 28.08 24.04
N ARG N 30 -24.81 27.43 24.25
CA ARG N 30 -24.45 26.89 25.55
C ARG N 30 -22.99 27.20 25.83
N LEU N 31 -22.56 26.87 27.05
CA LEU N 31 -21.18 27.12 27.45
C LEU N 31 -20.19 26.25 26.68
N LYS N 32 -20.64 25.11 26.14
CA LYS N 32 -19.73 24.24 25.40
C LYS N 32 -19.23 24.91 24.12
N HIS N 33 -20.01 25.82 23.54
CA HIS N 33 -19.61 26.46 22.29
C HIS N 33 -18.55 27.53 22.51
N ILE N 34 -18.60 28.23 23.64
CA ILE N 34 -17.57 29.23 23.94
C ILE N 34 -16.26 28.54 24.31
N VAL N 35 -16.34 27.45 25.06
CA VAL N 35 -15.14 26.66 25.35
C VAL N 35 -14.58 26.07 24.07
N TRP N 36 -15.45 25.57 23.19
CA TRP N 36 -15.01 25.06 21.90
C TRP N 36 -14.39 26.16 21.05
N ALA N 37 -15.01 27.35 21.06
CA ALA N 37 -14.47 28.46 20.29
C ALA N 37 -13.14 28.93 20.85
N ALA N 38 -12.96 28.84 22.18
CA ALA N 38 -11.69 29.26 22.77
C ALA N 38 -10.56 28.32 22.37
N ASN N 39 -10.81 27.01 22.36
CA ASN N 39 -9.78 26.07 21.94
C ASN N 39 -9.57 26.10 20.43
N GLU N 40 -10.64 26.35 19.67
CA GLU N 40 -10.46 26.54 18.23
C GLU N 40 -9.53 27.72 17.97
N LEU N 41 -9.75 28.84 18.66
CA LEU N 41 -8.85 29.98 18.56
C LEU N 41 -7.40 29.59 18.80
N ASP N 42 -7.18 28.70 19.78
CA ASP N 42 -5.82 28.24 20.07
C ASP N 42 -5.22 27.53 18.87
N LYS N 43 -6.04 26.80 18.11
CA LYS N 43 -5.56 26.11 16.92
C LYS N 43 -5.14 27.07 15.81
N PHE N 44 -5.54 28.34 15.89
CA PHE N 44 -5.22 29.32 14.85
C PHE N 44 -4.11 30.28 15.26
N GLY N 45 -3.67 30.25 16.52
CA GLY N 45 -2.71 31.24 16.99
C GLY N 45 -3.33 32.55 17.41
N LEU N 46 -4.65 32.64 17.43
CA LEU N 46 -5.34 33.84 17.92
C LEU N 46 -5.59 33.70 19.42
N ALA N 47 -5.25 34.74 20.16
CA ALA N 47 -5.38 34.70 21.61
C ALA N 47 -6.85 34.58 22.02
N GLU N 48 -7.12 33.66 22.94
CA GLU N 48 -8.49 33.49 23.43
C GLU N 48 -9.02 34.74 24.12
N SER N 49 -8.13 35.64 24.56
CA SER N 49 -8.56 36.86 25.20
C SER N 49 -9.30 37.79 24.25
N LEU N 50 -9.18 37.57 22.94
CA LEU N 50 -9.92 38.39 21.98
C LEU N 50 -11.43 38.19 22.13
N LEU N 51 -11.85 37.01 22.58
CA LEU N 51 -13.26 36.74 22.80
C LEU N 51 -13.84 37.53 23.96
N GLU N 52 -13.00 38.16 24.78
CA GLU N 52 -13.49 38.87 25.96
C GLU N 52 -14.00 40.27 25.65
N SER N 53 -13.67 40.81 24.49
CA SER N 53 -14.08 42.16 24.11
C SER N 53 -14.75 42.14 22.75
N LYS N 54 -15.52 43.18 22.48
CA LYS N 54 -16.11 43.36 21.17
C LYS N 54 -14.99 43.65 20.18
N GLU N 55 -13.98 44.41 20.62
CA GLU N 55 -12.88 44.76 19.73
C GLU N 55 -12.02 43.55 19.40
N GLY N 56 -11.76 42.70 20.40
CA GLY N 56 -11.04 41.47 20.13
C GLY N 56 -11.82 40.54 19.23
N CYS N 57 -13.13 40.43 19.44
CA CYS N 57 -13.98 39.68 18.53
C CYS N 57 -13.99 40.32 17.15
N GLN N 58 -13.93 41.65 17.10
CA GLN N 58 -13.82 42.35 15.82
C GLN N 58 -12.55 41.93 15.09
N LYS N 59 -11.43 41.81 15.81
CA LYS N 59 -10.18 41.40 15.19
C LYS N 59 -10.22 39.94 14.77
N ILE N 60 -10.95 39.10 15.51
CA ILE N 60 -11.07 37.70 15.14
C ILE N 60 -11.75 37.57 13.77
N LEU N 61 -12.84 38.30 13.58
CA LEU N 61 -13.60 38.18 12.34
C LEU N 61 -12.79 38.65 11.14
N ARG N 62 -11.99 39.71 11.31
CA ARG N 62 -11.18 40.21 10.20
C ARG N 62 -10.15 39.16 9.76
N VAL N 63 -9.62 38.39 10.71
CA VAL N 63 -8.67 37.34 10.37
C VAL N 63 -9.39 36.16 9.73
N LEU N 64 -10.64 35.93 10.10
CA LEU N 64 -11.39 34.76 9.64
C LEU N 64 -12.13 35.01 8.32
N ASP N 65 -12.62 36.24 8.11
CA ASP N 65 -13.44 36.54 6.95
C ASP N 65 -12.85 36.12 5.61
N PRO N 66 -11.54 36.24 5.36
CA PRO N 66 -11.00 35.72 4.08
C PRO N 66 -11.18 34.23 3.91
N LEU N 67 -11.45 33.48 4.98
CA LEU N 67 -11.46 32.03 4.91
C LEU N 67 -12.87 31.43 4.91
N VAL N 68 -13.91 32.24 5.10
CA VAL N 68 -15.26 31.71 5.23
C VAL N 68 -15.83 31.17 3.92
N PRO N 69 -15.43 31.63 2.72
CA PRO N 69 -15.97 30.98 1.52
C PRO N 69 -15.48 29.55 1.36
N THR N 70 -14.24 29.26 1.76
CA THR N 70 -13.66 27.94 1.60
C THR N 70 -13.51 27.20 2.91
N GLY N 71 -13.82 27.82 4.04
CA GLY N 71 -13.51 27.25 5.33
C GLY N 71 -14.28 25.99 5.63
N SER N 72 -13.69 25.17 6.50
CA SER N 72 -14.31 23.93 6.94
C SER N 72 -15.51 24.24 7.83
N GLU N 73 -16.21 23.18 8.24
CA GLU N 73 -17.36 23.34 9.13
C GLU N 73 -16.92 23.86 10.49
N ASN N 74 -15.72 23.47 10.96
CA ASN N 74 -15.22 23.98 12.22
C ASN N 74 -14.86 25.46 12.13
N LEU N 75 -14.38 25.90 10.96
CA LEU N 75 -14.05 27.32 10.81
C LEU N 75 -15.30 28.18 10.72
N LYS N 76 -16.26 27.77 9.89
CA LYS N 76 -17.51 28.52 9.77
C LYS N 76 -18.22 28.59 11.12
N SER N 77 -18.21 27.49 11.88
CA SER N 77 -18.88 27.49 13.18
C SER N 77 -18.10 28.29 14.22
N LEU N 78 -16.77 28.20 14.20
CA LEU N 78 -15.98 29.09 15.06
C LEU N 78 -16.22 30.54 14.70
N PHE N 79 -16.27 30.85 13.40
CA PHE N 79 -16.68 32.17 12.96
C PHE N 79 -18.10 32.47 13.43
N ASN N 80 -18.98 31.47 13.41
CA ASN N 80 -20.37 31.69 13.77
C ASN N 80 -20.51 32.13 15.23
N THR N 81 -19.83 31.42 16.14
CA THR N 81 -19.96 31.73 17.56
C THR N 81 -19.42 33.11 17.88
N VAL N 82 -18.32 33.50 17.23
CA VAL N 82 -17.69 34.79 17.54
C VAL N 82 -18.62 35.94 17.20
N CYS N 83 -19.39 35.81 16.11
CA CYS N 83 -20.36 36.83 15.77
C CYS N 83 -21.39 37.00 16.88
N VAL N 84 -21.84 35.90 17.47
CA VAL N 84 -22.77 35.98 18.59
C VAL N 84 -22.09 36.62 19.80
N ILE N 85 -20.85 36.23 20.08
CA ILE N 85 -20.13 36.79 21.22
C ILE N 85 -19.95 38.29 21.06
N TRP N 86 -19.72 38.75 19.82
CA TRP N 86 -19.57 40.18 19.57
C TRP N 86 -20.87 40.92 19.89
N CYS N 87 -22.01 40.33 19.52
CA CYS N 87 -23.29 40.98 19.79
C CYS N 87 -23.53 41.12 21.29
N LEU N 88 -23.09 40.14 22.07
CA LEU N 88 -23.24 40.22 23.52
C LEU N 88 -22.33 41.29 24.11
N HIS N 89 -21.07 41.32 23.67
CA HIS N 89 -20.16 42.36 24.12
C HIS N 89 -20.63 43.75 23.68
N ALA N 90 -21.28 43.83 22.52
CA ALA N 90 -21.84 45.10 22.04
C ALA N 90 -23.25 45.36 22.55
N GLU N 91 -23.84 44.41 23.28
CA GLU N 91 -25.18 44.55 23.86
C GLU N 91 -26.22 44.81 22.78
N GLU N 92 -26.27 43.93 21.79
CA GLU N 92 -27.24 43.98 20.71
C GLU N 92 -28.09 42.71 20.74
N LYS N 93 -29.41 42.90 20.74
CA LYS N 93 -30.31 41.75 20.82
C LYS N 93 -30.19 40.88 19.58
N VAL N 94 -29.97 39.59 19.79
CA VAL N 94 -29.83 38.62 18.70
C VAL N 94 -30.50 37.33 19.14
N LYS N 95 -31.29 36.74 18.23
CA LYS N 95 -32.08 35.56 18.56
C LYS N 95 -31.48 34.26 18.04
N ASP N 96 -30.52 34.32 17.12
CA ASP N 96 -29.96 33.10 16.53
C ASP N 96 -28.60 33.42 15.91
N THR N 97 -27.97 32.39 15.34
CA THR N 97 -26.64 32.54 14.78
C THR N 97 -26.66 33.47 13.56
N GLU N 98 -27.61 33.26 12.65
CA GLU N 98 -27.62 34.01 11.39
C GLU N 98 -27.87 35.48 11.64
N GLU N 99 -28.77 35.82 12.58
CA GLU N 99 -28.98 37.21 12.93
C GLU N 99 -27.73 37.82 13.55
N ALA N 100 -26.94 37.02 14.28
CA ALA N 100 -25.67 37.50 14.79
C ALA N 100 -24.66 37.67 13.67
N LYS N 101 -24.63 36.74 12.71
CA LYS N 101 -23.74 36.87 11.57
C LYS N 101 -24.06 38.13 10.78
N LYS N 102 -25.36 38.45 10.63
CA LYS N 102 -25.75 39.61 9.86
C LYS N 102 -25.35 40.91 10.57
N LEU N 103 -25.52 40.96 11.89
CA LEU N 103 -25.17 42.17 12.62
C LEU N 103 -23.66 42.35 12.70
N ALA N 104 -22.92 41.25 12.89
CA ALA N 104 -21.47 41.35 13.01
C ALA N 104 -20.82 41.68 11.67
N GLN N 105 -21.17 40.93 10.62
CA GLN N 105 -20.59 41.18 9.31
C GLN N 105 -20.98 42.56 8.77
N ARG N 106 -22.15 43.06 9.16
CA ARG N 106 -22.54 44.42 8.79
C ARG N 106 -21.55 45.43 9.36
N HIS N 107 -21.22 45.30 10.65
CA HIS N 107 -20.19 46.15 11.25
C HIS N 107 -18.82 45.86 10.64
N LEU N 108 -18.59 44.61 10.22
CA LEU N 108 -17.30 44.28 9.61
C LEU N 108 -17.08 45.09 8.34
N VAL N 109 -18.08 45.12 7.46
CA VAL N 109 -17.92 45.76 6.15
C VAL N 109 -17.83 47.27 6.30
N ALA N 110 -18.57 47.85 7.26
CA ALA N 110 -18.60 49.28 7.44
C ALA N 110 -17.31 49.84 8.03
N GLU N 111 -16.44 48.99 8.56
CA GLU N 111 -15.17 49.45 9.10
C GLU N 111 -13.99 48.71 8.46
N ALA O 3 8.67 40.51 25.57
CA ALA O 3 9.96 41.13 25.34
C ALA O 3 10.64 40.54 24.11
N ARG O 4 11.62 41.26 23.58
CA ARG O 4 12.45 40.71 22.50
C ARG O 4 13.16 39.44 22.93
N ASN O 5 13.40 39.29 24.24
CA ASN O 5 14.12 38.14 24.76
C ASN O 5 13.42 36.84 24.41
N SER O 6 12.12 36.76 24.67
CA SER O 6 11.41 35.48 24.62
C SER O 6 11.26 34.94 23.20
N VAL O 7 11.43 35.77 22.17
CA VAL O 7 11.34 35.30 20.80
C VAL O 7 12.65 34.61 20.43
N LEU O 8 13.65 35.38 20.06
CA LEU O 8 14.99 34.89 19.80
C LEU O 8 15.95 35.48 20.83
N ARG O 9 16.85 34.66 21.35
CA ARG O 9 17.65 35.09 22.48
C ARG O 9 19.05 34.50 22.40
N GLY O 10 20.03 35.30 22.83
CA GLY O 10 21.39 34.84 23.04
C GLY O 10 22.12 34.35 21.80
N LYS O 11 22.39 33.05 21.77
CA LYS O 11 23.16 32.45 20.68
C LYS O 11 22.48 32.68 19.33
N LYS O 12 21.16 32.85 19.33
CA LYS O 12 20.42 33.05 18.08
C LYS O 12 20.23 34.52 17.73
N ALA O 13 20.32 35.42 18.71
CA ALA O 13 20.28 36.85 18.39
C ALA O 13 21.55 37.29 17.70
N ASP O 14 22.69 36.68 18.04
CA ASP O 14 23.93 36.97 17.31
C ASP O 14 23.83 36.51 15.87
N GLU O 15 23.14 35.40 15.62
CA GLU O 15 23.01 34.89 14.27
C GLU O 15 22.04 35.74 13.44
N LEU O 16 21.00 36.27 14.08
CA LEU O 16 20.06 37.13 13.38
C LEU O 16 20.75 38.36 12.80
N GLU O 17 21.77 38.86 13.48
CA GLU O 17 22.50 40.04 13.04
C GLU O 17 23.42 39.76 11.86
N LYS O 18 23.45 38.53 11.36
CA LYS O 18 24.23 38.19 10.17
C LYS O 18 23.36 38.04 8.92
N VAL O 19 22.05 38.27 9.04
CA VAL O 19 21.11 38.09 7.94
C VAL O 19 20.83 39.45 7.31
N ARG O 20 20.96 39.53 5.99
CA ARG O 20 20.80 40.77 5.26
C ARG O 20 19.34 40.96 4.84
N LEU O 21 18.90 42.23 4.84
CA LEU O 21 17.52 42.52 4.50
C LEU O 21 17.21 42.21 3.04
N ARG O 22 18.17 42.38 2.16
CA ARG O 22 18.05 42.08 0.74
C ARG O 22 19.14 41.10 0.33
N PRO O 23 18.96 40.37 -0.78
CA PRO O 23 19.90 39.28 -1.11
C PRO O 23 21.36 39.71 -1.18
N GLY O 25 22.44 43.00 0.07
CA GLY O 25 22.50 44.25 0.80
C GLY O 25 23.38 44.13 2.04
N LYS O 26 23.93 45.27 2.46
CA LYS O 26 24.87 45.27 3.59
C LYS O 26 24.14 45.34 4.93
N LYS O 27 23.09 46.13 5.03
CA LYS O 27 22.38 46.31 6.29
C LYS O 27 21.79 44.98 6.75
N LYS O 28 22.24 44.50 7.91
CA LYS O 28 21.79 43.24 8.47
C LYS O 28 20.68 43.47 9.49
N TYR O 29 20.03 42.37 9.87
CA TYR O 29 18.87 42.46 10.76
C TYR O 29 19.30 42.87 12.17
N ARG O 30 18.43 43.63 12.83
CA ARG O 30 18.66 44.16 14.17
C ARG O 30 17.76 43.46 15.18
N LEU O 31 17.80 43.94 16.42
CA LEU O 31 16.86 43.46 17.44
C LEU O 31 15.51 44.14 17.32
N LYS O 32 15.49 45.40 16.88
CA LYS O 32 14.23 46.11 16.68
C LYS O 32 13.37 45.46 15.60
N HIS O 33 13.97 44.63 14.73
CA HIS O 33 13.18 43.94 13.72
C HIS O 33 12.30 42.86 14.33
N ILE O 34 12.80 42.20 15.39
CA ILE O 34 11.96 41.24 16.11
C ILE O 34 10.83 41.96 16.82
N VAL O 35 11.12 43.11 17.44
CA VAL O 35 10.11 43.86 18.18
C VAL O 35 9.05 44.39 17.23
N TRP O 36 9.46 44.90 16.06
CA TRP O 36 8.49 45.40 15.09
C TRP O 36 7.55 44.28 14.63
N ALA O 37 8.12 43.13 14.28
CA ALA O 37 7.29 42.01 13.84
C ALA O 37 6.35 41.54 14.95
N ALA O 38 6.82 41.57 16.20
CA ALA O 38 5.98 41.15 17.32
C ALA O 38 4.82 42.13 17.51
N ASN O 39 5.13 43.43 17.57
CA ASN O 39 4.07 44.42 17.72
C ASN O 39 3.19 44.53 16.48
N GLU O 40 3.63 43.99 15.34
CA GLU O 40 2.78 43.94 14.16
C GLU O 40 1.77 42.82 14.25
N LEU O 41 2.19 41.65 14.76
CA LEU O 41 1.24 40.59 15.09
C LEU O 41 0.16 41.10 16.04
N ASP O 42 0.52 42.07 16.89
CA ASP O 42 -0.43 42.63 17.85
C ASP O 42 -1.60 43.29 17.14
N LYS O 43 -1.38 43.83 15.95
CA LYS O 43 -2.48 44.40 15.17
C LYS O 43 -3.38 43.31 14.60
N PHE O 44 -2.85 42.11 14.41
CA PHE O 44 -3.63 40.96 13.97
C PHE O 44 -4.29 40.22 15.12
N GLY O 45 -3.96 40.57 16.36
CA GLY O 45 -4.37 39.77 17.50
C GLY O 45 -3.62 38.47 17.65
N LEU O 46 -2.69 38.16 16.75
CA LEU O 46 -1.90 36.94 16.86
C LEU O 46 -1.03 36.99 18.11
N ALA O 47 -0.85 35.83 18.74
CA ALA O 47 -0.05 35.76 19.95
C ALA O 47 1.41 35.99 19.63
N GLU O 48 2.07 36.87 20.41
CA GLU O 48 3.50 37.05 20.26
C GLU O 48 4.28 35.80 20.66
N SER O 49 3.64 34.87 21.38
CA SER O 49 4.30 33.63 21.76
C SER O 49 4.54 32.73 20.55
N LEU O 50 3.84 32.96 19.44
CA LEU O 50 4.07 32.13 18.25
C LEU O 50 5.44 32.38 17.65
N LEU O 51 5.97 33.60 17.79
CA LEU O 51 7.31 33.92 17.29
C LEU O 51 8.41 33.16 18.03
N GLU O 52 8.11 32.58 19.19
CA GLU O 52 9.11 32.01 20.06
C GLU O 52 9.43 30.54 19.75
N SER O 53 8.75 29.94 18.77
CA SER O 53 9.04 28.58 18.36
C SER O 53 8.92 28.49 16.84
N LYS O 54 9.65 27.53 16.26
CA LYS O 54 9.57 27.32 14.82
C LYS O 54 8.19 26.83 14.40
N GLU O 55 7.51 26.09 15.26
CA GLU O 55 6.16 25.63 14.96
C GLU O 55 5.17 26.79 15.02
N GLY O 56 5.35 27.69 15.98
CA GLY O 56 4.51 28.87 16.03
C GLY O 56 4.79 29.86 14.92
N CYS O 57 6.05 29.91 14.45
CA CYS O 57 6.38 30.75 13.32
C CYS O 57 5.68 30.27 12.05
N GLN O 58 5.60 28.96 11.87
CA GLN O 58 4.83 28.40 10.76
C GLN O 58 3.34 28.70 10.93
N LYS O 59 2.88 28.82 12.17
CA LYS O 59 1.48 29.18 12.41
C LYS O 59 1.21 30.62 11.99
N ILE O 60 2.17 31.52 12.23
CA ILE O 60 2.03 32.88 11.73
C ILE O 60 2.03 32.91 10.22
N LEU O 61 2.92 32.12 9.60
CA LEU O 61 2.98 32.05 8.15
C LEU O 61 1.65 31.57 7.56
N ARG O 62 1.04 30.55 8.17
CA ARG O 62 -0.22 30.02 7.66
C ARG O 62 -1.32 31.06 7.72
N VAL O 63 -1.38 31.83 8.81
CA VAL O 63 -2.45 32.81 8.97
C VAL O 63 -2.25 33.98 8.00
N LEU O 64 -1.00 34.36 7.77
CA LEU O 64 -0.70 35.55 6.97
C LEU O 64 -0.56 35.25 5.48
N ASP O 65 -0.26 34.01 5.10
CA ASP O 65 -0.06 33.70 3.69
C ASP O 65 -1.24 34.05 2.79
N PRO O 66 -2.51 33.85 3.18
CA PRO O 66 -3.61 34.29 2.31
C PRO O 66 -3.60 35.78 2.03
N LEU O 67 -2.92 36.57 2.86
CA LEU O 67 -2.84 38.01 2.65
C LEU O 67 -1.60 38.42 1.85
N VAL O 68 -0.56 37.58 1.82
CA VAL O 68 0.72 38.00 1.23
C VAL O 68 0.59 38.45 -0.21
N PRO O 69 -0.08 37.71 -1.12
CA PRO O 69 -0.14 38.17 -2.52
C PRO O 69 -0.75 39.55 -2.66
N THR O 70 -1.75 39.87 -1.84
CA THR O 70 -2.38 41.18 -1.86
C THR O 70 -1.94 42.05 -0.68
N GLY O 71 -0.91 41.62 0.05
CA GLY O 71 -0.56 42.29 1.28
C GLY O 71 0.15 43.61 1.07
N SER O 72 0.00 44.49 2.05
CA SER O 72 0.67 45.77 2.05
C SER O 72 2.16 45.59 2.27
N GLU O 73 2.88 46.71 2.29
CA GLU O 73 4.32 46.65 2.54
C GLU O 73 4.62 46.23 3.96
N ASN O 74 3.78 46.65 4.91
CA ASN O 74 3.90 46.14 6.28
C ASN O 74 3.48 44.68 6.35
N LEU O 75 2.50 44.27 5.53
CA LEU O 75 2.07 42.87 5.51
C LEU O 75 3.18 41.97 5.00
N LYS O 76 3.72 42.27 3.83
CA LYS O 76 4.76 41.43 3.24
C LYS O 76 5.99 41.37 4.14
N SER O 77 6.39 42.50 4.72
CA SER O 77 7.56 42.53 5.58
C SER O 77 7.40 41.60 6.78
N LEU O 78 6.24 41.67 7.45
CA LEU O 78 5.97 40.80 8.60
C LEU O 78 6.15 39.34 8.24
N PHE O 79 5.63 38.93 7.08
CA PHE O 79 5.78 37.55 6.64
C PHE O 79 7.25 37.19 6.44
N ASN O 80 8.01 38.06 5.77
CA ASN O 80 9.41 37.75 5.49
C ASN O 80 10.24 37.71 6.78
N THR O 81 9.97 38.62 7.72
CA THR O 81 10.70 38.62 8.97
C THR O 81 10.39 37.36 9.79
N VAL O 82 9.12 36.93 9.79
CA VAL O 82 8.78 35.67 10.44
C VAL O 82 9.46 34.51 9.73
N CYS O 83 9.64 34.61 8.41
CA CYS O 83 10.42 33.61 7.69
C CYS O 83 11.88 33.63 8.15
N VAL O 84 12.40 34.82 8.46
CA VAL O 84 13.78 34.93 8.95
C VAL O 84 13.89 34.29 10.34
N ILE O 85 12.91 34.55 11.20
CA ILE O 85 12.95 34.01 12.56
C ILE O 85 12.77 32.50 12.56
N TRP O 86 11.94 31.98 11.64
CA TRP O 86 11.77 30.54 11.54
C TRP O 86 13.06 29.86 11.15
N CYS O 87 13.77 30.42 10.16
CA CYS O 87 15.04 29.83 9.74
C CYS O 87 16.04 29.75 10.89
N LEU O 88 15.99 30.72 11.81
CA LEU O 88 16.87 30.69 12.96
C LEU O 88 16.38 29.71 14.02
N HIS O 89 15.07 29.66 14.24
CA HIS O 89 14.50 28.66 15.14
C HIS O 89 14.77 27.25 14.64
N ALA O 90 14.57 27.02 13.35
CA ALA O 90 14.82 25.72 12.74
C ALA O 90 16.30 25.44 12.52
N GLU O 91 17.18 26.36 12.91
CA GLU O 91 18.63 26.20 12.74
C GLU O 91 19.00 25.97 11.28
N GLU O 92 18.35 26.70 10.39
CA GLU O 92 18.68 26.73 8.97
C GLU O 92 19.28 28.10 8.69
N LYS O 93 20.59 28.15 8.47
CA LYS O 93 21.24 29.43 8.17
C LYS O 93 20.71 29.98 6.86
N VAL O 94 20.54 31.30 6.82
CA VAL O 94 20.08 32.00 5.62
C VAL O 94 20.80 33.33 5.52
N LYS O 95 21.40 33.60 4.36
CA LYS O 95 22.23 34.77 4.20
C LYS O 95 21.44 36.04 3.88
N ASP O 96 20.15 35.95 3.54
CA ASP O 96 19.34 37.15 3.34
C ASP O 96 17.89 36.85 3.69
N THR O 97 16.99 37.74 3.24
CA THR O 97 15.56 37.57 3.49
C THR O 97 14.91 36.71 2.40
N GLU O 98 15.33 36.90 1.15
CA GLU O 98 14.73 36.14 0.04
C GLU O 98 14.93 34.64 0.23
N GLU O 99 16.14 34.24 0.58
CA GLU O 99 16.40 32.82 0.85
C GLU O 99 15.68 32.35 2.10
N ALA O 100 15.39 33.27 3.03
CA ALA O 100 14.64 32.90 4.22
C ALA O 100 13.17 32.69 3.89
N LYS O 101 12.63 33.50 2.97
CA LYS O 101 11.30 33.24 2.45
C LYS O 101 11.25 31.87 1.79
N LYS O 102 12.26 31.55 0.98
CA LYS O 102 12.30 30.26 0.29
C LYS O 102 12.27 29.10 1.27
N LEU O 103 13.14 29.14 2.29
CA LEU O 103 13.24 28.01 3.20
C LEU O 103 12.01 27.88 4.10
N ALA O 104 11.44 29.00 4.53
CA ALA O 104 10.25 28.94 5.36
C ALA O 104 9.00 28.61 4.55
N GLN O 105 8.94 29.03 3.28
CA GLN O 105 7.77 28.76 2.47
C GLN O 105 7.76 27.34 1.91
N ARG O 106 8.94 26.78 1.58
CA ARG O 106 8.96 25.39 1.13
C ARG O 106 8.54 24.44 2.23
N HIS O 107 8.70 24.84 3.49
CA HIS O 107 8.16 24.06 4.60
C HIS O 107 6.67 24.31 4.76
N LEU O 108 6.22 25.55 4.54
CA LEU O 108 4.80 25.86 4.67
C LEU O 108 3.98 25.16 3.61
N VAL O 109 4.49 25.07 2.38
CA VAL O 109 3.75 24.43 1.30
C VAL O 109 3.72 22.92 1.51
N ALA O 110 4.82 22.34 1.98
CA ALA O 110 4.89 20.90 2.21
C ALA O 110 3.87 20.42 3.23
N GLU O 111 3.45 21.29 4.15
CA GLU O 111 2.45 20.91 5.15
C GLU O 111 1.18 21.75 5.00
N ALA P 3 -45.09 -9.63 -13.74
CA ALA P 3 -45.13 -10.97 -14.31
C ALA P 3 -44.06 -11.85 -13.68
N ARG P 4 -44.41 -13.11 -13.40
CA ARG P 4 -43.48 -14.05 -12.78
C ARG P 4 -42.26 -14.26 -13.67
N ASN P 5 -42.50 -14.48 -14.97
CA ASN P 5 -41.43 -14.88 -15.87
C ASN P 5 -40.36 -13.81 -16.04
N SER P 6 -40.67 -12.56 -15.69
CA SER P 6 -39.67 -11.50 -15.83
C SER P 6 -38.58 -11.58 -14.77
N VAL P 7 -38.84 -12.25 -13.66
CA VAL P 7 -37.81 -12.43 -12.63
C VAL P 7 -36.93 -13.63 -12.96
N LEU P 8 -37.52 -14.81 -13.06
CA LEU P 8 -36.83 -16.02 -13.49
C LEU P 8 -37.67 -16.70 -14.57
N ARG P 9 -37.00 -17.27 -15.57
CA ARG P 9 -37.71 -17.81 -16.71
C ARG P 9 -36.91 -18.97 -17.32
N GLY P 10 -37.64 -19.93 -17.86
CA GLY P 10 -37.01 -20.98 -18.66
C GLY P 10 -36.11 -21.88 -17.83
N LYS P 11 -34.87 -22.02 -18.28
CA LYS P 11 -33.91 -22.91 -17.63
C LYS P 11 -33.72 -22.53 -16.16
N LYS P 12 -33.68 -21.23 -15.86
CA LYS P 12 -33.57 -20.80 -14.48
C LYS P 12 -34.86 -21.05 -13.70
N ALA P 13 -36.00 -21.07 -14.39
CA ALA P 13 -37.25 -21.40 -13.73
C ALA P 13 -37.34 -22.88 -13.41
N ASP P 14 -36.74 -23.73 -14.25
CA ASP P 14 -36.69 -25.15 -13.94
C ASP P 14 -35.81 -25.41 -12.73
N GLU P 15 -34.63 -24.79 -12.68
CA GLU P 15 -33.72 -25.00 -11.57
C GLU P 15 -34.31 -24.53 -10.24
N LEU P 16 -35.14 -23.49 -10.27
CA LEU P 16 -35.79 -23.02 -9.06
C LEU P 16 -36.64 -24.10 -8.43
N GLU P 17 -37.40 -24.83 -9.24
CA GLU P 17 -38.23 -25.92 -8.74
C GLU P 17 -37.42 -27.11 -8.25
N LYS P 18 -36.12 -27.12 -8.48
CA LYS P 18 -35.24 -28.18 -7.99
C LYS P 18 -34.51 -27.79 -6.72
N VAL P 19 -34.88 -26.68 -6.09
CA VAL P 19 -34.27 -26.25 -4.84
C VAL P 19 -35.24 -26.55 -3.71
N ARG P 20 -34.77 -27.29 -2.71
CA ARG P 20 -35.63 -27.70 -1.61
C ARG P 20 -35.91 -26.52 -0.68
N LEU P 21 -37.12 -26.51 -0.11
CA LEU P 21 -37.50 -25.45 0.81
C LEU P 21 -36.64 -25.44 2.06
N ARG P 22 -36.23 -26.60 2.52
CA ARG P 22 -35.48 -26.79 3.75
C ARG P 22 -34.22 -27.59 3.44
N PRO P 23 -33.21 -27.59 4.35
CA PRO P 23 -31.91 -28.21 4.05
C PRO P 23 -31.95 -29.56 3.36
N GLY P 24 -32.18 -30.64 4.13
CA GLY P 24 -32.30 -31.95 3.53
C GLY P 24 -33.71 -32.29 3.11
N GLY P 25 -34.56 -31.28 2.92
CA GLY P 25 -35.95 -31.49 2.61
C GLY P 25 -36.17 -32.07 1.23
N LYS P 26 -37.45 -32.22 0.89
CA LYS P 26 -37.79 -32.82 -0.40
C LYS P 26 -38.91 -32.05 -1.08
N LYS P 27 -39.73 -31.34 -0.30
CA LYS P 27 -40.67 -30.40 -0.90
C LYS P 27 -39.90 -29.17 -1.35
N LYS P 28 -40.11 -28.77 -2.60
CA LYS P 28 -39.23 -27.81 -3.24
C LYS P 28 -39.99 -26.54 -3.61
N TYR P 29 -39.23 -25.56 -4.09
CA TYR P 29 -39.77 -24.24 -4.40
C TYR P 29 -40.73 -24.31 -5.58
N ARG P 30 -41.56 -23.28 -5.71
CA ARG P 30 -42.60 -23.22 -6.72
C ARG P 30 -42.49 -21.92 -7.49
N LEU P 31 -43.38 -21.74 -8.46
CA LEU P 31 -43.47 -20.47 -9.18
C LEU P 31 -44.15 -19.39 -8.34
N LYS P 32 -45.09 -19.77 -7.48
CA LYS P 32 -45.76 -18.81 -6.62
C LYS P 32 -44.81 -18.15 -5.64
N HIS P 33 -43.65 -18.76 -5.37
CA HIS P 33 -42.68 -18.15 -4.48
C HIS P 33 -42.04 -16.92 -5.10
N ILE P 34 -41.92 -16.87 -6.43
CA ILE P 34 -41.40 -15.68 -7.09
C ILE P 34 -42.39 -14.53 -6.96
N VAL P 35 -43.67 -14.80 -7.26
CA VAL P 35 -44.68 -13.74 -7.22
C VAL P 35 -44.90 -13.25 -5.80
N TRP P 36 -44.97 -14.18 -4.84
CA TRP P 36 -45.20 -13.78 -3.44
C TRP P 36 -44.05 -12.93 -2.92
N ALA P 37 -42.82 -13.25 -3.32
CA ALA P 37 -41.68 -12.43 -2.93
C ALA P 37 -41.77 -11.04 -3.56
N ALA P 38 -42.19 -10.97 -4.82
CA ALA P 38 -42.41 -9.67 -5.45
C ALA P 38 -43.53 -8.91 -4.76
N ASN P 39 -44.50 -9.62 -4.19
CA ASN P 39 -45.56 -8.95 -3.43
C ASN P 39 -45.02 -8.39 -2.12
N GLU P 40 -44.12 -9.11 -1.47
CA GLU P 40 -43.52 -8.61 -0.23
C GLU P 40 -42.70 -7.35 -0.48
N LEU P 41 -42.05 -7.27 -1.65
CA LEU P 41 -41.34 -6.04 -2.01
C LEU P 41 -42.32 -4.89 -2.25
N ASP P 42 -43.43 -5.18 -2.92
CA ASP P 42 -44.45 -4.17 -3.18
C ASP P 42 -44.94 -3.57 -1.86
N LYS P 43 -45.27 -4.42 -0.89
CA LYS P 43 -45.72 -3.93 0.40
C LYS P 43 -44.64 -3.08 1.07
N PHE P 44 -43.40 -3.56 1.04
CA PHE P 44 -42.28 -2.82 1.62
C PHE P 44 -41.96 -1.53 0.87
N GLY P 45 -42.55 -1.33 -0.31
CA GLY P 45 -42.20 -0.20 -1.15
C GLY P 45 -40.96 -0.40 -1.98
N LEU P 46 -40.30 -1.55 -1.87
CA LEU P 46 -39.10 -1.81 -2.66
C LEU P 46 -39.47 -1.99 -4.13
N ALA P 47 -38.52 -1.65 -4.99
CA ALA P 47 -38.72 -1.82 -6.43
C ALA P 47 -38.71 -3.31 -6.77
N GLU P 48 -39.85 -3.81 -7.27
CA GLU P 48 -39.92 -5.19 -7.72
C GLU P 48 -38.91 -5.49 -8.83
N SER P 49 -38.38 -4.45 -9.47
CA SER P 49 -37.40 -4.65 -10.55
C SER P 49 -36.12 -5.28 -10.04
N LEU P 50 -35.78 -5.05 -8.76
CA LEU P 50 -34.55 -5.60 -8.21
C LEU P 50 -34.55 -7.13 -8.19
N LEU P 51 -35.72 -7.76 -8.29
CA LEU P 51 -35.79 -9.22 -8.29
C LEU P 51 -35.20 -9.84 -9.55
N GLU P 52 -35.11 -9.07 -10.63
CA GLU P 52 -34.80 -9.62 -11.94
C GLU P 52 -33.30 -9.71 -12.23
N SER P 53 -32.44 -9.28 -11.30
CA SER P 53 -31.00 -9.36 -11.50
C SER P 53 -30.33 -9.71 -10.18
N LYS P 54 -29.16 -10.36 -10.28
CA LYS P 54 -28.41 -10.69 -9.08
C LYS P 54 -27.88 -9.45 -8.37
N GLU P 55 -27.69 -8.35 -9.10
CA GLU P 55 -27.26 -7.11 -8.47
C GLU P 55 -28.40 -6.45 -7.70
N GLY P 56 -29.60 -6.45 -8.28
CA GLY P 56 -30.75 -5.95 -7.55
C GLY P 56 -31.15 -6.84 -6.39
N CYS P 57 -30.94 -8.14 -6.51
CA CYS P 57 -31.22 -9.05 -5.41
C CYS P 57 -30.27 -8.82 -4.25
N GLN P 58 -28.98 -8.62 -4.53
CA GLN P 58 -28.03 -8.30 -3.47
C GLN P 58 -28.35 -6.97 -2.82
N LYS P 59 -28.91 -6.03 -3.58
CA LYS P 59 -29.37 -4.78 -3.00
C LYS P 59 -30.54 -5.01 -2.05
N ILE P 60 -31.43 -5.93 -2.39
CA ILE P 60 -32.55 -6.27 -1.51
C ILE P 60 -32.01 -6.89 -0.22
N LEU P 61 -31.08 -7.84 -0.33
CA LEU P 61 -30.55 -8.50 0.85
C LEU P 61 -29.71 -7.57 1.70
N ARG P 62 -29.13 -6.53 1.10
CA ARG P 62 -28.44 -5.52 1.91
C ARG P 62 -29.44 -4.67 2.69
N VAL P 63 -30.69 -4.59 2.22
CA VAL P 63 -31.73 -3.89 2.95
C VAL P 63 -32.33 -4.80 4.03
N LEU P 64 -32.43 -6.10 3.73
CA LEU P 64 -33.10 -7.02 4.65
C LEU P 64 -32.18 -7.54 5.74
N ASP P 65 -30.88 -7.68 5.47
CA ASP P 65 -29.98 -8.32 6.42
C ASP P 65 -30.00 -7.68 7.81
N PRO P 66 -29.96 -6.36 7.98
CA PRO P 66 -30.08 -5.81 9.33
C PRO P 66 -31.38 -6.15 10.03
N LEU P 67 -32.44 -6.45 9.28
CA LEU P 67 -33.74 -6.77 9.86
C LEU P 67 -33.89 -8.24 10.21
N VAL P 68 -32.94 -9.08 9.82
CA VAL P 68 -33.05 -10.54 9.98
C VAL P 68 -32.98 -10.98 11.45
N PRO P 69 -32.03 -10.48 12.26
CA PRO P 69 -31.97 -10.96 13.66
C PRO P 69 -33.27 -10.80 14.44
N THR P 70 -34.13 -9.86 14.05
CA THR P 70 -35.42 -9.68 14.71
C THR P 70 -36.59 -9.88 13.77
N GLY P 71 -36.33 -10.28 12.52
CA GLY P 71 -37.36 -10.24 11.50
C GLY P 71 -38.41 -11.32 11.65
N SER P 72 -39.54 -11.06 11.01
CA SER P 72 -40.62 -12.04 10.94
C SER P 72 -40.17 -13.26 10.15
N GLU P 73 -40.85 -14.39 10.39
CA GLU P 73 -40.69 -15.53 9.53
C GLU P 73 -41.09 -15.19 8.10
N ASN P 74 -41.97 -14.21 7.93
CA ASN P 74 -42.25 -13.65 6.62
C ASN P 74 -40.99 -13.01 6.03
N LEU P 75 -40.31 -12.17 6.81
CA LEU P 75 -39.09 -11.54 6.34
C LEU P 75 -38.01 -12.58 6.09
N LYS P 76 -37.83 -13.52 7.02
CA LYS P 76 -36.87 -14.60 6.81
C LYS P 76 -37.24 -15.41 5.57
N SER P 77 -38.53 -15.54 5.27
CA SER P 77 -38.93 -16.21 4.04
C SER P 77 -38.55 -15.37 2.82
N LEU P 78 -38.85 -14.07 2.86
CA LEU P 78 -38.47 -13.18 1.77
C LEU P 78 -36.96 -13.11 1.63
N PHE P 79 -36.25 -12.97 2.76
CA PHE P 79 -34.79 -12.95 2.71
C PHE P 79 -34.24 -14.24 2.11
N ASN P 80 -34.82 -15.38 2.49
CA ASN P 80 -34.34 -16.66 1.95
C ASN P 80 -34.73 -16.81 0.49
N THR P 81 -35.93 -16.36 0.12
CA THR P 81 -36.35 -16.44 -1.27
C THR P 81 -35.42 -15.64 -2.18
N VAL P 82 -35.12 -14.40 -1.79
CA VAL P 82 -34.21 -13.58 -2.58
C VAL P 82 -32.81 -14.19 -2.59
N CYS P 83 -32.43 -14.88 -1.51
CA CYS P 83 -31.15 -15.58 -1.52
C CYS P 83 -31.12 -16.69 -2.55
N VAL P 84 -32.25 -17.40 -2.71
CA VAL P 84 -32.33 -18.45 -3.72
C VAL P 84 -32.35 -17.85 -5.12
N ILE P 85 -33.11 -16.77 -5.31
CA ILE P 85 -33.19 -16.14 -6.63
C ILE P 85 -31.84 -15.57 -7.03
N TRP P 86 -31.08 -15.03 -6.07
CA TRP P 86 -29.74 -14.55 -6.39
C TRP P 86 -28.84 -15.70 -6.85
N CYS P 87 -28.86 -16.81 -6.11
CA CYS P 87 -28.05 -17.97 -6.50
C CYS P 87 -28.44 -18.48 -7.88
N LEU P 88 -29.71 -18.36 -8.24
CA LEU P 88 -30.13 -18.73 -9.60
C LEU P 88 -29.63 -17.72 -10.62
N HIS P 89 -29.75 -16.43 -10.31
CA HIS P 89 -29.21 -15.39 -11.19
C HIS P 89 -27.71 -15.52 -11.31
N ALA P 90 -27.01 -15.67 -10.19
CA ALA P 90 -25.55 -15.75 -10.19
C ALA P 90 -25.01 -17.04 -10.78
N GLU P 91 -25.88 -17.96 -11.21
CA GLU P 91 -25.47 -19.25 -11.77
C GLU P 91 -24.55 -19.98 -10.79
N GLU P 92 -25.08 -20.23 -9.60
CA GLU P 92 -24.32 -20.89 -8.54
C GLU P 92 -25.22 -21.96 -7.93
N LYS P 93 -24.97 -23.21 -8.29
CA LYS P 93 -25.90 -24.30 -7.98
C LYS P 93 -26.01 -24.54 -6.48
N VAL P 94 -27.24 -24.50 -5.98
CA VAL P 94 -27.57 -24.88 -4.61
C VAL P 94 -28.70 -25.90 -4.67
N LYS P 95 -28.95 -26.56 -3.54
CA LYS P 95 -30.02 -27.53 -3.44
C LYS P 95 -31.09 -27.20 -2.41
N ASP P 96 -30.83 -26.29 -1.48
CA ASP P 96 -31.83 -25.90 -0.48
C ASP P 96 -31.69 -24.42 -0.18
N THR P 97 -32.58 -23.94 0.69
CA THR P 97 -32.52 -22.56 1.15
C THR P 97 -31.24 -22.30 1.93
N GLU P 98 -30.84 -23.24 2.78
CA GLU P 98 -29.66 -23.04 3.63
C GLU P 98 -28.38 -22.95 2.81
N GLU P 99 -28.31 -23.66 1.68
CA GLU P 99 -27.13 -23.55 0.82
C GLU P 99 -27.13 -22.24 0.04
N ALA P 100 -28.30 -21.73 -0.33
CA ALA P 100 -28.37 -20.42 -0.97
C ALA P 100 -28.04 -19.31 0.03
N LYS P 101 -28.54 -19.44 1.26
CA LYS P 101 -28.19 -18.49 2.32
C LYS P 101 -26.68 -18.44 2.53
N LYS P 102 -26.07 -19.61 2.70
CA LYS P 102 -24.63 -19.69 2.96
C LYS P 102 -23.80 -19.04 1.86
N LEU P 103 -24.36 -18.93 0.65
CA LEU P 103 -23.64 -18.42 -0.50
C LEU P 103 -24.11 -17.05 -0.94
N ALA P 104 -25.38 -16.69 -0.70
CA ALA P 104 -25.80 -15.32 -0.92
C ALA P 104 -25.22 -14.38 0.13
N GLN P 105 -25.07 -14.86 1.37
CA GLN P 105 -24.42 -14.09 2.41
C GLN P 105 -22.91 -14.06 2.24
N ARG P 106 -22.32 -15.06 1.58
CA ARG P 106 -20.90 -14.99 1.24
C ARG P 106 -20.64 -13.83 0.30
N HIS P 107 -21.57 -13.55 -0.62
CA HIS P 107 -21.48 -12.41 -1.52
C HIS P 107 -22.06 -11.14 -0.93
N LEU P 108 -22.47 -11.17 0.34
CA LEU P 108 -23.05 -10.00 1.01
C LEU P 108 -22.02 -9.13 1.69
N VAL P 109 -20.75 -9.52 1.69
CA VAL P 109 -19.70 -8.75 2.33
C VAL P 109 -19.23 -7.63 1.41
#